data_6KHX
#
_entry.id   6KHX
#
_cell.length_a   132.733
_cell.length_b   211.371
_cell.length_c   92.802
_cell.angle_alpha   90.000
_cell.angle_beta   90.000
_cell.angle_gamma   90.000
#
_symmetry.space_group_name_H-M   'P 21 21 2'
#
loop_
_entity.id
_entity.type
_entity.pdbx_description
1 polymer Peroxiredoxin
2 non-polymer 'CALCIUM ION'
3 water water
#
_entity_poly.entity_id   1
_entity_poly.type   'polypeptide(L)'
_entity_poly.pdbx_seq_one_letter_code
;MLLIGKPAPHFSANAVVNGTIVPDFSLDQFKGKKYVILFFYPKDFTFVCPTELIGFQEALGEFDKRDVAVVGCSTDSEFS
HWAWVNTPRDQGGIQGVSYPIVSDINKTISADYGVLAGDEEIDEDGNVEVNGELIAYRGLFLIDKDGIVRHQLINDFPLG
RSIDEAIRVVDALQHFELYGEVCPLGWHKGEAAMTPSHEGVASYLSKLEHHHHHH
;
_entity_poly.pdbx_strand_id   A,B,C,D,E,F,G,H,I,J
#
# COMPACT_ATOMS: atom_id res chain seq x y z
N MET A 1 -13.93 13.16 22.42
CA MET A 1 -14.77 12.05 21.94
C MET A 1 -16.04 11.95 22.77
N LEU A 2 -17.06 11.28 22.22
CA LEU A 2 -18.39 11.20 22.82
C LEU A 2 -18.53 9.91 23.62
N LEU A 3 -18.64 10.05 24.95
CA LEU A 3 -18.79 8.92 25.86
C LEU A 3 -20.21 8.76 26.40
N ILE A 4 -21.12 9.69 26.10
CA ILE A 4 -22.48 9.57 26.62
C ILE A 4 -23.13 8.28 26.13
N GLY A 5 -23.64 7.49 27.06
CA GLY A 5 -24.25 6.22 26.74
C GLY A 5 -23.28 5.08 26.59
N LYS A 6 -21.99 5.33 26.77
CA LYS A 6 -20.95 4.33 26.59
C LYS A 6 -20.24 4.09 27.92
N PRO A 7 -19.59 2.94 28.09
CA PRO A 7 -18.89 2.68 29.35
C PRO A 7 -17.73 3.65 29.56
N ALA A 8 -17.58 4.10 30.80
CA ALA A 8 -16.42 4.88 31.18
C ALA A 8 -15.16 4.03 30.99
N PRO A 9 -14.14 4.54 30.29
CA PRO A 9 -12.93 3.74 30.03
C PRO A 9 -12.29 3.21 31.30
N HIS A 10 -11.82 1.99 31.22
CA HIS A 10 -11.15 1.35 32.34
C HIS A 10 -9.75 1.92 32.53
N PHE A 11 -9.31 1.97 33.79
CA PHE A 11 -7.92 2.29 34.07
C PHE A 11 -7.52 1.63 35.38
N SER A 12 -6.21 1.64 35.65
CA SER A 12 -5.67 1.09 36.89
C SER A 12 -4.34 1.78 37.16
N ALA A 13 -4.32 2.68 38.13
CA ALA A 13 -3.17 3.54 38.33
C ALA A 13 -2.92 3.74 39.82
N ASN A 14 -1.75 4.29 40.13
CA ASN A 14 -1.49 4.72 41.50
C ASN A 14 -2.39 5.91 41.84
N ALA A 15 -2.76 5.99 43.12
CA ALA A 15 -3.59 7.09 43.58
C ALA A 15 -3.21 7.41 45.02
N VAL A 16 -3.66 8.57 45.49
CA VAL A 16 -3.60 8.90 46.91
C VAL A 16 -5.02 8.83 47.44
N VAL A 17 -5.24 7.87 48.33
CA VAL A 17 -6.52 7.67 48.99
C VAL A 17 -6.32 7.90 50.48
N ASN A 18 -7.14 8.78 51.05
CA ASN A 18 -7.03 9.16 52.46
C ASN A 18 -5.60 9.55 52.80
N GLY A 19 -4.97 10.30 51.89
CA GLY A 19 -3.63 10.80 52.09
C GLY A 19 -2.51 9.79 51.94
N THR A 20 -2.80 8.54 51.56
CA THR A 20 -1.79 7.49 51.45
C THR A 20 -1.71 7.00 50.01
N ILE A 21 -0.48 6.77 49.54
CA ILE A 21 -0.28 6.24 48.20
C ILE A 21 -0.68 4.77 48.16
N VAL A 22 -1.57 4.43 47.23
CA VAL A 22 -2.03 3.06 47.02
C VAL A 22 -1.91 2.73 45.54
N PRO A 23 -1.61 1.49 45.18
CA PRO A 23 -1.52 1.11 43.78
C PRO A 23 -2.83 0.52 43.27
N ASP A 24 -2.90 0.36 41.94
CA ASP A 24 -3.95 -0.42 41.29
C ASP A 24 -5.35 0.13 41.61
N PHE A 25 -5.47 1.46 41.66
CA PHE A 25 -6.78 2.07 41.83
C PHE A 25 -7.55 2.01 40.51
N SER A 26 -8.81 1.61 40.60
CA SER A 26 -9.66 1.49 39.42
C SER A 26 -11.07 1.86 39.80
N LEU A 27 -11.87 2.24 38.81
CA LEU A 27 -13.29 2.48 39.04
C LEU A 27 -14.11 1.19 38.97
N ASP A 28 -13.48 0.06 38.66
CA ASP A 28 -14.18 -1.22 38.67
C ASP A 28 -14.85 -1.49 40.00
N GLN A 29 -14.16 -1.16 41.10
CA GLN A 29 -14.68 -1.45 42.43
C GLN A 29 -16.08 -0.89 42.64
N PHE A 30 -16.44 0.18 41.91
CA PHE A 30 -17.71 0.84 42.11
C PHE A 30 -18.84 0.27 41.26
N LYS A 31 -18.52 -0.58 40.28
CA LYS A 31 -19.55 -1.13 39.40
C LYS A 31 -20.58 -1.94 40.20
N GLY A 32 -21.85 -1.63 40.01
CA GLY A 32 -22.90 -2.28 40.75
C GLY A 32 -23.08 -1.79 42.17
N LYS A 33 -22.24 -0.86 42.63
CA LYS A 33 -22.29 -0.41 44.01
C LYS A 33 -22.49 1.10 44.15
N LYS A 34 -21.71 1.91 43.43
CA LYS A 34 -21.78 3.35 43.59
C LYS A 34 -21.74 4.05 42.24
N TYR A 35 -22.40 5.20 42.18
CA TYR A 35 -22.14 6.15 41.11
C TYR A 35 -20.75 6.74 41.29
N VAL A 36 -20.21 7.32 40.21
CA VAL A 36 -18.89 7.94 40.27
C VAL A 36 -18.98 9.34 39.66
N ILE A 37 -18.47 10.33 40.39
CA ILE A 37 -18.15 11.64 39.84
C ILE A 37 -16.63 11.66 39.67
N LEU A 38 -16.18 11.60 38.42
CA LEU A 38 -14.76 11.58 38.10
C LEU A 38 -14.38 12.92 37.49
N PHE A 39 -13.46 13.64 38.13
CA PHE A 39 -13.07 14.94 37.59
C PHE A 39 -11.56 15.06 37.44
N PHE A 40 -11.16 15.60 36.30
CA PHE A 40 -9.78 15.88 35.95
C PHE A 40 -9.53 17.37 36.14
N TYR A 41 -8.33 17.70 36.62
CA TYR A 41 -7.77 19.03 36.75
C TYR A 41 -6.35 19.02 36.18
N PRO A 42 -5.82 20.21 35.77
CA PRO A 42 -4.54 20.23 35.04
C PRO A 42 -3.26 20.01 35.84
N LYS A 43 -3.04 20.74 36.94
CA LYS A 43 -1.72 20.71 37.58
C LYS A 43 -1.82 20.80 39.09
N ASP A 44 -1.08 19.93 39.77
CA ASP A 44 -0.89 20.09 41.22
C ASP A 44 -0.18 21.41 41.52
N PHE A 45 -0.47 21.96 42.70
CA PHE A 45 0.17 23.17 43.21
C PHE A 45 -0.17 24.41 42.38
N THR A 46 -1.36 24.46 41.79
CA THR A 46 -1.74 25.66 41.06
C THR A 46 -2.87 26.40 41.77
N PHE A 47 -3.85 26.91 41.00
CA PHE A 47 -4.72 27.97 41.48
C PHE A 47 -6.18 27.55 41.59
N VAL A 48 -6.88 27.30 40.48
CA VAL A 48 -8.27 26.85 40.59
C VAL A 48 -8.34 25.42 41.12
N CYS A 49 -7.38 24.58 40.74
CA CYS A 49 -7.42 23.17 41.12
C CYS A 49 -7.52 22.94 42.62
N PRO A 50 -6.74 23.61 43.48
CA PRO A 50 -6.90 23.37 44.92
C PRO A 50 -8.28 23.75 45.41
N THR A 51 -8.88 24.82 44.87
CA THR A 51 -10.23 25.18 45.29
C THR A 51 -11.24 24.13 44.88
N GLU A 52 -11.11 23.58 43.67
CA GLU A 52 -12.04 22.54 43.26
C GLU A 52 -11.89 21.28 44.12
N LEU A 53 -10.65 20.88 44.39
CA LEU A 53 -10.42 19.68 45.21
C LEU A 53 -10.93 19.88 46.64
N ILE A 54 -10.62 21.03 47.25
CA ILE A 54 -11.08 21.30 48.61
C ILE A 54 -12.60 21.38 48.66
N GLY A 55 -13.22 22.05 47.68
CA GLY A 55 -14.66 22.14 47.68
C GLY A 55 -15.32 20.78 47.57
N PHE A 56 -14.74 19.89 46.76
CA PHE A 56 -15.25 18.53 46.71
C PHE A 56 -15.10 17.84 48.06
N GLN A 57 -14.00 18.10 48.76
CA GLN A 57 -13.86 17.54 50.10
C GLN A 57 -14.96 18.03 51.04
N GLU A 58 -15.26 19.33 51.00
CA GLU A 58 -16.26 19.88 51.90
C GLU A 58 -17.66 19.38 51.58
N ALA A 59 -17.94 19.10 50.30
CA ALA A 59 -19.24 18.61 49.87
C ALA A 59 -19.31 17.09 49.84
N LEU A 60 -18.31 16.41 50.42
CA LEU A 60 -18.23 14.96 50.26
C LEU A 60 -19.45 14.25 50.83
N GLY A 61 -20.01 14.76 51.93
CA GLY A 61 -21.16 14.10 52.53
C GLY A 61 -22.39 14.12 51.62
N GLU A 62 -22.59 15.21 50.89
CA GLU A 62 -23.70 15.29 49.95
C GLU A 62 -23.60 14.22 48.88
N PHE A 63 -22.38 13.84 48.49
CA PHE A 63 -22.22 12.77 47.52
C PHE A 63 -22.36 11.40 48.18
N ASP A 64 -21.85 11.25 49.40
CA ASP A 64 -21.98 9.99 50.13
C ASP A 64 -23.44 9.62 50.33
N LYS A 65 -24.28 10.59 50.76
CA LYS A 65 -25.69 10.28 50.94
C LYS A 65 -26.34 9.82 49.65
N ARG A 66 -25.80 10.22 48.50
CA ARG A 66 -26.35 9.86 47.20
C ARG A 66 -25.66 8.65 46.60
N ASP A 67 -24.83 7.96 47.38
CA ASP A 67 -24.13 6.76 46.95
C ASP A 67 -23.20 7.07 45.76
N VAL A 68 -22.57 8.24 45.82
CA VAL A 68 -21.69 8.72 44.76
C VAL A 68 -20.28 8.81 45.31
N ALA A 69 -19.35 8.12 44.65
CA ALA A 69 -17.94 8.20 44.97
C ALA A 69 -17.31 9.32 44.14
N VAL A 70 -16.53 10.17 44.80
CA VAL A 70 -15.84 11.27 44.16
C VAL A 70 -14.39 10.86 43.91
N VAL A 71 -13.92 11.00 42.68
CA VAL A 71 -12.56 10.67 42.30
C VAL A 71 -11.97 11.84 41.50
N GLY A 72 -10.81 12.33 41.94
CA GLY A 72 -10.08 13.33 41.20
C GLY A 72 -8.93 12.70 40.43
N CYS A 73 -8.44 13.43 39.42
CA CYS A 73 -7.36 12.92 38.58
C CYS A 73 -6.60 14.04 37.89
N SER A 74 -5.27 13.91 37.85
CA SER A 74 -4.41 14.74 36.99
C SER A 74 -3.25 13.88 36.51
N THR A 75 -2.46 14.41 35.59
CA THR A 75 -1.32 13.67 35.06
C THR A 75 -0.07 13.83 35.90
N ASP A 76 -0.18 14.43 37.08
CA ASP A 76 0.95 14.47 38.01
C ASP A 76 1.16 13.11 38.65
N SER A 77 2.36 12.90 39.18
CA SER A 77 2.66 11.64 39.84
C SER A 77 1.90 11.52 41.16
N GLU A 78 1.83 10.29 41.67
CA GLU A 78 1.20 10.07 42.96
C GLU A 78 1.98 10.74 44.10
N PHE A 79 3.30 10.90 43.94
CA PHE A 79 4.07 11.58 44.98
C PHE A 79 3.82 13.08 44.99
N SER A 80 3.57 13.70 43.83
CA SER A 80 3.14 15.09 43.85
C SER A 80 1.79 15.24 44.54
N HIS A 81 0.85 14.33 44.27
CA HIS A 81 -0.42 14.33 44.98
C HIS A 81 -0.21 14.23 46.48
N TRP A 82 0.65 13.29 46.90
CA TRP A 82 0.90 13.08 48.32
C TRP A 82 1.52 14.31 48.96
N ALA A 83 2.52 14.91 48.31
CA ALA A 83 3.09 16.15 48.82
C ALA A 83 2.04 17.25 48.91
N TRP A 84 1.09 17.25 47.97
CA TRP A 84 0.10 18.33 47.96
C TRP A 84 -0.91 18.18 49.09
N VAL A 85 -1.34 16.95 49.38
CA VAL A 85 -2.27 16.76 50.51
C VAL A 85 -1.58 16.94 51.85
N ASN A 86 -0.24 16.99 51.88
CA ASN A 86 0.51 17.29 53.08
C ASN A 86 1.00 18.73 53.12
N THR A 87 0.42 19.59 52.30
CA THR A 87 0.69 21.02 52.31
C THR A 87 -0.52 21.74 52.86
N PRO A 88 -0.36 22.61 53.86
CA PRO A 88 -1.53 23.27 54.45
C PRO A 88 -2.24 24.18 53.46
N ARG A 89 -3.55 24.29 53.63
CA ARG A 89 -4.38 25.04 52.69
C ARG A 89 -3.96 26.50 52.61
N ASP A 90 -3.53 27.09 53.73
CA ASP A 90 -3.14 28.50 53.70
C ASP A 90 -1.86 28.74 52.91
N GLN A 91 -1.18 27.68 52.46
CA GLN A 91 -0.03 27.80 51.59
C GLN A 91 -0.30 27.27 50.18
N GLY A 92 -1.56 27.11 49.82
CA GLY A 92 -1.91 26.57 48.52
C GLY A 92 -2.08 25.06 48.47
N GLY A 93 -2.04 24.38 49.63
CA GLY A 93 -2.15 22.95 49.66
C GLY A 93 -3.58 22.46 49.69
N ILE A 94 -3.72 21.14 49.64
CA ILE A 94 -5.02 20.49 49.65
C ILE A 94 -5.10 19.50 50.81
N GLN A 95 -4.55 19.91 51.96
CA GLN A 95 -4.60 19.10 53.16
C GLN A 95 -6.05 18.78 53.53
N GLY A 96 -6.29 17.53 53.93
CA GLY A 96 -7.60 17.10 54.32
C GLY A 96 -8.44 16.50 53.21
N VAL A 97 -7.97 16.55 51.96
CA VAL A 97 -8.67 15.88 50.88
C VAL A 97 -8.43 14.38 51.02
N SER A 98 -9.51 13.62 51.22
CA SER A 98 -9.40 12.22 51.60
C SER A 98 -9.89 11.25 50.54
N TYR A 99 -10.70 11.70 49.59
CA TYR A 99 -11.15 10.82 48.51
C TYR A 99 -9.98 10.53 47.56
N PRO A 100 -10.11 9.52 46.69
CA PRO A 100 -8.97 9.15 45.84
C PRO A 100 -8.62 10.22 44.83
N ILE A 101 -7.32 10.51 44.72
CA ILE A 101 -6.77 11.41 43.70
C ILE A 101 -5.85 10.55 42.84
N VAL A 102 -6.29 10.25 41.62
CA VAL A 102 -5.57 9.32 40.74
C VAL A 102 -4.40 10.02 40.08
N SER A 103 -3.29 9.30 39.91
CA SER A 103 -2.12 9.77 39.17
C SER A 103 -2.17 9.19 37.76
N ASP A 104 -2.50 10.03 36.78
CA ASP A 104 -2.49 9.63 35.37
C ASP A 104 -1.10 9.90 34.76
N ILE A 105 -0.11 9.22 35.33
CA ILE A 105 1.28 9.56 35.06
C ILE A 105 1.66 9.29 33.61
N ASN A 106 0.97 8.36 32.94
CA ASN A 106 1.22 8.05 31.53
C ASN A 106 0.31 8.83 30.59
N LYS A 107 -0.61 9.64 31.12
CA LYS A 107 -1.55 10.46 30.37
C LYS A 107 -2.58 9.64 29.58
N THR A 108 -2.60 8.31 29.78
CA THR A 108 -3.51 7.46 29.03
C THR A 108 -4.95 7.63 29.48
N ILE A 109 -5.18 7.89 30.76
CA ILE A 109 -6.54 8.07 31.26
C ILE A 109 -7.15 9.35 30.67
N SER A 110 -6.39 10.45 30.72
CA SER A 110 -6.87 11.71 30.19
C SER A 110 -7.15 11.59 28.69
N ALA A 111 -6.29 10.86 27.98
CA ALA A 111 -6.52 10.62 26.56
C ALA A 111 -7.80 9.81 26.35
N ASP A 112 -7.96 8.72 27.11
CA ASP A 112 -9.13 7.87 26.94
C ASP A 112 -10.42 8.61 27.23
N TYR A 113 -10.39 9.59 28.14
CA TYR A 113 -11.59 10.36 28.44
C TYR A 113 -11.72 11.62 27.59
N GLY A 114 -10.78 11.88 26.71
CA GLY A 114 -10.92 13.01 25.80
C GLY A 114 -10.79 14.38 26.44
N VAL A 115 -10.01 14.50 27.51
CA VAL A 115 -9.80 15.76 28.19
C VAL A 115 -8.36 16.24 28.11
N LEU A 116 -7.48 15.52 27.41
CA LEU A 116 -6.07 15.88 27.36
C LEU A 116 -5.87 17.05 26.39
N ALA A 117 -5.28 18.14 26.89
CA ALA A 117 -4.94 19.29 26.07
C ALA A 117 -3.69 19.01 25.24
N GLY A 118 -3.31 19.95 24.39
CA GLY A 118 -2.11 19.81 23.57
C GLY A 118 -2.36 19.11 22.26
N ASP A 119 -1.35 19.16 21.39
CA ASP A 119 -1.41 18.55 20.06
C ASP A 119 -0.14 17.75 19.81
N GLU A 120 -0.31 16.51 19.34
CA GLU A 120 0.80 15.60 19.06
C GLU A 120 1.00 15.44 17.56
N GLU A 121 2.25 15.47 17.13
CA GLU A 121 2.60 15.28 15.73
C GLU A 121 3.92 14.55 15.63
N ILE A 122 4.05 13.71 14.60
CA ILE A 122 5.26 12.95 14.35
C ILE A 122 6.04 13.65 13.23
N ASP A 123 7.30 13.98 13.52
CA ASP A 123 8.15 14.60 12.51
C ASP A 123 8.74 13.53 11.60
N GLU A 124 9.39 13.96 10.52
CA GLU A 124 9.90 13.04 9.52
C GLU A 124 11.17 12.31 9.95
N ASP A 125 11.63 12.52 11.18
CA ASP A 125 12.72 11.75 11.75
C ASP A 125 12.23 10.67 12.72
N GLY A 126 10.92 10.44 12.77
CA GLY A 126 10.32 9.46 13.64
C GLY A 126 9.82 10.02 14.96
N ASN A 127 10.48 11.04 15.50
CA ASN A 127 10.12 11.53 16.83
C ASN A 127 8.76 12.23 16.82
N VAL A 128 8.18 12.35 17.99
CA VAL A 128 6.88 12.99 18.17
C VAL A 128 7.09 14.37 18.79
N GLU A 129 6.65 15.41 18.10
CA GLU A 129 6.72 16.76 18.64
C GLU A 129 5.32 17.20 19.09
N VAL A 130 5.28 18.01 20.14
CA VAL A 130 4.04 18.37 20.82
C VAL A 130 3.93 19.89 20.92
N ASN A 131 2.81 20.42 20.46
CA ASN A 131 2.49 21.82 20.65
C ASN A 131 1.62 21.95 21.90
N GLY A 132 2.02 22.82 22.81
CA GLY A 132 1.32 23.01 24.06
C GLY A 132 1.69 21.97 25.11
N GLU A 133 0.90 21.94 26.18
CA GLU A 133 1.12 21.04 27.30
C GLU A 133 0.07 19.94 27.29
N LEU A 134 0.55 18.69 27.42
CA LEU A 134 -0.33 17.52 27.52
C LEU A 134 -0.76 17.37 28.98
N ILE A 135 -1.71 18.22 29.38
CA ILE A 135 -2.31 18.16 30.70
C ILE A 135 -3.82 18.15 30.51
N ALA A 136 -4.53 17.74 31.57
CA ALA A 136 -5.96 17.55 31.49
C ALA A 136 -6.72 18.86 31.66
N TYR A 137 -7.74 19.05 30.84
CA TYR A 137 -8.66 20.15 31.08
C TYR A 137 -9.55 19.82 32.27
N ARG A 138 -10.34 20.81 32.69
CA ARG A 138 -11.24 20.63 33.84
C ARG A 138 -12.45 19.81 33.38
N GLY A 139 -12.26 18.50 33.39
CA GLY A 139 -13.26 17.58 32.86
C GLY A 139 -14.02 16.90 33.99
N LEU A 140 -15.30 16.67 33.78
CA LEU A 140 -16.10 16.03 34.81
C LEU A 140 -17.07 15.05 34.16
N PHE A 141 -17.17 13.85 34.75
CA PHE A 141 -18.01 12.79 34.21
C PHE A 141 -18.84 12.19 35.33
N LEU A 142 -20.12 11.98 35.04
CA LEU A 142 -21.03 11.22 35.89
C LEU A 142 -21.18 9.80 35.31
N ILE A 143 -20.81 8.80 36.10
CA ILE A 143 -20.82 7.41 35.70
C ILE A 143 -21.82 6.69 36.59
N ASP A 144 -22.78 5.98 35.99
CA ASP A 144 -23.82 5.33 36.76
C ASP A 144 -23.29 4.02 37.34
N LYS A 145 -24.15 3.31 38.08
CA LYS A 145 -23.69 2.09 38.75
C LYS A 145 -23.38 0.97 37.76
N ASP A 146 -23.84 1.07 36.52
CA ASP A 146 -23.45 0.12 35.47
C ASP A 146 -22.15 0.50 34.80
N GLY A 147 -21.54 1.62 35.16
CA GLY A 147 -20.33 2.09 34.51
C GLY A 147 -20.55 2.89 33.24
N ILE A 148 -21.77 3.38 33.00
CA ILE A 148 -22.12 4.11 31.79
C ILE A 148 -22.06 5.61 32.06
N VAL A 149 -21.48 6.36 31.13
CA VAL A 149 -21.36 7.81 31.26
C VAL A 149 -22.70 8.45 30.89
N ARG A 150 -23.25 9.26 31.80
CA ARG A 150 -24.53 9.91 31.60
C ARG A 150 -24.43 11.43 31.49
N HIS A 151 -23.30 12.01 31.88
CA HIS A 151 -23.12 13.45 31.85
C HIS A 151 -21.63 13.73 31.80
N GLN A 152 -21.25 14.70 30.97
CA GLN A 152 -19.86 15.10 30.92
C GLN A 152 -19.80 16.59 30.67
N LEU A 153 -18.70 17.18 31.15
CA LEU A 153 -18.51 18.62 31.15
C LEU A 153 -17.01 18.87 31.12
N ILE A 154 -16.59 19.83 30.29
CA ILE A 154 -15.19 20.22 30.21
C ILE A 154 -15.12 21.75 30.21
N ASN A 155 -14.28 22.30 31.09
CA ASN A 155 -14.06 23.73 31.20
C ASN A 155 -12.61 24.07 30.84
N ASP A 156 -12.43 25.24 30.24
CA ASP A 156 -11.09 25.78 30.05
C ASP A 156 -10.40 25.99 31.39
N PHE A 157 -9.08 26.10 31.34
CA PHE A 157 -8.24 26.18 32.55
C PHE A 157 -8.71 27.19 33.60
N PRO A 158 -9.06 28.44 33.25
CA PRO A 158 -9.39 29.41 34.30
C PRO A 158 -10.81 29.34 34.85
N LEU A 159 -11.64 28.40 34.41
CA LEU A 159 -13.05 28.37 34.77
C LEU A 159 -13.34 27.20 35.72
N GLY A 160 -13.39 27.49 37.01
CA GLY A 160 -13.70 26.46 37.99
C GLY A 160 -15.11 25.93 37.84
N ARG A 161 -15.30 24.70 38.34
CA ARG A 161 -16.57 24.00 38.18
C ARG A 161 -17.51 24.34 39.33
N SER A 162 -18.67 23.68 39.37
CA SER A 162 -19.71 23.98 40.35
C SER A 162 -20.18 22.67 40.97
N ILE A 163 -20.09 22.57 42.30
CA ILE A 163 -20.57 21.39 43.00
C ILE A 163 -22.08 21.27 42.87
N ASP A 164 -22.78 22.40 42.89
CA ASP A 164 -24.24 22.36 42.82
C ASP A 164 -24.72 21.71 41.53
N GLU A 165 -24.08 22.03 40.41
CA GLU A 165 -24.50 21.43 39.14
C GLU A 165 -24.24 19.93 39.13
N ALA A 166 -23.13 19.49 39.73
CA ALA A 166 -22.88 18.05 39.81
C ALA A 166 -23.96 17.35 40.63
N ILE A 167 -24.29 17.91 41.79
CA ILE A 167 -25.34 17.31 42.63
C ILE A 167 -26.67 17.30 41.89
N ARG A 168 -26.99 18.39 41.18
CA ARG A 168 -28.26 18.45 40.46
C ARG A 168 -28.35 17.38 39.39
N VAL A 169 -27.25 17.16 38.64
CA VAL A 169 -27.26 16.13 37.62
C VAL A 169 -27.36 14.74 38.24
N VAL A 170 -26.70 14.53 39.38
CA VAL A 170 -26.83 13.24 40.08
C VAL A 170 -28.28 13.00 40.47
N ASP A 171 -28.94 14.01 41.06
CA ASP A 171 -30.32 13.86 41.47
C ASP A 171 -31.22 13.61 40.27
N ALA A 172 -30.95 14.28 39.15
CA ALA A 172 -31.78 14.07 37.96
C ALA A 172 -31.64 12.65 37.44
N LEU A 173 -30.40 12.14 37.38
CA LEU A 173 -30.19 10.78 36.93
C LEU A 173 -30.90 9.79 37.85
N GLN A 174 -30.77 9.97 39.16
CA GLN A 174 -31.40 9.03 40.08
C GLN A 174 -32.92 9.11 40.01
N HIS A 175 -33.47 10.32 39.82
CA HIS A 175 -34.92 10.47 39.68
C HIS A 175 -35.42 9.76 38.44
N PHE A 176 -34.72 9.91 37.31
CA PHE A 176 -35.13 9.21 36.10
C PHE A 176 -35.01 7.71 36.27
N GLU A 177 -33.95 7.26 36.96
CA GLU A 177 -33.79 5.82 37.18
C GLU A 177 -34.93 5.27 38.03
N LEU A 178 -35.37 6.05 39.02
CA LEU A 178 -36.42 5.56 39.92
C LEU A 178 -37.79 5.60 39.26
N TYR A 179 -38.19 6.77 38.73
CA TYR A 179 -39.58 6.98 38.34
C TYR A 179 -39.84 6.97 36.84
N GLY A 180 -38.79 6.87 36.01
CA GLY A 180 -38.99 6.88 34.58
C GLY A 180 -39.47 8.20 34.01
N GLU A 181 -39.55 9.25 34.81
CA GLU A 181 -39.88 10.57 34.31
C GLU A 181 -38.62 11.28 33.87
N VAL A 182 -38.70 11.96 32.73
CA VAL A 182 -37.59 12.75 32.25
C VAL A 182 -37.59 14.09 32.97
N CYS A 183 -36.40 14.66 33.17
CA CYS A 183 -36.24 15.87 33.96
C CYS A 183 -36.16 17.07 33.03
N PRO A 184 -37.05 18.04 33.14
CA PRO A 184 -37.04 19.20 32.23
C PRO A 184 -35.93 20.19 32.60
N LEU A 185 -35.88 21.28 31.85
CA LEU A 185 -34.86 22.30 32.05
C LEU A 185 -34.94 22.87 33.47
N GLY A 186 -33.77 22.99 34.11
CA GLY A 186 -33.72 23.61 35.43
C GLY A 186 -34.34 22.79 36.53
N TRP A 187 -34.60 21.50 36.29
CA TRP A 187 -35.24 20.66 37.29
C TRP A 187 -34.33 20.47 38.51
N HIS A 188 -34.94 20.49 39.70
CA HIS A 188 -34.28 20.15 40.95
C HIS A 188 -35.14 19.13 41.69
N LYS A 189 -34.52 18.41 42.62
CA LYS A 189 -35.26 17.45 43.42
C LYS A 189 -36.37 18.16 44.19
N GLY A 190 -37.58 17.59 44.12
CA GLY A 190 -38.75 18.16 44.73
C GLY A 190 -39.66 18.91 43.77
N GLU A 191 -39.16 19.26 42.59
CA GLU A 191 -39.97 19.93 41.59
C GLU A 191 -40.65 18.93 40.67
N ALA A 192 -41.58 19.43 39.86
CA ALA A 192 -42.37 18.59 38.98
C ALA A 192 -41.52 18.11 37.80
N ALA A 193 -41.46 16.80 37.60
CA ALA A 193 -40.81 16.25 36.42
C ALA A 193 -41.82 16.11 35.28
N MET A 194 -41.61 15.15 34.39
CA MET A 194 -42.45 15.05 33.21
C MET A 194 -42.53 13.60 32.74
N THR A 195 -43.71 13.19 32.34
CA THR A 195 -43.86 11.89 31.70
C THR A 195 -43.47 12.01 30.24
N PRO A 196 -42.54 11.17 29.75
CA PRO A 196 -42.10 11.27 28.35
C PRO A 196 -43.14 10.76 27.36
N SER A 197 -44.16 11.57 27.10
CA SER A 197 -45.21 11.22 26.15
C SER A 197 -45.80 12.51 25.59
N HIS A 198 -46.59 12.37 24.52
CA HIS A 198 -47.30 13.51 23.97
C HIS A 198 -48.13 14.20 25.03
N GLU A 199 -48.98 13.43 25.72
CA GLU A 199 -49.79 13.99 26.79
C GLU A 199 -48.91 14.51 27.93
N GLY A 200 -47.81 13.82 28.23
CA GLY A 200 -46.95 14.25 29.31
C GLY A 200 -46.35 15.62 29.09
N VAL A 201 -45.82 15.86 27.88
CA VAL A 201 -45.21 17.16 27.60
C VAL A 201 -46.28 18.24 27.48
N ALA A 202 -47.43 17.92 26.86
CA ALA A 202 -48.50 18.92 26.79
C ALA A 202 -48.98 19.32 28.18
N SER A 203 -49.13 18.34 29.07
CA SER A 203 -49.58 18.61 30.43
C SER A 203 -48.55 19.40 31.23
N TYR A 204 -47.27 19.01 31.14
CA TYR A 204 -46.23 19.74 31.87
C TYR A 204 -46.17 21.20 31.43
N LEU A 205 -46.17 21.44 30.11
CA LEU A 205 -46.04 22.80 29.61
C LEU A 205 -47.28 23.63 29.90
N SER A 206 -48.45 22.99 29.98
CA SER A 206 -49.69 23.71 30.31
C SER A 206 -49.65 24.25 31.72
N LYS A 207 -49.13 23.45 32.67
CA LYS A 207 -49.06 23.88 34.06
C LYS A 207 -48.10 25.04 34.26
N LEU A 208 -47.04 25.11 33.44
CA LEU A 208 -46.08 26.21 33.55
C LEU A 208 -46.66 27.57 33.15
N GLU A 209 -47.80 27.59 32.45
CA GLU A 209 -48.39 28.87 32.05
C GLU A 209 -49.00 29.62 33.23
N HIS A 210 -49.12 28.97 34.39
CA HIS A 210 -49.53 29.63 35.63
C HIS A 210 -48.73 29.09 36.81
N MET B 1 -15.62 14.92 20.63
CA MET B 1 -14.42 15.64 20.21
C MET B 1 -14.07 16.70 21.28
N LEU B 2 -12.78 17.05 21.39
CA LEU B 2 -12.30 18.03 22.36
C LEU B 2 -12.15 19.37 21.65
N LEU B 3 -13.04 20.32 21.98
CA LEU B 3 -13.04 21.60 21.32
C LEU B 3 -12.49 22.74 22.18
N ILE B 4 -12.22 22.50 23.46
CA ILE B 4 -11.76 23.57 24.35
C ILE B 4 -10.44 24.14 23.83
N GLY B 5 -10.39 25.46 23.68
CA GLY B 5 -9.21 26.12 23.16
C GLY B 5 -9.12 26.14 21.65
N LYS B 6 -10.09 25.56 20.96
CA LYS B 6 -10.12 25.46 19.51
C LYS B 6 -11.31 26.21 18.96
N PRO B 7 -11.26 26.64 17.70
CA PRO B 7 -12.41 27.34 17.11
C PRO B 7 -13.64 26.45 17.03
N ALA B 8 -14.79 27.03 17.35
CA ALA B 8 -16.04 26.33 17.15
C ALA B 8 -16.20 26.04 15.67
N PRO B 9 -16.42 24.79 15.27
CA PRO B 9 -16.48 24.48 13.84
C PRO B 9 -17.51 25.33 13.11
N HIS B 10 -17.11 25.78 11.92
CA HIS B 10 -17.96 26.63 11.11
C HIS B 10 -19.12 25.83 10.54
N PHE B 11 -20.26 26.51 10.39
CA PHE B 11 -21.37 25.90 9.66
C PHE B 11 -22.17 27.01 9.01
N SER B 12 -23.08 26.61 8.14
CA SER B 12 -23.98 27.55 7.47
C SER B 12 -25.19 26.74 7.05
N ALA B 13 -26.32 26.98 7.70
CA ALA B 13 -27.48 26.14 7.53
C ALA B 13 -28.75 27.00 7.57
N ASN B 14 -29.85 26.38 7.20
CA ASN B 14 -31.15 27.00 7.39
C ASN B 14 -31.46 27.07 8.88
N ALA B 15 -32.19 28.12 9.27
CA ALA B 15 -32.56 28.28 10.67
C ALA B 15 -33.92 28.95 10.74
N VAL B 16 -34.52 28.91 11.92
CA VAL B 16 -35.69 29.70 12.25
C VAL B 16 -35.24 30.79 13.21
N VAL B 17 -35.31 32.02 12.74
CA VAL B 17 -35.00 33.20 13.54
C VAL B 17 -36.27 34.03 13.63
N ASN B 18 -36.67 34.34 14.86
CA ASN B 18 -37.91 35.07 15.12
C ASN B 18 -39.09 34.43 14.39
N GLY B 19 -39.14 33.09 14.42
CA GLY B 19 -40.25 32.39 13.80
C GLY B 19 -40.23 32.34 12.30
N THR B 20 -39.17 32.83 11.65
CA THR B 20 -39.08 32.89 10.21
C THR B 20 -37.93 32.03 9.71
N ILE B 21 -38.17 31.26 8.64
CA ILE B 21 -37.12 30.46 8.04
C ILE B 21 -36.17 31.36 7.26
N VAL B 22 -34.89 31.27 7.57
CA VAL B 22 -33.86 32.07 6.90
C VAL B 22 -32.71 31.16 6.50
N PRO B 23 -32.04 31.43 5.38
CA PRO B 23 -30.94 30.58 4.96
C PRO B 23 -29.59 31.10 5.41
N ASP B 24 -28.56 30.25 5.30
CA ASP B 24 -27.17 30.66 5.48
C ASP B 24 -26.92 31.25 6.87
N PHE B 25 -27.54 30.65 7.89
CA PHE B 25 -27.24 31.04 9.26
C PHE B 25 -25.91 30.45 9.68
N SER B 26 -25.05 31.29 10.26
CA SER B 26 -23.72 30.87 10.68
C SER B 26 -23.35 31.66 11.92
N LEU B 27 -22.44 31.11 12.71
CA LEU B 27 -21.95 31.85 13.87
C LEU B 27 -20.89 32.87 13.50
N ASP B 28 -20.51 32.97 12.23
CA ASP B 28 -19.58 34.00 11.78
C ASP B 28 -20.05 35.39 12.20
N GLN B 29 -21.37 35.64 12.08
CA GLN B 29 -21.93 36.96 12.36
C GLN B 29 -21.59 37.44 13.77
N PHE B 30 -21.35 36.52 14.71
CA PHE B 30 -21.10 36.91 16.09
C PHE B 30 -19.62 37.14 16.39
N LYS B 31 -18.73 36.71 15.51
CA LYS B 31 -17.30 36.86 15.78
C LYS B 31 -16.94 38.32 15.97
N GLY B 32 -16.25 38.60 17.07
CA GLY B 32 -15.90 39.96 17.41
C GLY B 32 -17.02 40.78 18.00
N LYS B 33 -18.24 40.24 18.10
CA LYS B 33 -19.39 41.00 18.56
C LYS B 33 -20.07 40.38 19.77
N LYS B 34 -20.35 39.07 19.75
CA LYS B 34 -21.07 38.44 20.84
C LYS B 34 -20.46 37.09 21.18
N TYR B 35 -20.57 36.71 22.46
CA TYR B 35 -20.40 35.31 22.83
C TYR B 35 -21.56 34.49 22.28
N VAL B 36 -21.39 33.18 22.23
CA VAL B 36 -22.45 32.30 21.77
C VAL B 36 -22.63 31.17 22.77
N ILE B 37 -23.86 30.94 23.19
CA ILE B 37 -24.24 29.69 23.85
C ILE B 37 -24.98 28.86 22.80
N LEU B 38 -24.32 27.78 22.36
CA LEU B 38 -24.86 26.91 21.31
C LEU B 38 -25.29 25.60 21.96
N PHE B 39 -26.56 25.24 21.85
CA PHE B 39 -27.02 23.99 22.46
C PHE B 39 -27.78 23.13 21.46
N PHE B 40 -27.48 21.83 21.50
CA PHE B 40 -28.09 20.80 20.68
C PHE B 40 -29.08 19.99 21.53
N TYR B 41 -30.20 19.64 20.91
CA TYR B 41 -31.22 18.75 21.44
C TYR B 41 -31.59 17.73 20.38
N PRO B 42 -32.14 16.57 20.78
CA PRO B 42 -32.32 15.47 19.80
C PRO B 42 -33.45 15.61 18.79
N LYS B 43 -34.67 15.93 19.22
CA LYS B 43 -35.81 15.82 18.33
C LYS B 43 -36.83 16.92 18.61
N ASP B 44 -37.31 17.57 17.53
CA ASP B 44 -38.48 18.43 17.64
C ASP B 44 -39.70 17.61 18.03
N PHE B 45 -40.65 18.26 18.70
CA PHE B 45 -41.93 17.67 19.12
C PHE B 45 -41.74 16.55 20.14
N THR B 46 -40.72 16.65 20.99
CA THR B 46 -40.58 15.67 22.07
C THR B 46 -40.86 16.34 23.41
N PHE B 47 -40.08 16.01 24.45
CA PHE B 47 -40.50 16.24 25.83
C PHE B 47 -39.58 17.21 26.55
N VAL B 48 -38.33 16.84 26.85
CA VAL B 48 -37.42 17.76 27.54
C VAL B 48 -37.01 18.89 26.63
N CYS B 49 -36.85 18.60 25.34
CA CYS B 49 -36.36 19.60 24.39
C CYS B 49 -37.20 20.86 24.38
N PRO B 50 -38.54 20.81 24.32
CA PRO B 50 -39.32 22.06 24.40
C PRO B 50 -39.13 22.81 25.71
N THR B 51 -38.98 22.10 26.84
CA THR B 51 -38.78 22.82 28.09
C THR B 51 -37.45 23.56 28.08
N GLU B 52 -36.41 22.94 27.54
CA GLU B 52 -35.13 23.64 27.45
C GLU B 52 -35.22 24.85 26.51
N LEU B 53 -35.88 24.68 25.36
CA LEU B 53 -35.98 25.78 24.41
C LEU B 53 -36.79 26.94 24.99
N ILE B 54 -37.94 26.63 25.63
CA ILE B 54 -38.77 27.67 26.23
C ILE B 54 -38.04 28.35 27.37
N GLY B 55 -37.35 27.59 28.23
CA GLY B 55 -36.61 28.19 29.31
C GLY B 55 -35.52 29.13 28.82
N PHE B 56 -34.81 28.75 27.75
CA PHE B 56 -33.84 29.66 27.16
C PHE B 56 -34.51 30.92 26.63
N GLN B 57 -35.73 30.79 26.10
CA GLN B 57 -36.47 31.98 25.68
C GLN B 57 -36.78 32.88 26.88
N GLU B 58 -37.16 32.28 28.02
CA GLU B 58 -37.54 33.08 29.18
C GLU B 58 -36.35 33.83 29.76
N ALA B 59 -35.15 33.25 29.67
CA ALA B 59 -33.93 33.85 30.17
C ALA B 59 -33.19 34.65 29.10
N LEU B 60 -33.82 34.93 27.96
CA LEU B 60 -33.10 35.56 26.87
C LEU B 60 -32.54 36.92 27.27
N GLY B 61 -33.25 37.65 28.13
CA GLY B 61 -32.76 38.94 28.56
C GLY B 61 -31.47 38.84 29.36
N GLU B 62 -31.35 37.81 30.19
CA GLU B 62 -30.13 37.61 30.97
C GLU B 62 -28.92 37.39 30.06
N PHE B 63 -29.12 36.72 28.92
CA PHE B 63 -28.00 36.54 28.00
C PHE B 63 -27.76 37.79 27.16
N ASP B 64 -28.83 38.50 26.77
CA ASP B 64 -28.66 39.76 26.05
C ASP B 64 -27.83 40.75 26.86
N LYS B 65 -28.11 40.85 28.17
CA LYS B 65 -27.32 41.77 29.00
C LYS B 65 -25.84 41.42 28.99
N ARG B 66 -25.50 40.15 28.77
CA ARG B 66 -24.12 39.70 28.79
C ARG B 66 -23.52 39.55 27.39
N ASP B 67 -24.16 40.10 26.36
CA ASP B 67 -23.63 40.05 24.99
C ASP B 67 -23.46 38.62 24.52
N VAL B 68 -24.42 37.77 24.87
CA VAL B 68 -24.41 36.36 24.53
C VAL B 68 -25.59 36.10 23.63
N ALA B 69 -25.31 35.55 22.45
CA ALA B 69 -26.35 35.09 21.55
C ALA B 69 -26.66 33.64 21.88
N VAL B 70 -27.95 33.33 22.02
CA VAL B 70 -28.39 31.96 22.31
C VAL B 70 -28.82 31.33 20.99
N VAL B 71 -28.26 30.16 20.69
CA VAL B 71 -28.55 29.45 19.44
C VAL B 71 -28.82 28.00 19.78
N GLY B 72 -29.98 27.50 19.37
CA GLY B 72 -30.31 26.09 19.47
C GLY B 72 -30.14 25.38 18.15
N CYS B 73 -30.01 24.05 18.23
CA CYS B 73 -29.76 23.26 17.03
C CYS B 73 -30.21 21.83 17.26
N SER B 74 -30.87 21.26 16.25
CA SER B 74 -31.14 19.83 16.17
C SER B 74 -31.03 19.41 14.71
N THR B 75 -31.04 18.10 14.48
CA THR B 75 -30.92 17.58 13.12
C THR B 75 -32.26 17.52 12.39
N ASP B 76 -33.32 18.12 12.96
CA ASP B 76 -34.58 18.27 12.26
C ASP B 76 -34.49 19.38 11.22
N SER B 77 -35.43 19.34 10.28
CA SER B 77 -35.46 20.35 9.22
C SER B 77 -35.92 21.71 9.75
N GLU B 78 -35.67 22.74 8.95
CA GLU B 78 -36.15 24.08 9.29
C GLU B 78 -37.66 24.14 9.29
N PHE B 79 -38.32 23.27 8.52
CA PHE B 79 -39.79 23.24 8.49
C PHE B 79 -40.37 22.59 9.74
N SER B 80 -39.71 21.56 10.29
CA SER B 80 -40.16 21.06 11.58
C SER B 80 -39.98 22.12 12.67
N HIS B 81 -38.84 22.82 12.66
CA HIS B 81 -38.64 23.92 13.60
C HIS B 81 -39.73 24.97 13.47
N TRP B 82 -40.02 25.39 12.22
CA TRP B 82 -41.03 26.41 12.00
C TRP B 82 -42.42 25.94 12.45
N ALA B 83 -42.78 24.70 12.12
CA ALA B 83 -44.05 24.16 12.60
C ALA B 83 -44.10 24.13 14.11
N TRP B 84 -42.96 23.85 14.76
CA TRP B 84 -42.95 23.72 16.21
C TRP B 84 -43.10 25.07 16.90
N VAL B 85 -42.48 26.12 16.36
CA VAL B 85 -42.68 27.44 16.94
C VAL B 85 -44.07 27.98 16.65
N ASN B 86 -44.82 27.34 15.75
CA ASN B 86 -46.21 27.69 15.50
C ASN B 86 -47.19 26.73 16.18
N THR B 87 -46.71 25.93 17.13
CA THR B 87 -47.57 25.07 17.94
C THR B 87 -47.63 25.62 19.35
N PRO B 88 -48.81 25.84 19.92
CA PRO B 88 -48.88 26.43 21.27
C PRO B 88 -48.27 25.52 22.32
N ARG B 89 -47.70 26.16 23.35
CA ARG B 89 -46.96 25.42 24.37
C ARG B 89 -47.85 24.42 25.10
N ASP B 90 -49.12 24.78 25.33
CA ASP B 90 -50.03 23.88 26.02
C ASP B 90 -50.35 22.64 25.20
N GLN B 91 -49.90 22.58 23.96
CA GLN B 91 -50.03 21.39 23.12
C GLN B 91 -48.68 20.73 22.87
N GLY B 92 -47.66 21.09 23.65
CA GLY B 92 -46.32 20.58 23.48
C GLY B 92 -45.43 21.40 22.56
N GLY B 93 -45.91 22.55 22.08
CA GLY B 93 -45.15 23.36 21.16
C GLY B 93 -44.18 24.32 21.84
N ILE B 94 -43.46 25.07 21.01
CA ILE B 94 -42.48 26.04 21.49
C ILE B 94 -42.82 27.42 20.97
N GLN B 95 -44.10 27.75 20.97
CA GLN B 95 -44.55 29.09 20.55
C GLN B 95 -43.85 30.15 21.38
N GLY B 96 -43.41 31.21 20.72
CA GLY B 96 -42.75 32.31 21.40
C GLY B 96 -41.23 32.22 21.48
N VAL B 97 -40.65 31.10 21.08
CA VAL B 97 -39.19 31.01 21.01
C VAL B 97 -38.70 31.81 19.80
N SER B 98 -37.87 32.84 20.05
CA SER B 98 -37.52 33.81 19.04
C SER B 98 -36.05 33.80 18.62
N TYR B 99 -35.16 33.20 19.42
CA TYR B 99 -33.75 33.13 19.06
C TYR B 99 -33.54 32.11 17.94
N PRO B 100 -32.39 32.11 17.29
CA PRO B 100 -32.19 31.21 16.14
C PRO B 100 -32.19 29.75 16.55
N ILE B 101 -32.94 28.94 15.79
CA ILE B 101 -32.94 27.50 15.93
C ILE B 101 -32.42 26.93 14.60
N VAL B 102 -31.21 26.41 14.62
CA VAL B 102 -30.51 25.97 13.41
C VAL B 102 -31.00 24.58 13.03
N SER B 103 -31.14 24.35 11.72
CA SER B 103 -31.47 23.03 11.20
C SER B 103 -30.18 22.34 10.73
N ASP B 104 -29.71 21.36 11.51
CA ASP B 104 -28.55 20.54 11.14
C ASP B 104 -29.01 19.36 10.31
N ILE B 105 -29.60 19.69 9.15
CA ILE B 105 -30.34 18.71 8.38
C ILE B 105 -29.42 17.61 7.83
N ASN B 106 -28.13 17.91 7.62
CA ASN B 106 -27.18 16.93 7.13
C ASN B 106 -26.44 16.20 8.25
N LYS B 107 -26.67 16.59 9.51
CA LYS B 107 -26.01 16.04 10.68
C LYS B 107 -24.52 16.37 10.74
N THR B 108 -24.02 17.24 9.86
CA THR B 108 -22.60 17.55 9.86
C THR B 108 -22.21 18.45 11.05
N ILE B 109 -23.11 19.34 11.49
CA ILE B 109 -22.80 20.20 12.63
C ILE B 109 -22.67 19.37 13.89
N SER B 110 -23.66 18.49 14.12
CA SER B 110 -23.63 17.62 15.29
C SER B 110 -22.40 16.73 15.26
N ALA B 111 -22.00 16.25 14.08
CA ALA B 111 -20.78 15.48 13.96
C ALA B 111 -19.56 16.31 14.31
N ASP B 112 -19.47 17.53 13.75
CA ASP B 112 -18.31 18.38 13.98
C ASP B 112 -18.16 18.77 15.44
N TYR B 113 -19.28 18.92 16.15
CA TYR B 113 -19.24 19.29 17.56
C TYR B 113 -19.18 18.10 18.51
N GLY B 114 -19.16 16.87 17.97
CA GLY B 114 -19.00 15.69 18.81
C GLY B 114 -20.22 15.36 19.66
N VAL B 115 -21.43 15.72 19.21
CA VAL B 115 -22.65 15.46 19.96
C VAL B 115 -23.58 14.51 19.24
N LEU B 116 -23.20 13.98 18.08
CA LEU B 116 -24.07 13.11 17.31
C LEU B 116 -24.09 11.73 17.94
N ALA B 117 -25.27 11.24 18.28
CA ALA B 117 -25.43 9.89 18.82
C ALA B 117 -25.35 8.85 17.71
N GLY B 118 -25.42 7.58 18.09
CA GLY B 118 -25.43 6.48 17.15
C GLY B 118 -24.04 5.96 16.82
N ASP B 119 -24.05 4.79 16.18
CA ASP B 119 -22.83 4.08 15.79
C ASP B 119 -22.98 3.63 14.34
N GLU B 120 -21.95 3.87 13.54
CA GLU B 120 -21.96 3.51 12.13
C GLU B 120 -21.05 2.32 11.88
N GLU B 121 -21.46 1.46 10.96
CA GLU B 121 -20.66 0.32 10.54
C GLU B 121 -20.80 0.14 9.04
N ILE B 122 -19.86 -0.57 8.44
CA ILE B 122 -19.96 -1.01 7.06
C ILE B 122 -20.37 -2.48 7.08
N ASP B 123 -21.44 -2.82 6.34
CA ASP B 123 -22.06 -4.14 6.44
C ASP B 123 -21.33 -5.18 5.60
N GLU B 124 -22.02 -6.30 5.34
CA GLU B 124 -21.45 -7.36 4.51
C GLU B 124 -21.15 -6.85 3.10
N ASP B 125 -22.16 -6.32 2.43
CA ASP B 125 -22.07 -5.96 1.02
C ASP B 125 -21.48 -4.56 0.85
N GLY B 126 -20.58 -4.18 1.74
CA GLY B 126 -20.15 -2.79 1.78
C GLY B 126 -21.23 -1.80 2.13
N ASN B 127 -22.39 -2.25 2.60
CA ASN B 127 -23.46 -1.34 2.98
C ASN B 127 -23.07 -0.54 4.20
N VAL B 128 -23.80 0.55 4.44
CA VAL B 128 -23.59 1.40 5.61
C VAL B 128 -24.70 1.08 6.60
N GLU B 129 -24.33 0.54 7.76
CA GLU B 129 -25.28 0.25 8.81
C GLU B 129 -25.09 1.24 9.96
N VAL B 130 -26.20 1.56 10.63
CA VAL B 130 -26.19 2.51 11.72
C VAL B 130 -26.90 1.85 12.90
N ASN B 131 -26.23 1.78 14.04
CA ASN B 131 -26.85 1.33 15.28
C ASN B 131 -27.33 2.56 16.04
N GLY B 132 -28.58 2.56 16.43
CA GLY B 132 -29.14 3.71 17.10
C GLY B 132 -29.58 4.77 16.12
N GLU B 133 -29.87 5.94 16.67
CA GLU B 133 -30.36 7.08 15.92
C GLU B 133 -29.26 8.12 15.81
N LEU B 134 -29.04 8.62 14.59
CA LEU B 134 -28.09 9.72 14.39
C LEU B 134 -28.82 11.02 14.70
N ILE B 135 -28.97 11.27 16.00
CA ILE B 135 -29.55 12.52 16.52
C ILE B 135 -28.59 13.07 17.57
N ALA B 136 -28.76 14.35 17.87
CA ALA B 136 -27.84 15.04 18.78
C ALA B 136 -28.22 14.81 20.24
N TYR B 137 -27.20 14.57 21.06
CA TYR B 137 -27.35 14.57 22.50
C TYR B 137 -27.51 16.02 23.00
N ARG B 138 -27.82 16.15 24.29
CA ARG B 138 -28.04 17.47 24.89
C ARG B 138 -26.68 18.13 25.12
N GLY B 139 -26.18 18.76 24.07
CA GLY B 139 -24.84 19.31 24.08
C GLY B 139 -24.87 20.83 24.21
N LEU B 140 -23.92 21.38 24.97
CA LEU B 140 -23.90 22.83 25.15
C LEU B 140 -22.46 23.34 25.07
N PHE B 141 -22.28 24.45 24.36
CA PHE B 141 -20.97 25.03 24.14
C PHE B 141 -21.00 26.53 24.41
N LEU B 142 -19.98 27.01 25.12
CA LEU B 142 -19.74 28.43 25.30
C LEU B 142 -18.62 28.85 24.34
N ILE B 143 -18.92 29.80 23.45
CA ILE B 143 -18.01 30.27 22.42
C ILE B 143 -17.73 31.74 22.69
N ASP B 144 -16.46 32.12 22.79
CA ASP B 144 -16.15 33.52 23.09
C ASP B 144 -16.20 34.35 21.80
N LYS B 145 -15.90 35.64 21.93
CA LYS B 145 -16.02 36.53 20.79
C LYS B 145 -15.00 36.22 19.69
N ASP B 146 -13.96 35.45 19.99
CA ASP B 146 -13.02 35.01 18.97
C ASP B 146 -13.47 33.72 18.27
N GLY B 147 -14.62 33.16 18.66
CA GLY B 147 -15.09 31.92 18.09
C GLY B 147 -14.47 30.68 18.70
N ILE B 148 -13.82 30.79 19.85
CA ILE B 148 -13.12 29.69 20.50
C ILE B 148 -14.00 29.12 21.61
N VAL B 149 -14.05 27.78 21.69
CA VAL B 149 -14.84 27.09 22.70
C VAL B 149 -14.13 27.16 24.04
N ARG B 150 -14.82 27.66 25.06
CA ARG B 150 -14.27 27.77 26.40
C ARG B 150 -14.91 26.83 27.41
N HIS B 151 -16.07 26.27 27.08
CA HIS B 151 -16.79 25.38 27.99
C HIS B 151 -17.72 24.51 27.15
N GLN B 152 -17.77 23.22 27.47
CA GLN B 152 -18.69 22.32 26.80
C GLN B 152 -19.24 21.31 27.80
N LEU B 153 -20.45 20.84 27.51
CA LEU B 153 -21.23 19.99 28.41
C LEU B 153 -22.15 19.14 27.56
N ILE B 154 -22.23 17.85 27.87
CA ILE B 154 -23.14 16.95 27.16
C ILE B 154 -23.89 16.10 28.17
N ASN B 155 -25.21 16.08 28.04
CA ASN B 155 -26.07 15.27 28.90
C ASN B 155 -26.75 14.18 28.09
N ASP B 156 -26.98 13.04 28.76
CA ASP B 156 -27.82 12.00 28.18
C ASP B 156 -29.24 12.53 27.93
N PHE B 157 -29.96 11.82 27.06
CA PHE B 157 -31.28 12.26 26.61
C PHE B 157 -32.25 12.68 27.72
N PRO B 158 -32.42 11.93 28.82
CA PRO B 158 -33.46 12.32 29.79
C PRO B 158 -33.05 13.39 30.80
N LEU B 159 -31.84 13.94 30.73
CA LEU B 159 -31.34 14.86 31.75
C LEU B 159 -31.29 16.26 31.18
N GLY B 160 -32.33 17.05 31.46
CA GLY B 160 -32.34 18.43 31.00
C GLY B 160 -31.24 19.26 31.62
N ARG B 161 -30.88 20.33 30.93
CA ARG B 161 -29.75 21.14 31.34
C ARG B 161 -30.22 22.23 32.30
N SER B 162 -29.30 23.13 32.68
CA SER B 162 -29.57 24.16 33.68
C SER B 162 -29.11 25.49 33.13
N ILE B 163 -30.03 26.45 33.06
CA ILE B 163 -29.69 27.80 32.63
C ILE B 163 -28.75 28.48 33.62
N ASP B 164 -28.91 28.19 34.91
CA ASP B 164 -28.07 28.84 35.91
C ASP B 164 -26.60 28.50 35.69
N GLU B 165 -26.29 27.24 35.39
CA GLU B 165 -24.90 26.86 35.15
C GLU B 165 -24.35 27.52 33.88
N ALA B 166 -25.17 27.65 32.85
CA ALA B 166 -24.72 28.33 31.63
C ALA B 166 -24.39 29.80 31.93
N ILE B 167 -25.29 30.49 32.63
CA ILE B 167 -25.03 31.89 32.99
C ILE B 167 -23.82 32.00 33.90
N ARG B 168 -23.65 31.05 34.83
CA ARG B 168 -22.50 31.10 35.74
C ARG B 168 -21.20 30.97 34.98
N VAL B 169 -21.15 30.04 34.02
CA VAL B 169 -19.93 29.88 33.22
C VAL B 169 -19.69 31.11 32.36
N VAL B 170 -20.75 31.71 31.82
CA VAL B 170 -20.58 32.96 31.07
C VAL B 170 -19.96 34.03 31.95
N ASP B 171 -20.49 34.19 33.17
CA ASP B 171 -19.95 35.20 34.08
C ASP B 171 -18.50 34.91 34.42
N ALA B 172 -18.15 33.64 34.60
CA ALA B 172 -16.77 33.30 34.91
C ALA B 172 -15.85 33.64 33.74
N LEU B 173 -16.26 33.29 32.52
CA LEU B 173 -15.43 33.60 31.36
C LEU B 173 -15.23 35.10 31.22
N GLN B 174 -16.31 35.87 31.36
CA GLN B 174 -16.21 37.32 31.21
C GLN B 174 -15.38 37.93 32.33
N HIS B 175 -15.49 37.40 33.55
CA HIS B 175 -14.66 37.91 34.64
C HIS B 175 -13.19 37.66 34.37
N PHE B 176 -12.84 36.46 33.92
CA PHE B 176 -11.44 36.18 33.61
C PHE B 176 -10.95 37.08 32.48
N GLU B 177 -11.80 37.32 31.48
CA GLU B 177 -11.40 38.18 30.38
C GLU B 177 -11.17 39.61 30.84
N LEU B 178 -12.02 40.11 31.74
CA LEU B 178 -11.93 41.50 32.18
C LEU B 178 -10.76 41.72 33.14
N TYR B 179 -10.67 40.91 34.19
CA TYR B 179 -9.73 41.17 35.28
C TYR B 179 -8.52 40.25 35.28
N GLY B 180 -8.48 39.24 34.42
CA GLY B 180 -7.39 38.29 34.46
C GLY B 180 -7.34 37.41 35.69
N GLU B 181 -8.39 37.44 36.52
CA GLU B 181 -8.50 36.58 37.69
C GLU B 181 -9.16 35.26 37.30
N VAL B 182 -8.59 34.16 37.77
CA VAL B 182 -9.20 32.86 37.52
C VAL B 182 -10.32 32.65 38.53
N CYS B 183 -11.37 31.94 38.11
CA CYS B 183 -12.56 31.79 38.93
C CYS B 183 -12.53 30.45 39.65
N PRO B 184 -12.56 30.43 40.98
CA PRO B 184 -12.45 29.18 41.72
C PRO B 184 -13.77 28.41 41.68
N LEU B 185 -13.76 27.25 42.34
CA LEU B 185 -14.94 26.39 42.37
C LEU B 185 -16.14 27.11 42.95
N GLY B 186 -17.29 26.96 42.29
CA GLY B 186 -18.52 27.54 42.75
C GLY B 186 -18.61 29.05 42.67
N TRP B 187 -17.69 29.69 41.94
CA TRP B 187 -17.67 31.14 41.88
C TRP B 187 -18.91 31.67 41.18
N HIS B 188 -19.45 32.77 41.72
CA HIS B 188 -20.55 33.49 41.11
C HIS B 188 -20.19 34.97 41.01
N LYS B 189 -20.87 35.67 40.12
CA LYS B 189 -20.61 37.08 39.92
C LYS B 189 -20.80 37.84 41.23
N GLY B 190 -19.81 38.66 41.57
CA GLY B 190 -19.79 39.41 42.81
C GLY B 190 -18.95 38.81 43.91
N GLU B 191 -18.61 37.53 43.81
CA GLU B 191 -17.75 36.89 44.80
C GLU B 191 -16.28 37.07 44.44
N ALA B 192 -15.43 36.70 45.38
CA ALA B 192 -13.99 36.89 45.21
C ALA B 192 -13.42 35.90 44.22
N ALA B 193 -12.72 36.40 43.20
CA ALA B 193 -11.97 35.55 42.30
C ALA B 193 -10.56 35.35 42.84
N MET B 194 -9.59 35.11 41.97
CA MET B 194 -8.25 34.75 42.44
C MET B 194 -7.19 35.18 41.45
N THR B 195 -6.06 35.64 41.96
CA THR B 195 -4.90 35.96 41.15
C THR B 195 -4.13 34.68 40.80
N PRO B 196 -3.88 34.40 39.52
CA PRO B 196 -3.14 33.18 39.18
C PRO B 196 -1.67 33.26 39.51
N SER B 197 -1.34 33.11 40.79
CA SER B 197 0.04 33.11 41.26
C SER B 197 0.10 32.32 42.56
N HIS B 198 1.33 31.99 42.97
CA HIS B 198 1.52 31.33 44.26
C HIS B 198 0.86 32.13 45.38
N GLU B 199 1.18 33.42 45.45
CA GLU B 199 0.59 34.29 46.46
C GLU B 199 -0.92 34.38 46.31
N GLY B 200 -1.41 34.43 45.08
CA GLY B 200 -2.85 34.57 44.87
C GLY B 200 -3.64 33.41 45.44
N VAL B 201 -3.21 32.18 45.15
CA VAL B 201 -3.94 31.02 45.64
C VAL B 201 -3.77 30.87 47.15
N ALA B 202 -2.56 31.17 47.66
CA ALA B 202 -2.36 31.12 49.11
C ALA B 202 -3.27 32.11 49.83
N SER B 203 -3.38 33.33 49.30
CA SER B 203 -4.24 34.34 49.92
C SER B 203 -5.71 33.95 49.83
N TYR B 204 -6.16 33.45 48.67
CA TYR B 204 -7.56 33.06 48.53
C TYR B 204 -7.92 31.95 49.50
N LEU B 205 -7.07 30.91 49.60
CA LEU B 205 -7.41 29.77 50.44
C LEU B 205 -7.38 30.11 51.93
N SER B 206 -6.52 31.06 52.33
CA SER B 206 -6.48 31.46 53.73
C SER B 206 -7.76 32.14 54.17
N LYS B 207 -8.34 32.98 53.30
CA LYS B 207 -9.57 33.69 53.64
C LYS B 207 -10.75 32.74 53.79
N LEU B 208 -10.77 31.63 53.04
CA LEU B 208 -11.85 30.67 53.16
C LEU B 208 -11.84 29.96 54.51
N GLU B 209 -10.67 29.55 54.98
CA GLU B 209 -10.59 28.60 56.09
C GLU B 209 -11.15 29.19 57.38
N HIS B 210 -10.94 30.47 57.63
CA HIS B 210 -11.66 31.11 58.74
C HIS B 210 -12.80 31.97 58.20
N HIS B 211 -13.75 31.33 57.51
CA HIS B 211 -14.90 32.02 56.94
C HIS B 211 -16.13 31.10 56.98
N MET C 1 18.68 5.79 23.00
CA MET C 1 19.21 6.23 21.73
C MET C 1 20.73 6.34 21.87
N LEU C 2 21.49 6.25 20.77
CA LEU C 2 22.95 6.39 20.81
C LEU C 2 23.27 7.81 20.41
N LEU C 3 23.67 8.62 21.38
CA LEU C 3 23.91 10.04 21.15
C LEU C 3 25.38 10.41 21.12
N ILE C 4 26.28 9.47 21.43
CA ILE C 4 27.71 9.78 21.45
C ILE C 4 28.14 10.26 20.07
N GLY C 5 28.79 11.42 20.04
CA GLY C 5 29.24 11.99 18.78
C GLY C 5 28.18 12.74 18.01
N LYS C 6 26.97 12.84 18.53
CA LYS C 6 25.85 13.47 17.86
C LYS C 6 25.37 14.65 18.71
N PRO C 7 24.70 15.63 18.09
CA PRO C 7 24.21 16.77 18.88
C PRO C 7 23.15 16.35 19.89
N ALA C 8 23.26 16.92 21.08
CA ALA C 8 22.23 16.71 22.10
C ALA C 8 20.90 17.26 21.58
N PRO C 9 19.83 16.46 21.60
CA PRO C 9 18.56 16.92 21.04
C PRO C 9 18.11 18.24 21.66
N HIS C 10 17.56 19.10 20.82
CA HIS C 10 17.07 20.40 21.27
C HIS C 10 15.77 20.26 22.05
N PHE C 11 15.58 21.15 23.02
CA PHE C 11 14.29 21.27 23.69
C PHE C 11 14.08 22.70 24.15
N SER C 12 12.86 22.99 24.57
CA SER C 12 12.52 24.31 25.10
C SER C 12 11.30 24.11 26.00
N ALA C 13 11.50 24.24 27.31
CA ALA C 13 10.45 23.88 28.25
C ALA C 13 10.51 24.82 29.45
N ASN C 14 9.45 24.75 30.26
CA ASN C 14 9.46 25.44 31.55
C ASN C 14 10.45 24.79 32.49
N ALA C 15 11.01 25.61 33.37
CA ALA C 15 11.97 25.12 34.34
C ALA C 15 11.89 25.97 35.60
N VAL C 16 12.51 25.47 36.67
CA VAL C 16 12.75 26.26 37.87
C VAL C 16 14.24 26.56 37.89
N VAL C 17 14.57 27.84 37.77
CA VAL C 17 15.92 28.35 37.83
C VAL C 17 16.00 29.30 39.01
N ASN C 18 16.97 29.08 39.90
CA ASN C 18 17.10 29.86 41.13
C ASN C 18 15.78 29.91 41.90
N GLY C 19 15.08 28.78 41.96
CA GLY C 19 13.84 28.70 42.69
C GLY C 19 12.65 29.35 42.03
N THR C 20 12.78 29.86 40.81
CA THR C 20 11.71 30.57 40.13
C THR C 20 11.32 29.86 38.83
N ILE C 21 10.01 29.77 38.58
CA ILE C 21 9.51 29.19 37.34
C ILE C 21 9.75 30.16 36.18
N VAL C 22 10.41 29.67 35.14
CA VAL C 22 10.71 30.44 33.94
C VAL C 22 10.35 29.63 32.70
N PRO C 23 9.91 30.28 31.61
CA PRO C 23 9.57 29.55 30.39
C PRO C 23 10.73 29.47 29.42
N ASP C 24 10.55 28.62 28.40
CA ASP C 24 11.44 28.59 27.24
C ASP C 24 12.89 28.32 27.63
N PHE C 25 13.10 27.45 28.63
CA PHE C 25 14.45 27.07 28.98
C PHE C 25 14.98 26.07 27.96
N SER C 26 16.20 26.33 27.48
CA SER C 26 16.82 25.47 26.49
C SER C 26 18.32 25.43 26.73
N LEU C 27 18.96 24.39 26.20
CA LEU C 27 20.41 24.31 26.24
C LEU C 27 21.09 25.07 25.11
N ASP C 28 20.31 25.71 24.22
CA ASP C 28 20.89 26.52 23.15
C ASP C 28 21.84 27.59 23.71
N GLN C 29 21.44 28.23 24.80
CA GLN C 29 22.21 29.32 25.37
C GLN C 29 23.64 28.93 25.69
N PHE C 30 23.91 27.64 25.92
CA PHE C 30 25.24 27.20 26.34
C PHE C 30 26.16 26.86 25.17
N LYS C 31 25.63 26.74 23.95
CA LYS C 31 26.46 26.41 22.81
C LYS C 31 27.52 27.50 22.61
N GLY C 32 28.77 27.08 22.49
CA GLY C 32 29.88 28.00 22.36
C GLY C 32 30.32 28.67 23.63
N LYS C 33 29.63 28.44 24.75
CA LYS C 33 29.94 29.12 26.00
C LYS C 33 30.22 28.14 27.14
N LYS C 34 29.37 27.14 27.33
CA LYS C 34 29.57 26.23 28.46
C LYS C 34 29.36 24.78 28.04
N TYR C 35 30.10 23.90 28.71
CA TYR C 35 29.74 22.50 28.72
C TYR C 35 28.46 22.34 29.51
N VAL C 36 27.77 21.22 29.32
CA VAL C 36 26.54 20.94 30.03
C VAL C 36 26.63 19.54 30.63
N ILE C 37 26.32 19.42 31.91
CA ILE C 37 26.00 18.15 32.54
C ILE C 37 24.50 18.13 32.74
N LEU C 38 23.80 17.33 31.94
CA LEU C 38 22.34 17.23 31.97
C LEU C 38 21.95 15.88 32.58
N PHE C 39 21.19 15.91 33.67
CA PHE C 39 20.80 14.66 34.30
C PHE C 39 19.28 14.61 34.51
N PHE C 40 18.73 13.43 34.22
CA PHE C 40 17.33 13.11 34.40
C PHE C 40 17.17 12.22 35.62
N TYR C 41 16.07 12.44 36.35
CA TYR C 41 15.61 11.65 37.47
C TYR C 41 14.11 11.36 37.33
N PRO C 42 13.62 10.27 37.96
CA PRO C 42 12.23 9.84 37.70
C PRO C 42 11.11 10.66 38.33
N LYS C 43 11.18 10.98 39.62
CA LYS C 43 10.01 11.55 40.30
C LYS C 43 10.42 12.58 41.34
N ASP C 44 9.72 13.72 41.35
CA ASP C 44 9.81 14.64 42.47
C ASP C 44 9.28 14.00 43.75
N PHE C 45 9.81 14.47 44.88
CA PHE C 45 9.37 14.05 46.21
C PHE C 45 9.65 12.57 46.49
N THR C 46 10.72 12.02 45.92
CA THR C 46 11.07 10.65 46.25
C THR C 46 12.37 10.59 47.05
N PHE C 47 13.21 9.62 46.75
CA PHE C 47 14.24 9.17 47.69
C PHE C 47 15.66 9.46 47.18
N VAL C 48 16.12 8.76 46.13
CA VAL C 48 17.47 9.02 45.61
C VAL C 48 17.55 10.39 44.94
N CYS C 49 16.46 10.78 44.27
CA CYS C 49 16.47 12.01 43.47
C CYS C 49 16.84 13.26 44.28
N PRO C 50 16.28 13.50 45.47
CA PRO C 50 16.72 14.68 46.22
C PRO C 50 18.18 14.62 46.60
N THR C 51 18.73 13.44 46.90
CA THR C 51 20.16 13.39 47.23
C THR C 51 21.01 13.76 46.03
N GLU C 52 20.63 13.29 44.83
CA GLU C 52 21.40 13.65 43.65
C GLU C 52 21.29 15.15 43.36
N LEU C 53 20.09 15.71 43.46
CA LEU C 53 19.91 17.13 43.18
C LEU C 53 20.66 18.00 44.19
N ILE C 54 20.56 17.67 45.48
CA ILE C 54 21.25 18.43 46.52
C ILE C 54 22.75 18.30 46.35
N GLY C 55 23.25 17.09 46.05
CA GLY C 55 24.67 16.92 45.86
C GLY C 55 25.21 17.73 44.69
N PHE C 56 24.45 17.78 43.58
CA PHE C 56 24.88 18.63 42.47
C PHE C 56 24.88 20.11 42.87
N GLN C 57 23.90 20.52 43.70
CA GLN C 57 23.92 21.91 44.18
C GLN C 57 25.16 22.19 45.02
N GLU C 58 25.52 21.27 45.93
CA GLU C 58 26.66 21.52 46.79
C GLU C 58 27.98 21.45 46.04
N ALA C 59 28.06 20.64 44.98
CA ALA C 59 29.26 20.55 44.18
C ALA C 59 29.25 21.52 43.00
N LEU C 60 28.33 22.49 43.02
CA LEU C 60 28.14 23.37 41.88
C LEU C 60 29.39 24.17 41.55
N GLY C 61 30.17 24.55 42.56
CA GLY C 61 31.37 25.32 42.30
C GLY C 61 32.39 24.54 41.49
N GLU C 62 32.50 23.24 41.76
CA GLU C 62 33.41 22.40 41.01
C GLU C 62 33.06 22.37 39.53
N PHE C 63 31.77 22.46 39.19
CA PHE C 63 31.39 22.52 37.80
C PHE C 63 31.56 23.93 37.22
N ASP C 64 31.26 24.96 38.03
CA ASP C 64 31.44 26.33 37.58
C ASP C 64 32.88 26.60 37.18
N LYS C 65 33.83 26.19 38.01
CA LYS C 65 35.25 26.39 37.69
C LYS C 65 35.64 25.69 36.39
N ARG C 66 34.92 24.65 36.00
CA ARG C 66 35.20 23.94 34.76
C ARG C 66 34.32 24.39 33.60
N ASP C 67 33.62 25.52 33.75
CA ASP C 67 32.80 26.09 32.68
C ASP C 67 31.68 25.12 32.29
N VAL C 68 31.11 24.45 33.29
CA VAL C 68 30.08 23.43 33.11
C VAL C 68 28.80 23.92 33.78
N ALA C 69 27.72 23.98 33.01
CA ALA C 69 26.39 24.25 33.54
C ALA C 69 25.71 22.93 33.90
N VAL C 70 25.15 22.88 35.10
CA VAL C 70 24.42 21.71 35.57
C VAL C 70 22.93 21.93 35.34
N VAL C 71 22.28 20.99 34.67
CA VAL C 71 20.86 21.09 34.37
C VAL C 71 20.22 19.75 34.74
N GLY C 72 19.20 19.80 35.59
CA GLY C 72 18.40 18.63 35.91
C GLY C 72 17.08 18.62 35.17
N CYS C 73 16.47 17.44 35.09
CA CYS C 73 15.24 17.29 34.35
C CYS C 73 14.45 16.07 34.84
N SER C 74 13.13 16.24 34.99
CA SER C 74 12.21 15.12 35.17
C SER C 74 10.90 15.46 34.45
N THR C 75 10.03 14.46 34.33
CA THR C 75 8.76 14.67 33.63
C THR C 75 7.67 15.24 34.53
N ASP C 76 8.00 15.62 35.76
CA ASP C 76 7.03 16.29 36.61
C ASP C 76 6.83 17.73 36.15
N SER C 77 5.73 18.34 36.57
CA SER C 77 5.48 19.70 36.16
C SER C 77 6.46 20.66 36.81
N GLU C 78 6.52 21.88 36.27
CA GLU C 78 7.33 22.92 36.85
C GLU C 78 6.81 23.32 38.24
N PHE C 79 5.52 23.14 38.50
CA PHE C 79 4.99 23.47 39.82
C PHE C 79 5.37 22.42 40.86
N SER C 80 5.49 21.16 40.48
CA SER C 80 6.04 20.18 41.41
C SER C 80 7.48 20.53 41.76
N HIS C 81 8.27 20.92 40.75
CA HIS C 81 9.64 21.37 40.99
C HIS C 81 9.66 22.55 41.95
N TRP C 82 8.79 23.53 41.70
CA TRP C 82 8.76 24.73 42.52
C TRP C 82 8.39 24.41 43.96
N ALA C 83 7.36 23.59 44.15
CA ALA C 83 7.00 23.16 45.49
C ALA C 83 8.15 22.41 46.15
N TRP C 84 8.92 21.65 45.37
CA TRP C 84 9.98 20.84 45.95
C TRP C 84 11.15 21.69 46.42
N VAL C 85 11.51 22.72 45.64
CA VAL C 85 12.57 23.63 46.10
C VAL C 85 12.13 24.51 47.25
N ASN C 86 10.82 24.57 47.53
CA ASN C 86 10.29 25.27 48.69
C ASN C 86 9.96 24.31 49.84
N THR C 87 10.46 23.09 49.78
CA THR C 87 10.31 22.11 50.82
C THR C 87 11.63 21.93 51.52
N PRO C 88 11.69 22.05 52.85
CA PRO C 88 12.96 21.94 53.54
C PRO C 88 13.56 20.54 53.39
N ARG C 89 14.90 20.49 53.36
CA ARG C 89 15.59 19.23 53.10
C ARG C 89 15.31 18.18 54.17
N ASP C 90 15.19 18.59 55.44
CA ASP C 90 14.93 17.61 56.49
C ASP C 90 13.55 16.97 56.38
N GLN C 91 12.71 17.43 55.46
CA GLN C 91 11.45 16.78 55.17
C GLN C 91 11.44 16.14 53.78
N GLY C 92 12.61 15.93 53.19
CA GLY C 92 12.73 15.36 51.87
C GLY C 92 12.77 16.36 50.73
N GLY C 93 12.83 17.66 51.02
CA GLY C 93 12.81 18.66 49.98
C GLY C 93 14.19 18.94 49.41
N ILE C 94 14.21 19.80 48.39
CA ILE C 94 15.46 20.15 47.71
C ILE C 94 15.66 21.66 47.79
N GLN C 95 15.33 22.24 48.93
CA GLN C 95 15.53 23.67 49.13
C GLN C 95 16.98 24.05 48.88
N GLY C 96 17.18 25.17 48.21
CA GLY C 96 18.52 25.64 47.91
C GLY C 96 19.10 25.16 46.60
N VAL C 97 18.44 24.25 45.90
CA VAL C 97 18.89 23.86 44.57
C VAL C 97 18.56 25.00 43.61
N SER C 98 19.58 25.63 43.03
CA SER C 98 19.39 26.87 42.28
C SER C 98 19.64 26.75 40.79
N TYR C 99 20.31 25.69 40.35
CA TYR C 99 20.54 25.47 38.93
C TYR C 99 19.23 25.08 38.26
N PRO C 100 19.17 25.09 36.93
CA PRO C 100 17.89 24.83 36.25
C PRO C 100 17.40 23.40 36.45
N ILE C 101 16.12 23.28 36.78
CA ILE C 101 15.42 22.01 36.87
C ILE C 101 14.33 22.04 35.81
N VAL C 102 14.53 21.29 34.73
CA VAL C 102 13.64 21.33 33.58
C VAL C 102 12.41 20.47 33.84
N SER C 103 11.25 20.96 33.40
CA SER C 103 10.00 20.22 33.46
C SER C 103 9.74 19.60 32.07
N ASP C 104 9.94 18.30 31.96
CA ASP C 104 9.65 17.56 30.73
C ASP C 104 8.20 17.05 30.75
N ILE C 105 7.27 18.01 30.84
CA ILE C 105 5.89 17.67 31.16
C ILE C 105 5.25 16.83 30.06
N ASN C 106 5.74 16.93 28.83
CA ASN C 106 5.24 16.14 27.72
C ASN C 106 6.03 14.86 27.49
N LYS C 107 7.10 14.63 28.25
CA LYS C 107 7.96 13.46 28.14
C LYS C 107 8.74 13.41 26.82
N THR C 108 8.71 14.47 26.02
CA THR C 108 9.42 14.44 24.73
C THR C 108 10.94 14.56 24.91
N ILE C 109 11.40 15.29 25.93
CA ILE C 109 12.84 15.39 26.15
C ILE C 109 13.42 14.04 26.55
N SER C 110 12.77 13.38 27.53
CA SER C 110 13.26 12.08 27.99
C SER C 110 13.25 11.07 26.86
N ALA C 111 12.21 11.10 26.03
CA ALA C 111 12.14 10.21 24.87
C ALA C 111 13.28 10.50 23.90
N ASP C 112 13.53 11.78 23.60
CA ASP C 112 14.58 12.14 22.65
C ASP C 112 15.96 11.75 23.17
N TYR C 113 16.17 11.76 24.47
CA TYR C 113 17.46 11.40 25.01
C TYR C 113 17.58 9.90 25.31
N GLY C 114 16.54 9.13 25.04
CA GLY C 114 16.59 7.69 25.23
C GLY C 114 16.59 7.25 26.68
N VAL C 115 15.98 8.03 27.58
CA VAL C 115 15.95 7.70 29.00
C VAL C 115 14.54 7.45 29.51
N LEU C 116 13.52 7.50 28.65
CA LEU C 116 12.15 7.29 29.09
C LEU C 116 11.87 5.81 29.33
N ALA C 117 11.43 5.47 30.53
CA ALA C 117 11.05 4.12 30.88
C ALA C 117 9.68 3.79 30.30
N GLY C 118 9.24 2.55 30.52
CA GLY C 118 7.93 2.12 30.06
C GLY C 118 7.95 1.53 28.66
N ASP C 119 6.83 0.90 28.32
CA ASP C 119 6.63 0.26 27.02
C ASP C 119 5.28 0.71 26.49
N GLU C 120 5.24 1.12 25.24
CA GLU C 120 4.02 1.65 24.63
C GLU C 120 3.43 0.63 23.67
N GLU C 121 2.12 0.42 23.78
CA GLU C 121 1.40 -0.60 23.02
C GLU C 121 0.11 -0.03 22.46
N ILE C 122 -0.34 -0.60 21.34
CA ILE C 122 -1.62 -0.25 20.74
C ILE C 122 -2.53 -1.47 20.79
N ASP C 123 -3.83 -1.22 20.89
CA ASP C 123 -4.81 -2.26 21.18
C ASP C 123 -5.39 -2.86 19.90
N GLU C 124 -6.32 -3.81 20.09
CA GLU C 124 -7.03 -4.42 18.97
C GLU C 124 -7.99 -3.46 18.31
N ASP C 125 -8.38 -2.39 18.98
CA ASP C 125 -9.21 -1.34 18.41
C ASP C 125 -8.43 -0.05 18.16
N GLY C 126 -7.13 -0.05 18.45
CA GLY C 126 -6.30 1.12 18.21
C GLY C 126 -6.06 1.99 19.41
N ASN C 127 -6.37 1.52 20.62
CA ASN C 127 -6.10 2.33 21.79
C ASN C 127 -4.62 2.24 22.16
N VAL C 128 -4.13 3.23 22.90
CA VAL C 128 -2.74 3.27 23.31
C VAL C 128 -2.67 2.89 24.79
N GLU C 129 -2.06 1.74 25.07
CA GLU C 129 -1.78 1.31 26.44
C GLU C 129 -0.28 1.32 26.69
N VAL C 130 0.08 1.52 27.95
CA VAL C 130 1.47 1.65 28.38
C VAL C 130 1.73 0.68 29.52
N ASN C 131 2.75 -0.16 29.37
CA ASN C 131 3.19 -1.04 30.44
C ASN C 131 4.30 -0.33 31.22
N GLY C 132 4.12 -0.25 32.53
CA GLY C 132 5.05 0.47 33.36
C GLY C 132 4.74 1.95 33.36
N GLU C 133 5.68 2.72 33.89
CA GLU C 133 5.54 4.17 34.02
C GLU C 133 6.43 4.88 33.03
N LEU C 134 5.86 5.85 32.30
CA LEU C 134 6.64 6.70 31.40
C LEU C 134 7.28 7.81 32.23
N ILE C 135 8.36 7.43 32.92
CA ILE C 135 9.19 8.35 33.69
C ILE C 135 10.63 8.13 33.29
N ALA C 136 11.48 9.09 33.61
CA ALA C 136 12.87 9.04 33.19
C ALA C 136 13.71 8.17 34.13
N TYR C 137 14.59 7.37 33.55
CA TYR C 137 15.63 6.69 34.32
C TYR C 137 16.71 7.69 34.72
N ARG C 138 17.64 7.22 35.56
CA ARG C 138 18.72 8.08 36.05
C ARG C 138 19.75 8.26 34.93
N GLY C 139 19.46 9.23 34.07
CA GLY C 139 20.26 9.44 32.87
C GLY C 139 21.16 10.65 33.01
N LEU C 140 22.37 10.58 32.47
CA LEU C 140 23.29 11.69 32.58
C LEU C 140 24.08 11.84 31.29
N PHE C 141 24.20 13.08 30.81
CA PHE C 141 24.85 13.39 29.55
C PHE C 141 25.83 14.54 29.74
N LEU C 142 27.03 14.35 29.19
CA LEU C 142 28.04 15.40 29.07
C LEU C 142 28.00 15.94 27.65
N ILE C 143 27.75 17.24 27.52
CA ILE C 143 27.59 17.91 26.24
C ILE C 143 28.71 18.95 26.14
N ASP C 144 29.49 18.88 25.05
CA ASP C 144 30.58 19.81 24.90
C ASP C 144 30.07 21.18 24.43
N LYS C 145 30.99 22.14 24.25
CA LYS C 145 30.54 23.48 23.91
C LYS C 145 29.94 23.56 22.51
N ASP C 146 30.21 22.58 21.66
CA ASP C 146 29.57 22.52 20.35
C ASP C 146 28.21 21.83 20.40
N GLY C 147 27.76 21.40 21.58
CA GLY C 147 26.49 20.73 21.69
C GLY C 147 26.52 19.26 21.39
N ILE C 148 27.69 18.65 21.36
CA ILE C 148 27.84 17.24 21.04
C ILE C 148 27.97 16.43 22.32
N VAL C 149 27.27 15.30 22.39
CA VAL C 149 27.34 14.43 23.55
C VAL C 149 28.63 13.62 23.48
N ARG C 150 29.41 13.69 24.55
CA ARG C 150 30.69 12.97 24.62
C ARG C 150 30.68 11.83 25.62
N HIS C 151 29.68 11.77 26.50
CA HIS C 151 29.61 10.75 27.53
C HIS C 151 28.16 10.63 27.94
N GLN C 152 27.70 9.39 28.13
CA GLN C 152 26.35 9.19 28.63
C GLN C 152 26.34 7.98 29.57
N LEU C 153 25.41 8.02 30.50
CA LEU C 153 25.32 7.05 31.59
C LEU C 153 23.87 6.99 32.02
N ILE C 154 23.36 5.78 32.23
CA ILE C 154 22.00 5.58 32.72
C ILE C 154 22.03 4.52 33.83
N ASN C 155 21.42 4.84 34.97
CA ASN C 155 21.30 3.94 36.09
C ASN C 155 19.85 3.56 36.35
N ASP C 156 19.66 2.32 36.82
CA ASP C 156 18.37 1.88 37.30
C ASP C 156 17.92 2.75 38.47
N PHE C 157 16.62 2.71 38.75
CA PHE C 157 16.00 3.59 39.76
C PHE C 157 16.71 3.61 41.11
N PRO C 158 17.08 2.49 41.74
CA PRO C 158 17.66 2.56 43.08
C PRO C 158 19.15 2.85 43.14
N LEU C 159 19.81 3.12 42.03
CA LEU C 159 21.28 3.26 41.99
C LEU C 159 21.65 4.71 41.73
N GLY C 160 21.94 5.45 42.80
CA GLY C 160 22.36 6.84 42.64
C GLY C 160 23.66 6.96 41.88
N ARG C 161 23.86 8.13 41.28
CA ARG C 161 25.01 8.39 40.44
C ARG C 161 26.16 8.96 41.29
N SER C 162 27.25 9.35 40.65
CA SER C 162 28.45 9.80 41.34
C SER C 162 28.93 11.11 40.73
N ILE C 163 29.05 12.15 41.57
CA ILE C 163 29.58 13.42 41.10
C ILE C 163 31.05 13.30 40.73
N ASP C 164 31.81 12.45 41.44
CA ASP C 164 33.22 12.30 41.14
C ASP C 164 33.43 11.81 39.71
N GLU C 165 32.62 10.84 39.27
CA GLU C 165 32.77 10.31 37.92
C GLU C 165 32.40 11.35 36.87
N ALA C 166 31.38 12.17 37.14
CA ALA C 166 31.02 13.25 36.22
C ALA C 166 32.15 14.25 36.08
N ILE C 167 32.73 14.68 37.21
CA ILE C 167 33.86 15.60 37.17
C ILE C 167 35.03 14.97 36.44
N ARG C 168 35.28 13.67 36.67
CA ARG C 168 36.40 13.01 36.02
C ARG C 168 36.22 12.98 34.52
N VAL C 169 35.01 12.68 34.04
CA VAL C 169 34.77 12.66 32.61
C VAL C 169 34.90 14.04 32.01
N VAL C 170 34.44 15.07 32.73
CA VAL C 170 34.64 16.44 32.26
C VAL C 170 36.13 16.73 32.12
N ASP C 171 36.92 16.37 33.14
CA ASP C 171 38.35 16.63 33.09
C ASP C 171 39.02 15.87 31.95
N ALA C 172 38.59 14.62 31.70
CA ALA C 172 39.18 13.86 30.61
C ALA C 172 38.85 14.50 29.25
N LEU C 173 37.59 14.90 29.07
CA LEU C 173 37.20 15.55 27.82
C LEU C 173 37.99 16.84 27.61
N GLN C 174 38.08 17.66 28.66
CA GLN C 174 38.79 18.94 28.51
C GLN C 174 40.28 18.72 28.27
N HIS C 175 40.87 17.71 28.91
CA HIS C 175 42.28 17.41 28.67
C HIS C 175 42.49 16.99 27.22
N PHE C 176 41.63 16.13 26.68
CA PHE C 176 41.78 15.72 25.29
C PHE C 176 41.57 16.89 24.34
N GLU C 177 40.61 17.76 24.65
CA GLU C 177 40.36 18.92 23.79
C GLU C 177 41.56 19.85 23.78
N LEU C 178 42.17 20.07 24.94
CA LEU C 178 43.27 21.03 25.06
C LEU C 178 44.57 20.47 24.47
N TYR C 179 44.96 19.26 24.86
CA TYR C 179 46.29 18.75 24.55
C TYR C 179 46.29 17.67 23.47
N GLY C 180 45.12 17.22 23.00
CA GLY C 180 45.06 16.15 22.03
C GLY C 180 45.49 14.79 22.54
N GLU C 181 45.75 14.66 23.84
CA GLU C 181 46.11 13.38 24.44
C GLU C 181 44.84 12.65 24.91
N VAL C 182 44.79 11.35 24.61
CA VAL C 182 43.67 10.53 25.05
C VAL C 182 43.90 10.09 26.49
N CYS C 183 42.80 9.91 27.23
CA CYS C 183 42.88 9.61 28.63
C CYS C 183 42.68 8.12 28.86
N PRO C 184 43.66 7.43 29.43
CA PRO C 184 43.54 5.98 29.62
C PRO C 184 42.61 5.64 30.78
N LEU C 185 42.49 4.34 31.03
CA LEU C 185 41.59 3.85 32.06
C LEU C 185 41.97 4.43 33.42
N GLY C 186 40.97 4.89 34.16
CA GLY C 186 41.19 5.41 35.49
C GLY C 186 41.93 6.74 35.57
N TRP C 187 42.05 7.45 34.46
CA TRP C 187 42.77 8.71 34.43
C TRP C 187 42.07 9.77 35.27
N HIS C 188 42.88 10.57 35.97
CA HIS C 188 42.41 11.77 36.67
C HIS C 188 43.29 12.94 36.28
N LYS C 189 42.75 14.14 36.48
CA LYS C 189 43.48 15.36 36.16
C LYS C 189 44.80 15.43 36.95
N GLY C 190 45.89 15.68 36.24
CA GLY C 190 47.21 15.71 36.84
C GLY C 190 48.02 14.45 36.62
N GLU C 191 47.37 13.36 36.23
CA GLU C 191 48.08 12.12 35.92
C GLU C 191 48.50 12.10 34.46
N ALA C 192 49.31 11.12 34.11
CA ALA C 192 49.86 11.04 32.75
C ALA C 192 48.78 10.58 31.78
N ALA C 193 48.59 11.34 30.71
CA ALA C 193 47.71 10.92 29.63
C ALA C 193 48.51 10.07 28.64
N MET C 194 48.11 10.09 27.37
CA MET C 194 48.75 9.25 26.37
C MET C 194 48.67 9.92 25.01
N THR C 195 49.75 9.81 24.24
CA THR C 195 49.71 10.25 22.86
C THR C 195 49.08 9.17 21.98
N PRO C 196 48.06 9.53 21.18
CA PRO C 196 47.41 8.52 20.33
C PRO C 196 48.26 8.13 19.12
N SER C 197 49.28 7.29 19.36
CA SER C 197 50.14 6.78 18.30
C SER C 197 50.69 5.43 18.75
N HIS C 198 51.26 4.69 17.79
CA HIS C 198 51.90 3.42 18.14
C HIS C 198 52.95 3.63 19.24
N GLU C 199 53.86 4.58 19.01
CA GLU C 199 54.90 4.87 19.99
C GLU C 199 54.30 5.39 21.29
N GLY C 200 53.24 6.22 21.19
CA GLY C 200 52.64 6.77 22.39
C GLY C 200 52.09 5.71 23.31
N VAL C 201 51.33 4.75 22.75
CA VAL C 201 50.74 3.71 23.58
C VAL C 201 51.83 2.75 24.09
N ALA C 202 52.84 2.46 23.25
CA ALA C 202 53.95 1.62 23.72
C ALA C 202 54.68 2.26 24.90
N SER C 203 54.92 3.58 24.80
CA SER C 203 55.61 4.30 25.86
C SER C 203 54.77 4.36 27.13
N TYR C 204 53.46 4.61 27.00
CA TYR C 204 52.61 4.64 28.19
C TYR C 204 52.58 3.27 28.88
N LEU C 205 52.38 2.20 28.10
CA LEU C 205 52.22 0.89 28.71
C LEU C 205 53.53 0.36 29.30
N SER C 206 54.68 0.71 28.73
CA SER C 206 55.95 0.26 29.31
C SER C 206 56.19 0.89 30.68
N LYS C 207 55.85 2.17 30.84
CA LYS C 207 56.06 2.86 32.10
C LYS C 207 55.19 2.29 33.22
N LEU C 208 54.00 1.77 32.90
CA LEU C 208 53.14 1.21 33.93
C LEU C 208 53.74 -0.05 34.56
N GLU C 209 54.59 -0.77 33.83
CA GLU C 209 55.17 -2.00 34.35
C GLU C 209 56.17 -1.75 35.47
N HIS C 210 56.69 -0.52 35.58
CA HIS C 210 57.66 -0.16 36.61
C HIS C 210 57.06 0.67 37.74
N HIS C 211 56.17 1.61 37.41
CA HIS C 211 55.64 2.54 38.41
C HIS C 211 54.59 1.88 39.30
N MET D 1 20.71 2.76 22.83
CA MET D 1 19.53 1.94 23.12
C MET D 1 19.19 2.02 24.60
N LEU D 2 17.93 1.81 24.98
CA LEU D 2 17.55 1.78 26.39
C LEU D 2 17.38 0.32 26.80
N LEU D 3 18.35 -0.20 27.56
CA LEU D 3 18.31 -1.58 28.00
C LEU D 3 18.06 -1.74 29.49
N ILE D 4 18.07 -0.65 30.27
CA ILE D 4 17.85 -0.76 31.71
C ILE D 4 16.48 -1.35 31.98
N GLY D 5 16.46 -2.39 32.82
CA GLY D 5 15.25 -3.11 33.16
C GLY D 5 14.85 -4.18 32.17
N LYS D 6 15.62 -4.36 31.10
CA LYS D 6 15.36 -5.33 30.05
C LYS D 6 16.52 -6.31 29.95
N PRO D 7 16.26 -7.50 29.41
CA PRO D 7 17.34 -8.48 29.29
C PRO D 7 18.45 -8.03 28.35
N ALA D 8 19.69 -8.32 28.75
CA ALA D 8 20.83 -8.09 27.88
C ALA D 8 20.65 -8.95 26.63
N PRO D 9 20.78 -8.37 25.43
CA PRO D 9 20.55 -9.16 24.22
C PRO D 9 21.46 -10.39 24.17
N HIS D 10 20.88 -11.50 23.74
CA HIS D 10 21.65 -12.73 23.65
C HIS D 10 22.65 -12.64 22.51
N PHE D 11 23.78 -13.32 22.67
CA PHE D 11 24.70 -13.50 21.56
C PHE D 11 25.46 -14.80 21.72
N SER D 12 26.15 -15.19 20.66
CA SER D 12 26.95 -16.41 20.64
C SER D 12 28.01 -16.23 19.57
N ALA D 13 29.25 -16.03 19.99
CA ALA D 13 30.32 -15.65 19.08
C ALA D 13 31.61 -16.34 19.49
N ASN D 14 32.60 -16.28 18.59
CA ASN D 14 33.95 -16.69 18.96
C ASN D 14 34.55 -15.70 19.93
N ALA D 15 35.42 -16.21 20.81
CA ALA D 15 36.10 -15.35 21.77
C ALA D 15 37.47 -15.94 22.05
N VAL D 16 38.31 -15.14 22.70
CA VAL D 16 39.57 -15.63 23.25
C VAL D 16 39.40 -15.67 24.76
N VAL D 17 39.44 -16.88 25.32
CA VAL D 17 39.36 -17.10 26.76
C VAL D 17 40.68 -17.71 27.20
N ASN D 18 41.31 -17.11 28.20
CA ASN D 18 42.63 -17.54 28.66
C ASN D 18 43.60 -17.65 27.49
N GLY D 19 43.55 -16.68 26.59
CA GLY D 19 44.46 -16.65 25.48
C GLY D 19 44.22 -17.67 24.38
N THR D 20 43.14 -18.45 24.47
CA THR D 20 42.85 -19.47 23.47
C THR D 20 41.54 -19.17 22.78
N ILE D 21 41.52 -19.33 21.46
CA ILE D 21 40.30 -19.11 20.69
C ILE D 21 39.31 -20.22 20.98
N VAL D 22 38.10 -19.86 21.37
CA VAL D 22 37.04 -20.81 21.65
C VAL D 22 35.79 -20.35 20.92
N PRO D 23 34.95 -21.28 20.45
CA PRO D 23 33.71 -20.88 19.75
C PRO D 23 32.52 -20.88 20.68
N ASP D 24 31.40 -20.32 20.19
CA ASP D 24 30.11 -20.44 20.86
C ASP D 24 30.13 -19.88 22.28
N PHE D 25 30.85 -18.77 22.47
CA PHE D 25 30.84 -18.08 23.75
C PHE D 25 29.56 -17.26 23.89
N SER D 26 28.92 -17.35 25.06
CA SER D 26 27.67 -16.64 25.29
C SER D 26 27.60 -16.22 26.76
N LEU D 27 26.76 -15.23 27.04
CA LEU D 27 26.50 -14.86 28.42
C LEU D 27 25.43 -15.73 29.07
N ASP D 28 24.89 -16.71 28.34
CA ASP D 28 23.95 -17.66 28.92
C ASP D 28 24.53 -18.33 30.16
N GLN D 29 25.80 -18.72 30.08
CA GLN D 29 26.43 -19.47 31.16
C GLN D 29 26.36 -18.73 32.50
N PHE D 30 26.30 -17.40 32.46
CA PHE D 30 26.34 -16.64 33.69
C PHE D 30 24.97 -16.39 34.30
N LYS D 31 23.88 -16.65 33.57
CA LYS D 31 22.56 -16.42 34.13
C LYS D 31 22.34 -17.29 35.36
N GLY D 32 21.93 -16.65 36.46
CA GLY D 32 21.73 -17.32 37.73
C GLY D 32 22.98 -17.61 38.53
N LYS D 33 24.17 -17.29 38.00
CA LYS D 33 25.43 -17.65 38.64
C LYS D 33 26.32 -16.45 38.91
N LYS D 34 26.50 -15.56 37.92
CA LYS D 34 27.37 -14.41 38.09
C LYS D 34 26.73 -13.17 37.49
N TYR D 35 27.04 -12.01 38.09
CA TYR D 35 26.84 -10.74 37.42
C TYR D 35 27.83 -10.62 36.27
N VAL D 36 27.56 -9.71 35.34
CA VAL D 36 28.47 -9.51 34.21
C VAL D 36 28.77 -8.03 34.06
N ILE D 37 30.05 -7.69 33.95
CA ILE D 37 30.49 -6.39 33.47
C ILE D 37 30.94 -6.62 32.03
N LEU D 38 30.13 -6.15 31.09
CA LEU D 38 30.39 -6.33 29.67
C LEU D 38 30.79 -4.99 29.07
N PHE D 39 32.00 -4.91 28.52
CA PHE D 39 32.46 -3.65 27.97
C PHE D 39 32.97 -3.82 26.54
N PHE D 40 32.58 -2.86 25.70
CA PHE D 40 32.97 -2.77 24.30
C PHE D 40 34.02 -1.67 24.14
N TYR D 41 34.99 -1.93 23.27
CA TYR D 41 36.01 -0.99 22.82
C TYR D 41 36.10 -1.03 21.30
N PRO D 42 36.62 0.03 20.66
CA PRO D 42 36.58 0.10 19.19
C PRO D 42 37.55 -0.80 18.42
N LYS D 43 38.85 -0.77 18.71
CA LYS D 43 39.81 -1.40 17.81
C LYS D 43 40.96 -2.06 18.57
N ASP D 44 41.28 -3.29 18.18
CA ASP D 44 42.51 -3.93 18.63
C ASP D 44 43.73 -3.12 18.15
N PHE D 45 44.83 -3.22 18.91
CA PHE D 45 46.10 -2.60 18.56
C PHE D 45 46.04 -1.07 18.53
N THR D 46 45.18 -0.47 19.37
CA THR D 46 45.15 0.99 19.46
C THR D 46 45.67 1.47 20.82
N PHE D 47 45.03 2.49 21.40
CA PHE D 47 45.66 3.30 22.44
C PHE D 47 44.96 3.18 23.80
N VAL D 48 43.75 3.73 23.96
CA VAL D 48 43.06 3.62 25.24
C VAL D 48 42.64 2.18 25.51
N CYS D 49 42.27 1.46 24.47
CA CYS D 49 41.72 0.10 24.61
C CYS D 49 42.67 -0.83 25.37
N PRO D 50 43.96 -0.89 25.06
CA PRO D 50 44.84 -1.75 25.88
C PRO D 50 44.92 -1.33 27.34
N THR D 51 44.89 -0.04 27.64
CA THR D 51 44.94 0.34 29.05
C THR D 51 43.69 -0.12 29.78
N GLU D 52 42.52 0.00 29.14
CA GLU D 52 41.31 -0.48 29.78
C GLU D 52 41.32 -2.00 29.95
N LEU D 53 41.75 -2.73 28.91
CA LEU D 53 41.76 -4.19 29.01
C LEU D 53 42.74 -4.66 30.08
N ILE D 54 43.93 -4.08 30.12
CA ILE D 54 44.92 -4.46 31.12
C ILE D 54 44.43 -4.10 32.51
N GLY D 55 43.84 -2.91 32.68
CA GLY D 55 43.33 -2.52 33.99
C GLY D 55 42.22 -3.42 34.49
N PHE D 56 41.32 -3.82 33.59
CA PHE D 56 40.32 -4.81 33.99
C PHE D 56 40.99 -6.12 34.38
N GLN D 57 42.09 -6.47 33.71
CA GLN D 57 42.84 -7.66 34.11
C GLN D 57 43.39 -7.50 35.53
N GLU D 58 43.97 -6.34 35.84
CA GLU D 58 44.61 -6.13 37.15
C GLU D 58 43.60 -6.12 38.29
N ALA D 59 42.38 -5.63 38.04
CA ALA D 59 41.33 -5.58 39.04
C ALA D 59 40.44 -6.81 39.02
N LEU D 60 40.84 -7.85 38.30
CA LEU D 60 39.96 -9.00 38.09
C LEU D 60 39.55 -9.64 39.40
N GLY D 61 40.44 -9.64 40.40
CA GLY D 61 40.09 -10.23 41.68
C GLY D 61 38.98 -9.47 42.39
N GLU D 62 38.98 -8.14 42.28
CA GLU D 62 37.93 -7.33 42.89
C GLU D 62 36.56 -7.69 42.33
N PHE D 63 36.51 -8.08 41.06
CA PHE D 63 35.24 -8.54 40.50
C PHE D 63 34.94 -9.98 40.88
N ASP D 64 35.98 -10.85 40.96
CA ASP D 64 35.76 -12.22 41.39
C ASP D 64 35.10 -12.28 42.76
N LYS D 65 35.63 -11.50 43.71
CA LYS D 65 35.05 -11.49 45.06
C LYS D 65 33.60 -11.04 45.06
N ARG D 66 33.17 -10.27 44.06
CA ARG D 66 31.78 -9.82 43.97
C ARG D 66 30.94 -10.66 43.01
N ASP D 67 31.43 -11.84 42.60
CA ASP D 67 30.67 -12.72 41.70
C ASP D 67 30.39 -12.04 40.37
N VAL D 68 31.37 -11.32 39.84
CA VAL D 68 31.24 -10.57 38.61
C VAL D 68 32.20 -11.14 37.59
N ALA D 69 31.67 -11.55 36.44
CA ALA D 69 32.48 -11.95 35.30
C ALA D 69 32.73 -10.73 34.43
N VAL D 70 33.99 -10.53 34.06
CA VAL D 70 34.37 -9.43 33.18
C VAL D 70 34.46 -9.99 31.76
N VAL D 71 33.76 -9.35 30.82
CA VAL D 71 33.78 -9.76 29.43
C VAL D 71 34.00 -8.52 28.57
N GLY D 72 35.04 -8.55 27.75
CA GLY D 72 35.29 -7.50 26.79
C GLY D 72 34.82 -7.91 25.39
N CYS D 73 34.62 -6.90 24.54
CA CYS D 73 34.12 -7.17 23.20
C CYS D 73 34.50 -6.03 22.27
N SER D 74 34.91 -6.40 21.06
CA SER D 74 35.08 -5.47 19.95
C SER D 74 34.65 -6.17 18.67
N THR D 75 34.58 -5.40 17.58
CA THR D 75 34.20 -5.96 16.29
C THR D 75 35.38 -6.56 15.52
N ASP D 76 36.55 -6.67 16.14
CA ASP D 76 37.68 -7.34 15.52
C ASP D 76 37.51 -8.85 15.57
N SER D 77 38.25 -9.55 14.71
CA SER D 77 38.15 -10.99 14.66
C SER D 77 38.79 -11.63 15.89
N GLU D 78 38.45 -12.90 16.11
CA GLU D 78 39.08 -13.64 17.20
C GLU D 78 40.56 -13.84 16.96
N PHE D 79 41.00 -13.85 15.69
CA PHE D 79 42.42 -13.97 15.41
C PHE D 79 43.17 -12.68 15.71
N SER D 80 42.53 -11.54 15.49
CA SER D 80 43.11 -10.27 15.91
C SER D 80 43.29 -10.23 17.43
N HIS D 81 42.26 -10.67 18.16
CA HIS D 81 42.35 -10.78 19.62
C HIS D 81 43.49 -11.71 20.03
N TRP D 82 43.58 -12.88 19.40
CA TRP D 82 44.61 -13.84 19.74
C TRP D 82 45.99 -13.26 19.49
N ALA D 83 46.18 -12.58 18.36
CA ALA D 83 47.44 -11.90 18.08
C ALA D 83 47.73 -10.83 19.13
N TRP D 84 46.70 -10.16 19.63
CA TRP D 84 46.94 -9.04 20.55
C TRP D 84 47.33 -9.53 21.94
N VAL D 85 46.71 -10.61 22.44
CA VAL D 85 47.10 -11.16 23.73
C VAL D 85 48.46 -11.83 23.69
N ASN D 86 49.01 -12.07 22.50
CA ASN D 86 50.35 -12.60 22.35
C ASN D 86 51.36 -11.51 21.99
N THR D 87 51.00 -10.25 22.20
CA THR D 87 51.90 -9.13 22.02
C THR D 87 52.29 -8.56 23.37
N PRO D 88 53.57 -8.40 23.66
CA PRO D 88 53.98 -7.90 24.98
C PRO D 88 53.50 -6.47 25.20
N ARG D 89 53.19 -6.17 26.47
CA ARG D 89 52.59 -4.88 26.81
C ARG D 89 53.49 -3.71 26.46
N ASP D 90 54.81 -3.88 26.59
CA ASP D 90 55.73 -2.79 26.28
C ASP D 90 55.74 -2.46 24.79
N GLN D 91 55.06 -3.25 23.96
CA GLN D 91 54.90 -2.95 22.55
C GLN D 91 53.45 -2.59 22.20
N GLY D 92 52.65 -2.26 23.19
CA GLY D 92 51.25 -1.95 22.96
C GLY D 92 50.31 -3.12 23.03
N GLY D 93 50.78 -4.29 23.45
CA GLY D 93 49.96 -5.47 23.49
C GLY D 93 49.18 -5.59 24.79
N ILE D 94 48.35 -6.63 24.86
CA ILE D 94 47.51 -6.88 26.02
C ILE D 94 47.82 -8.28 26.54
N GLN D 95 49.10 -8.64 26.51
CA GLN D 95 49.55 -9.93 27.02
C GLN D 95 49.14 -10.08 28.49
N GLY D 96 48.66 -11.27 28.84
CA GLY D 96 48.22 -11.55 30.19
C GLY D 96 46.76 -11.28 30.46
N VAL D 97 46.04 -10.68 29.51
CA VAL D 97 44.60 -10.52 29.66
C VAL D 97 43.95 -11.89 29.46
N SER D 98 43.28 -12.39 30.50
CA SER D 98 42.83 -13.78 30.54
C SER D 98 41.32 -13.96 30.52
N TYR D 99 40.55 -12.91 30.82
CA TYR D 99 39.10 -13.00 30.78
C TYR D 99 38.62 -13.03 29.33
N PRO D 100 37.36 -13.40 29.08
CA PRO D 100 36.90 -13.55 27.70
C PRO D 100 36.86 -12.22 26.96
N ILE D 101 37.42 -12.21 25.75
CA ILE D 101 37.33 -11.08 24.84
C ILE D 101 36.54 -11.55 23.62
N VAL D 102 35.30 -11.10 23.51
CA VAL D 102 34.39 -11.58 22.48
C VAL D 102 34.70 -10.92 21.15
N SER D 103 34.59 -11.68 20.06
CA SER D 103 34.73 -11.15 18.70
C SER D 103 33.35 -10.89 18.11
N ASP D 104 32.99 -9.61 18.00
CA ASP D 104 31.72 -9.21 17.37
C ASP D 104 31.93 -9.03 15.86
N ILE D 105 32.29 -10.15 15.20
CA ILE D 105 32.76 -10.08 13.83
C ILE D 105 31.68 -9.60 12.86
N ASN D 106 30.41 -9.84 13.18
CA ASN D 106 29.32 -9.40 12.33
C ASN D 106 28.75 -8.05 12.73
N LYS D 107 29.24 -7.47 13.84
CA LYS D 107 28.79 -6.20 14.41
C LYS D 107 27.37 -6.27 14.96
N THR D 108 26.78 -7.47 15.04
CA THR D 108 25.41 -7.60 15.54
C THR D 108 25.34 -7.39 17.05
N ILE D 109 26.38 -7.79 17.80
CA ILE D 109 26.36 -7.60 19.25
C ILE D 109 26.35 -6.11 19.59
N SER D 110 27.27 -5.36 18.98
CA SER D 110 27.35 -3.93 19.22
C SER D 110 26.07 -3.23 18.81
N ALA D 111 25.49 -3.65 17.68
CA ALA D 111 24.23 -3.07 17.24
C ALA D 111 23.13 -3.33 18.25
N ASP D 112 22.99 -4.59 18.69
CA ASP D 112 21.94 -4.93 19.65
C ASP D 112 22.12 -4.23 20.98
N TYR D 113 23.36 -3.95 21.37
CA TYR D 113 23.59 -3.24 22.62
C TYR D 113 23.63 -1.73 22.45
N GLY D 114 23.43 -1.21 21.24
CA GLY D 114 23.33 0.22 21.04
C GLY D 114 24.62 0.99 21.20
N VAL D 115 25.76 0.37 20.91
CA VAL D 115 27.06 1.03 21.03
C VAL D 115 27.80 1.13 19.71
N LEU D 116 27.20 0.67 18.60
CA LEU D 116 27.87 0.70 17.31
C LEU D 116 27.87 2.12 16.74
N ALA D 117 29.05 2.62 16.41
CA ALA D 117 29.18 3.94 15.80
C ALA D 117 28.82 3.88 14.32
N GLY D 118 28.82 5.05 13.67
CA GLY D 118 28.56 5.15 12.25
C GLY D 118 27.10 5.36 11.91
N ASP D 119 26.88 5.74 10.64
CA ASP D 119 25.56 6.04 10.10
C ASP D 119 25.41 5.30 8.78
N GLU D 120 24.27 4.62 8.62
CA GLU D 120 23.98 3.81 7.44
C GLU D 120 22.97 4.53 6.57
N GLU D 121 23.36 4.80 5.31
CA GLU D 121 22.49 5.45 4.33
C GLU D 121 22.47 4.64 3.04
N ILE D 122 21.32 4.67 2.36
CA ILE D 122 21.12 3.91 1.13
C ILE D 122 21.01 4.88 -0.04
N ASP D 123 21.62 4.52 -1.16
CA ASP D 123 21.57 5.33 -2.38
C ASP D 123 21.01 4.52 -3.55
N ASN D 127 23.73 1.61 -3.83
CA ASN D 127 24.00 0.68 -2.73
C ASN D 127 23.81 1.33 -1.36
N VAL D 128 24.33 0.64 -0.35
CA VAL D 128 24.29 1.09 1.04
C VAL D 128 25.65 1.69 1.38
N GLU D 129 25.65 2.97 1.72
CA GLU D 129 26.86 3.67 2.14
C GLU D 129 26.82 3.94 3.64
N VAL D 130 28.01 4.02 4.24
CA VAL D 130 28.15 4.17 5.68
C VAL D 130 29.03 5.38 5.94
N ASN D 131 28.53 6.30 6.75
CA ASN D 131 29.32 7.44 7.20
C ASN D 131 30.01 7.08 8.52
N GLY D 132 31.32 7.24 8.55
CA GLY D 132 32.09 6.86 9.72
C GLY D 132 32.43 5.38 9.72
N GLU D 133 32.89 4.92 10.88
CA GLU D 133 33.30 3.54 11.05
C GLU D 133 32.29 2.78 11.90
N LEU D 134 31.92 1.59 11.45
CA LEU D 134 31.05 0.70 12.22
C LEU D 134 31.90 -0.06 13.24
N ILE D 135 32.31 0.66 14.28
CA ILE D 135 33.06 0.08 15.39
C ILE D 135 32.38 0.50 16.69
N ALA D 136 32.71 -0.22 17.75
CA ALA D 136 32.03 -0.02 19.03
C ALA D 136 32.60 1.18 19.79
N TYR D 137 31.71 1.97 20.38
CA TYR D 137 32.13 2.97 21.35
C TYR D 137 32.49 2.31 22.67
N ARG D 138 33.08 3.10 23.58
CA ARG D 138 33.51 2.58 24.88
C ARG D 138 32.27 2.41 25.75
N GLY D 139 31.60 1.28 25.56
CA GLY D 139 30.31 1.02 26.20
C GLY D 139 30.48 0.02 27.33
N LEU D 140 29.75 0.20 28.42
CA LEU D 140 29.86 -0.72 29.54
C LEU D 140 28.49 -0.97 30.13
N PHE D 141 28.22 -2.24 30.43
CA PHE D 141 26.93 -2.67 30.93
C PHE D 141 27.12 -3.56 32.15
N LEU D 142 26.32 -3.31 33.17
CA LEU D 142 26.20 -4.19 34.33
C LEU D 142 24.93 -5.02 34.19
N ILE D 143 25.10 -6.35 34.18
CA ILE D 143 24.00 -7.29 34.00
C ILE D 143 23.89 -8.11 35.28
N ASP D 144 22.68 -8.16 35.86
CA ASP D 144 22.50 -8.88 37.11
C ASP D 144 22.40 -10.39 36.85
N LYS D 145 22.24 -11.16 37.92
CA LYS D 145 22.24 -12.62 37.79
C LYS D 145 21.03 -13.15 37.03
N ASP D 146 19.98 -12.35 36.90
CA ASP D 146 18.83 -12.72 36.10
C ASP D 146 18.98 -12.31 34.64
N GLY D 147 20.10 -11.70 34.26
CA GLY D 147 20.29 -11.26 32.90
C GLY D 147 19.71 -9.91 32.54
N ILE D 148 19.36 -9.09 33.53
CA ILE D 148 18.75 -7.78 33.33
C ILE D 148 19.82 -6.71 33.40
N VAL D 149 19.76 -5.74 32.48
CA VAL D 149 20.70 -4.62 32.49
C VAL D 149 20.28 -3.63 33.56
N ARG D 150 21.21 -3.32 34.46
CA ARG D 150 20.95 -2.40 35.55
C ARG D 150 21.72 -1.09 35.46
N HIS D 151 22.74 -1.04 34.61
CA HIS D 151 23.57 0.16 34.49
C HIS D 151 24.24 0.12 33.13
N GLN D 152 24.30 1.27 32.47
CA GLN D 152 25.04 1.37 31.23
C GLN D 152 25.71 2.72 31.13
N LEU D 153 26.83 2.74 30.40
CA LEU D 153 27.68 3.91 30.27
C LEU D 153 28.38 3.81 28.92
N ILE D 154 28.43 4.91 28.19
CA ILE D 154 29.13 4.96 26.91
C ILE D 154 29.98 6.21 26.88
N ASN D 155 31.26 6.04 26.56
CA ASN D 155 32.20 7.15 26.43
C ASN D 155 32.65 7.26 24.98
N ASP D 156 32.92 8.51 24.59
CA ASP D 156 33.52 8.78 23.29
C ASP D 156 34.89 8.10 23.19
N PHE D 157 35.38 7.95 21.95
CA PHE D 157 36.62 7.22 21.72
C PHE D 157 37.80 7.64 22.59
N PRO D 158 38.12 8.94 22.78
CA PRO D 158 39.32 9.29 23.54
C PRO D 158 39.18 9.28 25.05
N LEU D 159 38.03 8.91 25.61
CA LEU D 159 37.78 9.05 27.04
C LEU D 159 37.74 7.67 27.70
N GLY D 160 38.85 7.26 28.31
CA GLY D 160 38.89 5.99 29.01
C GLY D 160 37.95 5.95 30.20
N ARG D 161 37.55 4.74 30.57
CA ARG D 161 36.58 4.53 31.64
C ARG D 161 37.31 4.35 32.98
N SER D 162 36.56 4.01 34.02
CA SER D 162 37.09 3.90 35.38
C SER D 162 36.64 2.60 36.03
N ILE D 163 37.61 1.81 36.51
CA ILE D 163 37.28 0.58 37.23
C ILE D 163 36.54 0.92 38.53
N ASP D 164 36.90 2.04 39.16
CA ASP D 164 36.29 2.42 40.42
C ASP D 164 34.78 2.62 40.28
N GLU D 165 34.35 3.31 39.23
CA GLU D 165 32.91 3.55 39.06
C GLU D 165 32.18 2.24 38.77
N ALA D 166 32.80 1.33 38.03
CA ALA D 166 32.17 0.03 37.78
C ALA D 166 31.98 -0.74 39.08
N ILE D 167 33.03 -0.79 39.91
CA ILE D 167 32.93 -1.48 41.19
C ILE D 167 31.88 -0.80 42.08
N ARG D 168 31.84 0.54 42.06
CA ARG D 168 30.88 1.25 42.91
C ARG D 168 29.44 0.93 42.49
N VAL D 169 29.16 0.91 41.19
CA VAL D 169 27.81 0.59 40.75
C VAL D 169 27.46 -0.86 41.08
N VAL D 170 28.44 -1.77 40.95
CA VAL D 170 28.21 -3.16 41.35
C VAL D 170 27.85 -3.24 42.82
N ASP D 171 28.60 -2.53 43.67
CA ASP D 171 28.32 -2.55 45.09
C ASP D 171 26.94 -1.99 45.40
N ALA D 172 26.54 -0.93 44.70
CA ALA D 172 25.21 -0.35 44.93
C ALA D 172 24.11 -1.34 44.53
N LEU D 173 24.26 -1.99 43.38
CA LEU D 173 23.26 -2.97 42.96
C LEU D 173 23.14 -4.09 43.98
N GLN D 174 24.29 -4.62 44.43
CA GLN D 174 24.24 -5.73 45.38
C GLN D 174 23.66 -5.28 46.71
N HIS D 175 23.97 -4.05 47.13
CA HIS D 175 23.39 -3.53 48.37
C HIS D 175 21.88 -3.42 48.27
N PHE D 176 21.37 -2.91 47.13
CA PHE D 176 19.93 -2.84 46.97
C PHE D 176 19.31 -4.22 46.94
N GLU D 177 19.98 -5.19 46.32
CA GLU D 177 19.45 -6.56 46.28
C GLU D 177 19.38 -7.16 47.68
N LEU D 178 20.40 -6.88 48.50
CA LEU D 178 20.51 -7.48 49.82
C LEU D 178 19.54 -6.84 50.81
N TYR D 179 19.56 -5.51 50.93
CA TYR D 179 18.88 -4.82 52.01
C TYR D 179 17.61 -4.08 51.60
N GLY D 180 17.29 -4.03 50.31
CA GLY D 180 16.15 -3.24 49.88
C GLY D 180 16.31 -1.74 50.07
N GLU D 181 17.50 -1.30 50.41
CA GLU D 181 17.82 0.11 50.55
C GLU D 181 18.31 0.66 49.22
N VAL D 182 17.81 1.84 48.85
CA VAL D 182 18.29 2.51 47.65
C VAL D 182 19.56 3.28 47.99
N CYS D 183 20.46 3.41 47.02
CA CYS D 183 21.75 4.03 47.27
C CYS D 183 21.74 5.48 46.84
N PRO D 184 21.98 6.42 47.73
CA PRO D 184 21.93 7.84 47.39
C PRO D 184 23.16 8.26 46.59
N LEU D 185 23.20 9.54 46.25
CA LEU D 185 24.30 10.07 45.46
C LEU D 185 25.63 9.85 46.16
N GLY D 186 26.63 9.39 45.41
CA GLY D 186 27.96 9.20 45.95
C GLY D 186 28.12 8.07 46.95
N TRP D 187 27.14 7.17 47.03
CA TRP D 187 27.21 6.07 47.99
C TRP D 187 28.38 5.15 47.66
N HIS D 188 29.06 4.67 48.69
CA HIS D 188 30.09 3.67 48.54
C HIS D 188 29.82 2.55 49.54
N LYS D 189 30.41 1.38 49.27
CA LYS D 189 30.23 0.25 50.17
C LYS D 189 30.69 0.64 51.58
N GLY D 190 29.83 0.42 52.56
CA GLY D 190 30.11 0.77 53.93
C GLY D 190 29.49 2.08 54.37
N GLU D 191 29.07 2.93 53.45
CA GLU D 191 28.44 4.18 53.81
C GLU D 191 26.94 4.00 53.99
N ALA D 192 26.29 5.03 54.50
CA ALA D 192 24.87 4.94 54.81
C ALA D 192 24.02 4.97 53.55
N ALA D 193 23.14 3.99 53.41
CA ALA D 193 22.15 3.98 52.34
C ALA D 193 20.87 4.68 52.80
N MET D 194 19.73 4.29 52.24
CA MET D 194 18.46 4.95 52.50
C MET D 194 17.31 3.98 52.34
N THR D 195 16.33 4.09 53.23
CA THR D 195 15.10 3.33 53.08
C THR D 195 14.17 4.05 52.09
N PRO D 196 13.71 3.36 51.04
CA PRO D 196 12.86 4.03 50.06
C PRO D 196 11.45 4.31 50.56
N SER D 197 11.32 5.32 51.42
CA SER D 197 10.02 5.75 51.92
C SER D 197 10.10 7.22 52.28
N HIS D 198 8.93 7.82 52.49
CA HIS D 198 8.87 9.20 52.94
C HIS D 198 9.75 9.40 54.17
N GLU D 199 9.54 8.54 55.18
CA GLU D 199 10.34 8.60 56.41
C GLU D 199 11.81 8.38 56.11
N GLY D 200 12.11 7.45 55.19
CA GLY D 200 13.50 7.14 54.89
C GLY D 200 14.25 8.32 54.32
N VAL D 201 13.66 9.02 53.34
CA VAL D 201 14.35 10.14 52.74
C VAL D 201 14.41 11.31 53.70
N ALA D 202 13.33 11.55 54.46
CA ALA D 202 13.36 12.63 55.44
C ALA D 202 14.44 12.38 56.49
N SER D 203 14.56 11.14 56.97
CA SER D 203 15.56 10.81 57.97
C SER D 203 16.98 10.90 57.40
N TYR D 204 17.19 10.39 56.18
CA TYR D 204 18.52 10.46 55.58
C TYR D 204 18.95 11.91 55.41
N LEU D 205 18.07 12.76 54.87
CA LEU D 205 18.45 14.15 54.62
C LEU D 205 18.57 14.94 55.93
N SER D 206 17.80 14.58 56.95
CA SER D 206 17.92 15.27 58.25
C SER D 206 19.29 15.04 58.87
N LYS D 207 19.82 13.83 58.74
CA LYS D 207 21.13 13.51 59.30
C LYS D 207 22.24 14.29 58.59
N LEU D 208 22.05 14.64 57.33
CA LEU D 208 23.03 15.46 56.63
C LEU D 208 23.10 16.86 57.25
N GLU D 209 21.97 17.35 57.75
CA GLU D 209 21.88 18.66 58.40
C GLU D 209 22.12 18.59 59.91
N HIS D 210 22.36 17.40 60.45
CA HIS D 210 22.73 17.24 61.85
C HIS D 210 24.22 16.99 62.05
N HIS D 211 24.90 16.46 61.03
CA HIS D 211 26.32 16.16 61.09
C HIS D 211 27.05 16.77 59.90
N MET E 1 -29.35 4.86 -8.18
CA MET E 1 -28.86 3.50 -8.39
C MET E 1 -29.94 2.62 -9.05
N LEU E 2 -29.50 1.52 -9.68
CA LEU E 2 -30.40 0.64 -10.43
C LEU E 2 -30.81 -0.55 -9.56
N LEU E 3 -32.09 -0.57 -9.17
CA LEU E 3 -32.65 -1.65 -8.37
C LEU E 3 -33.57 -2.57 -9.18
N ILE E 4 -33.87 -2.22 -10.44
CA ILE E 4 -34.79 -3.02 -11.25
C ILE E 4 -34.26 -4.44 -11.36
N GLY E 5 -35.12 -5.40 -11.03
CA GLY E 5 -34.75 -6.81 -11.06
C GLY E 5 -34.03 -7.30 -9.83
N LYS E 6 -33.78 -6.43 -8.85
CA LYS E 6 -33.08 -6.79 -7.63
C LYS E 6 -33.97 -6.57 -6.41
N PRO E 7 -33.68 -7.24 -5.30
CA PRO E 7 -34.50 -7.05 -4.10
C PRO E 7 -34.45 -5.63 -3.58
N ALA E 8 -35.61 -5.14 -3.15
CA ALA E 8 -35.67 -3.85 -2.47
C ALA E 8 -34.87 -3.94 -1.17
N PRO E 9 -33.94 -3.03 -0.93
CA PRO E 9 -33.12 -3.12 0.28
C PRO E 9 -33.95 -3.19 1.56
N HIS E 10 -33.51 -4.02 2.49
CA HIS E 10 -34.21 -4.19 3.75
C HIS E 10 -34.00 -2.99 4.65
N PHE E 11 -35.02 -2.68 5.46
CA PHE E 11 -34.87 -1.67 6.51
C PHE E 11 -35.79 -2.02 7.66
N SER E 12 -35.58 -1.33 8.78
CA SER E 12 -36.40 -1.51 9.98
C SER E 12 -36.30 -0.22 10.79
N ALA E 13 -37.36 0.57 10.79
CA ALA E 13 -37.31 1.91 11.33
C ALA E 13 -38.62 2.25 12.02
N ASN E 14 -38.60 3.36 12.75
CA ASN E 14 -39.83 3.91 13.31
C ASN E 14 -40.70 4.46 12.18
N ALA E 15 -42.02 4.38 12.39
CA ALA E 15 -42.98 4.88 11.43
C ALA E 15 -44.20 5.38 12.16
N VAL E 16 -45.05 6.11 11.45
CA VAL E 16 -46.38 6.45 11.93
C VAL E 16 -47.36 5.63 11.12
N VAL E 17 -48.05 4.72 11.79
CA VAL E 17 -49.08 3.88 11.18
C VAL E 17 -50.41 4.24 11.82
N ASN E 18 -51.38 4.59 10.99
CA ASN E 18 -52.70 5.03 11.43
C ASN E 18 -52.58 6.11 12.51
N GLY E 19 -51.67 7.06 12.29
CA GLY E 19 -51.46 8.18 13.18
C GLY E 19 -50.70 7.89 14.46
N THR E 20 -50.19 6.68 14.65
CA THR E 20 -49.50 6.32 15.88
C THR E 20 -48.05 5.92 15.59
N ILE E 21 -47.13 6.39 16.43
CA ILE E 21 -45.72 6.02 16.29
C ILE E 21 -45.53 4.56 16.69
N VAL E 22 -44.93 3.79 15.80
CA VAL E 22 -44.66 2.38 16.00
C VAL E 22 -43.20 2.08 15.66
N PRO E 23 -42.57 1.13 16.34
CA PRO E 23 -41.16 0.81 16.04
C PRO E 23 -41.01 -0.36 15.09
N ASP E 24 -39.79 -0.53 14.57
CA ASP E 24 -39.41 -1.74 13.84
C ASP E 24 -40.31 -2.00 12.63
N PHE E 25 -40.71 -0.94 11.94
CA PHE E 25 -41.49 -1.10 10.72
C PHE E 25 -40.56 -1.53 9.59
N SER E 26 -40.97 -2.57 8.86
CA SER E 26 -40.17 -3.14 7.79
C SER E 26 -41.10 -3.62 6.68
N LEU E 27 -40.54 -3.72 5.48
CA LEU E 27 -41.30 -4.29 4.37
C LEU E 27 -41.26 -5.81 4.34
N ASP E 28 -40.54 -6.44 5.28
CA ASP E 28 -40.54 -7.89 5.39
C ASP E 28 -41.97 -8.44 5.49
N GLN E 29 -42.82 -7.75 6.25
CA GLN E 29 -44.17 -8.24 6.51
C GLN E 29 -44.94 -8.51 5.23
N PHE E 30 -44.60 -7.82 4.14
CA PHE E 30 -45.35 -7.92 2.89
C PHE E 30 -44.83 -9.01 1.95
N LYS E 31 -43.65 -9.58 2.23
CA LYS E 31 -43.08 -10.60 1.35
C LYS E 31 -44.00 -11.81 1.26
N GLY E 32 -44.27 -12.23 0.03
CA GLY E 32 -45.17 -13.34 -0.22
C GLY E 32 -46.65 -13.02 -0.07
N LYS E 33 -46.99 -11.81 0.35
CA LYS E 33 -48.37 -11.46 0.67
C LYS E 33 -48.88 -10.25 -0.10
N LYS E 34 -48.12 -9.17 -0.16
CA LYS E 34 -48.59 -7.95 -0.80
C LYS E 34 -47.48 -7.34 -1.66
N TYR E 35 -47.89 -6.68 -2.74
CA TYR E 35 -47.05 -5.74 -3.44
C TYR E 35 -46.85 -4.50 -2.57
N VAL E 36 -45.83 -3.70 -2.90
CA VAL E 36 -45.56 -2.48 -2.16
C VAL E 36 -45.38 -1.33 -3.15
N ILE E 37 -46.09 -0.23 -2.92
CA ILE E 37 -45.77 1.06 -3.53
C ILE E 37 -45.10 1.89 -2.44
N LEU E 38 -43.78 2.07 -2.57
CA LEU E 38 -42.98 2.79 -1.59
C LEU E 38 -42.55 4.11 -2.21
N PHE E 39 -42.92 5.23 -1.58
CA PHE E 39 -42.57 6.53 -2.14
C PHE E 39 -41.90 7.41 -1.10
N PHE E 40 -40.85 8.10 -1.54
CA PHE E 40 -40.08 9.05 -0.75
C PHE E 40 -40.46 10.46 -1.17
N TYR E 41 -40.53 11.35 -0.18
CA TYR E 41 -40.74 12.78 -0.34
C TYR E 41 -39.71 13.51 0.50
N PRO E 42 -39.39 14.76 0.16
CA PRO E 42 -38.25 15.43 0.82
C PRO E 42 -38.47 15.90 2.25
N LYS E 43 -39.53 16.66 2.54
CA LYS E 43 -39.63 17.34 3.83
C LYS E 43 -41.06 17.39 4.33
N ASP E 44 -41.26 17.06 5.61
CA ASP E 44 -42.53 17.32 6.27
C ASP E 44 -42.82 18.81 6.29
N PHE E 45 -44.10 19.15 6.30
CA PHE E 45 -44.59 20.53 6.41
C PHE E 45 -44.21 21.38 5.20
N THR E 46 -44.10 20.79 4.01
CA THR E 46 -43.82 21.59 2.83
C THR E 46 -45.04 21.61 1.89
N PHE E 47 -44.82 21.53 0.59
CA PHE E 47 -45.81 21.97 -0.39
C PHE E 47 -46.36 20.83 -1.25
N VAL E 48 -45.55 20.25 -2.14
CA VAL E 48 -46.07 19.14 -2.94
C VAL E 48 -46.25 17.89 -2.08
N CYS E 49 -45.39 17.71 -1.08
CA CYS E 49 -45.41 16.49 -0.27
C CYS E 49 -46.76 16.23 0.39
N PRO E 50 -47.41 17.21 1.04
CA PRO E 50 -48.73 16.92 1.61
C PRO E 50 -49.76 16.54 0.57
N THR E 51 -49.74 17.15 -0.62
CA THR E 51 -50.70 16.76 -1.64
C THR E 51 -50.46 15.32 -2.07
N GLU E 52 -49.19 14.92 -2.22
CA GLU E 52 -48.92 13.54 -2.61
C GLU E 52 -49.37 12.56 -1.53
N LEU E 53 -49.07 12.86 -0.27
CA LEU E 53 -49.45 11.95 0.82
C LEU E 53 -50.97 11.86 0.95
N ILE E 54 -51.66 12.99 0.86
CA ILE E 54 -53.11 13.00 0.95
C ILE E 54 -53.73 12.25 -0.23
N GLY E 55 -53.22 12.48 -1.44
CA GLY E 55 -53.75 11.77 -2.59
C GLY E 55 -53.57 10.27 -2.48
N PHE E 56 -52.42 9.83 -1.97
CA PHE E 56 -52.24 8.40 -1.74
C PHE E 56 -53.22 7.88 -0.69
N GLN E 57 -53.52 8.70 0.32
CA GLN E 57 -54.55 8.29 1.28
C GLN E 57 -55.91 8.15 0.60
N GLU E 58 -56.27 9.11 -0.25
CA GLU E 58 -57.59 9.08 -0.89
C GLU E 58 -57.71 7.95 -1.89
N ALA E 59 -56.62 7.57 -2.54
CA ALA E 59 -56.64 6.48 -3.50
C ALA E 59 -56.31 5.13 -2.86
N LEU E 60 -56.33 5.06 -1.53
CA LEU E 60 -55.87 3.86 -0.84
C LEU E 60 -56.69 2.62 -1.22
N GLY E 61 -57.98 2.80 -1.50
CA GLY E 61 -58.81 1.66 -1.86
C GLY E 61 -58.40 1.01 -3.16
N GLU E 62 -57.99 1.80 -4.15
CA GLU E 62 -57.53 1.25 -5.41
C GLU E 62 -56.29 0.37 -5.23
N PHE E 63 -55.45 0.73 -4.26
CA PHE E 63 -54.29 -0.12 -3.99
C PHE E 63 -54.68 -1.34 -3.17
N ASP E 64 -55.63 -1.17 -2.23
CA ASP E 64 -56.11 -2.31 -1.45
C ASP E 64 -56.70 -3.39 -2.35
N LYS E 65 -57.55 -2.99 -3.31
CA LYS E 65 -58.15 -3.96 -4.21
C LYS E 65 -57.09 -4.69 -5.05
N ARG E 66 -55.95 -4.05 -5.28
CA ARG E 66 -54.88 -4.66 -6.07
C ARG E 66 -53.81 -5.32 -5.21
N ASP E 67 -54.08 -5.52 -3.92
CA ASP E 67 -53.16 -6.21 -3.01
C ASP E 67 -51.83 -5.47 -2.90
N VAL E 68 -51.89 -4.14 -2.86
CA VAL E 68 -50.72 -3.28 -2.82
C VAL E 68 -50.75 -2.49 -1.52
N ALA E 69 -49.69 -2.62 -0.72
CA ALA E 69 -49.51 -1.80 0.48
C ALA E 69 -48.78 -0.52 0.10
N VAL E 70 -49.31 0.61 0.56
CA VAL E 70 -48.72 1.93 0.31
C VAL E 70 -47.88 2.33 1.51
N VAL E 71 -46.63 2.69 1.27
CA VAL E 71 -45.72 3.15 2.33
C VAL E 71 -45.02 4.41 1.87
N GLY E 72 -45.12 5.46 2.68
CA GLY E 72 -44.36 6.68 2.46
C GLY E 72 -43.13 6.73 3.34
N CYS E 73 -42.18 7.58 2.95
CA CYS E 73 -40.93 7.68 3.69
C CYS E 73 -40.29 9.04 3.45
N SER E 74 -39.77 9.63 4.53
CA SER E 74 -38.86 10.76 4.42
C SER E 74 -37.83 10.64 5.53
N THR E 75 -36.81 11.49 5.46
CA THR E 75 -35.74 11.46 6.45
C THR E 75 -36.06 12.28 7.70
N ASP E 76 -37.30 12.76 7.82
CA ASP E 76 -37.74 13.43 9.03
C ASP E 76 -37.98 12.42 10.14
N SER E 77 -38.01 12.91 11.38
CA SER E 77 -38.22 12.03 12.52
C SER E 77 -39.67 11.54 12.56
N GLU E 78 -39.87 10.46 13.33
CA GLU E 78 -41.22 9.94 13.52
C GLU E 78 -42.09 10.93 14.28
N PHE E 79 -41.50 11.76 15.14
CA PHE E 79 -42.30 12.75 15.85
C PHE E 79 -42.71 13.89 14.93
N SER E 80 -41.86 14.25 13.97
CA SER E 80 -42.28 15.23 12.98
C SER E 80 -43.45 14.70 12.15
N HIS E 81 -43.38 13.42 11.75
CA HIS E 81 -44.50 12.79 11.06
C HIS E 81 -45.77 12.84 11.90
N TRP E 82 -45.65 12.47 13.17
CA TRP E 82 -46.81 12.44 14.06
C TRP E 82 -47.42 13.82 14.22
N ALA E 83 -46.60 14.84 14.41
CA ALA E 83 -47.10 16.21 14.46
C ALA E 83 -47.80 16.59 13.15
N TRP E 84 -47.31 16.08 12.03
CA TRP E 84 -47.89 16.47 10.74
C TRP E 84 -49.25 15.82 10.51
N VAL E 85 -49.40 14.55 10.90
CA VAL E 85 -50.70 13.91 10.76
C VAL E 85 -51.71 14.43 11.76
N ASN E 86 -51.25 15.17 12.77
CA ASN E 86 -52.14 15.83 13.73
C ASN E 86 -52.36 17.29 13.39
N THR E 87 -52.04 17.69 12.18
CA THR E 87 -52.29 19.04 11.68
C THR E 87 -53.39 18.99 10.64
N PRO E 88 -54.42 19.83 10.75
CA PRO E 88 -55.50 19.79 9.76
C PRO E 88 -55.03 20.17 8.37
N ARG E 89 -55.67 19.59 7.36
CA ARG E 89 -55.23 19.78 5.99
C ARG E 89 -55.32 21.24 5.56
N ASP E 90 -56.33 21.97 6.04
CA ASP E 90 -56.49 23.37 5.68
C ASP E 90 -55.40 24.27 6.23
N GLN E 91 -54.51 23.75 7.07
CA GLN E 91 -53.33 24.47 7.52
C GLN E 91 -52.05 23.88 6.95
N GLY E 92 -52.15 23.06 5.90
CA GLY E 92 -51.01 22.41 5.31
C GLY E 92 -50.67 21.05 5.88
N GLY E 93 -51.51 20.51 6.78
CA GLY E 93 -51.24 19.24 7.41
C GLY E 93 -51.71 18.05 6.59
N ILE E 94 -51.43 16.86 7.12
CA ILE E 94 -51.79 15.62 6.44
C ILE E 94 -52.69 14.79 7.34
N GLN E 95 -53.62 15.46 8.02
CA GLN E 95 -54.60 14.77 8.87
C GLN E 95 -55.38 13.75 8.05
N GLY E 96 -55.54 12.56 8.63
CA GLY E 96 -56.25 11.49 7.96
C GLY E 96 -55.39 10.55 7.14
N VAL E 97 -54.10 10.86 6.94
CA VAL E 97 -53.22 9.93 6.26
C VAL E 97 -52.92 8.78 7.20
N SER E 98 -53.36 7.57 6.83
CA SER E 98 -53.38 6.42 7.73
C SER E 98 -52.43 5.29 7.38
N TYR E 99 -51.93 5.23 6.14
CA TYR E 99 -50.95 4.20 5.78
C TYR E 99 -49.60 4.54 6.43
N PRO E 100 -48.67 3.59 6.49
CA PRO E 100 -47.41 3.85 7.22
C PRO E 100 -46.58 4.93 6.56
N ILE E 101 -46.08 5.86 7.38
CA ILE E 101 -45.13 6.89 6.96
C ILE E 101 -43.84 6.65 7.72
N VAL E 102 -42.82 6.15 7.02
CA VAL E 102 -41.56 5.72 7.64
C VAL E 102 -40.69 6.92 7.96
N SER E 103 -39.99 6.86 9.09
CA SER E 103 -38.99 7.86 9.47
C SER E 103 -37.60 7.33 9.12
N ASP E 104 -37.00 7.88 8.07
CA ASP E 104 -35.63 7.53 7.70
C ASP E 104 -34.64 8.46 8.42
N ILE E 105 -34.63 8.35 9.75
CA ILE E 105 -33.94 9.32 10.58
C ILE E 105 -32.43 9.29 10.33
N ASN E 106 -31.89 8.15 9.92
CA ASN E 106 -30.47 8.01 9.64
C ASN E 106 -30.12 8.23 8.17
N LYS E 107 -31.11 8.46 7.30
CA LYS E 107 -30.94 8.64 5.87
C LYS E 107 -30.41 7.39 5.17
N THR E 108 -30.32 6.25 5.89
CA THR E 108 -29.78 5.04 5.28
C THR E 108 -30.75 4.42 4.29
N ILE E 109 -32.06 4.52 4.53
CA ILE E 109 -33.04 3.98 3.60
C ILE E 109 -32.99 4.74 2.28
N SER E 110 -33.00 6.07 2.36
CA SER E 110 -32.93 6.88 1.15
C SER E 110 -31.65 6.61 0.38
N ALA E 111 -30.53 6.41 1.09
CA ALA E 111 -29.29 6.06 0.41
C ALA E 111 -29.40 4.71 -0.28
N ASP E 112 -29.90 3.69 0.44
CA ASP E 112 -29.98 2.36 -0.13
C ASP E 112 -30.89 2.30 -1.33
N TYR E 113 -31.92 3.14 -1.39
CA TYR E 113 -32.78 3.16 -2.57
C TYR E 113 -32.32 4.15 -3.62
N GLY E 114 -31.23 4.87 -3.37
CA GLY E 114 -30.67 5.77 -4.37
C GLY E 114 -31.46 7.03 -4.64
N VAL E 115 -32.20 7.54 -3.66
CA VAL E 115 -33.00 8.73 -3.83
C VAL E 115 -32.51 9.90 -2.99
N LEU E 116 -31.43 9.74 -2.26
CA LEU E 116 -30.92 10.80 -1.39
C LEU E 116 -30.24 11.86 -2.26
N ALA E 117 -30.70 13.10 -2.14
CA ALA E 117 -30.10 14.24 -2.81
C ALA E 117 -28.81 14.66 -2.11
N GLY E 118 -28.14 15.66 -2.67
CA GLY E 118 -26.94 16.20 -2.07
C GLY E 118 -25.68 15.45 -2.49
N ASP E 119 -24.55 16.07 -2.19
CA ASP E 119 -23.25 15.54 -2.55
C ASP E 119 -22.34 15.57 -1.33
N GLU E 120 -21.67 14.45 -1.06
CA GLU E 120 -20.76 14.31 0.06
C GLU E 120 -19.32 14.29 -0.45
N GLU E 121 -18.49 15.15 0.14
CA GLU E 121 -17.06 15.16 -0.15
C GLU E 121 -16.28 14.87 1.12
N ILE E 122 -15.26 14.02 1.00
CA ILE E 122 -14.44 13.57 2.11
C ILE E 122 -12.99 13.92 1.83
N ASP E 123 -12.25 14.30 2.87
CA ASP E 123 -10.85 14.66 2.75
C ASP E 123 -9.97 13.53 3.27
N GLU E 124 -8.68 13.82 3.50
CA GLU E 124 -7.77 12.81 4.04
C GLU E 124 -8.22 12.38 5.44
N ASP E 125 -8.23 13.32 6.38
CA ASP E 125 -8.56 13.00 7.77
C ASP E 125 -9.96 12.42 7.92
N GLY E 126 -10.82 12.57 6.92
CA GLY E 126 -12.15 12.01 6.95
C GLY E 126 -13.26 12.99 7.26
N ASN E 127 -12.94 14.28 7.41
CA ASN E 127 -13.98 15.28 7.61
C ASN E 127 -14.94 15.24 6.43
N VAL E 128 -16.22 15.06 6.71
CA VAL E 128 -17.25 14.94 5.69
C VAL E 128 -17.96 16.27 5.54
N GLU E 129 -17.86 16.86 4.35
CA GLU E 129 -18.61 18.06 3.99
C GLU E 129 -19.67 17.69 2.97
N VAL E 130 -20.78 18.42 2.98
CA VAL E 130 -21.92 18.10 2.14
C VAL E 130 -22.34 19.35 1.37
N ASN E 131 -22.44 19.22 0.05
CA ASN E 131 -23.03 20.25 -0.79
C ASN E 131 -24.51 19.94 -0.96
N GLY E 132 -25.35 20.92 -0.68
CA GLY E 132 -26.78 20.70 -0.76
C GLY E 132 -27.34 20.04 0.49
N GLU E 133 -28.56 19.55 0.35
CA GLU E 133 -29.28 18.91 1.44
C GLU E 133 -29.37 17.41 1.22
N LEU E 134 -29.05 16.65 2.25
CA LEU E 134 -29.22 15.19 2.21
C LEU E 134 -30.66 14.87 2.58
N ILE E 135 -31.56 15.11 1.61
CA ILE E 135 -32.97 14.78 1.71
C ILE E 135 -33.36 14.00 0.47
N ALA E 136 -34.50 13.31 0.55
CA ALA E 136 -34.92 12.44 -0.53
C ALA E 136 -35.63 13.20 -1.64
N TYR E 137 -35.31 12.86 -2.90
CA TYR E 137 -36.11 13.31 -4.02
C TYR E 137 -37.42 12.53 -4.08
N ARG E 138 -38.33 12.96 -4.96
CA ARG E 138 -39.66 12.35 -5.07
C ARG E 138 -39.54 11.00 -5.77
N GLY E 139 -39.20 9.99 -4.97
CA GLY E 139 -38.89 8.67 -5.51
C GLY E 139 -40.04 7.70 -5.28
N LEU E 140 -40.28 6.82 -6.24
CA LEU E 140 -41.35 5.85 -6.11
C LEU E 140 -40.90 4.50 -6.65
N PHE E 141 -41.19 3.44 -5.92
CA PHE E 141 -40.79 2.08 -6.26
C PHE E 141 -41.97 1.13 -6.15
N LEU E 142 -42.10 0.27 -7.16
CA LEU E 142 -43.04 -0.85 -7.13
C LEU E 142 -42.26 -2.12 -6.81
N ILE E 143 -42.67 -2.79 -5.73
CA ILE E 143 -42.00 -3.98 -5.22
C ILE E 143 -42.99 -5.14 -5.31
N ASP E 144 -42.58 -6.24 -5.96
CA ASP E 144 -43.48 -7.37 -6.13
C ASP E 144 -43.54 -8.21 -4.86
N LYS E 145 -44.31 -9.30 -4.90
CA LYS E 145 -44.51 -10.09 -3.70
C LYS E 145 -43.24 -10.80 -3.25
N ASP E 146 -42.26 -10.93 -4.14
CA ASP E 146 -40.97 -11.49 -3.74
C ASP E 146 -40.00 -10.44 -3.24
N GLY E 147 -40.41 -9.18 -3.17
CA GLY E 147 -39.49 -8.14 -2.74
C GLY E 147 -38.60 -7.62 -3.84
N ILE E 148 -38.92 -7.89 -5.10
CA ILE E 148 -38.12 -7.49 -6.24
C ILE E 148 -38.67 -6.19 -6.80
N VAL E 149 -37.79 -5.24 -7.08
CA VAL E 149 -38.20 -3.96 -7.65
C VAL E 149 -38.50 -4.16 -9.13
N ARG E 150 -39.70 -3.78 -9.56
CA ARG E 150 -40.11 -3.92 -10.95
C ARG E 150 -40.29 -2.60 -11.67
N HIS E 151 -40.36 -1.48 -10.95
CA HIS E 151 -40.56 -0.16 -11.53
C HIS E 151 -40.06 0.88 -10.55
N GLN E 152 -39.38 1.89 -11.06
CA GLN E 152 -38.96 2.98 -10.21
C GLN E 152 -39.01 4.29 -10.97
N LEU E 153 -39.21 5.38 -10.24
CA LEU E 153 -39.40 6.69 -10.81
C LEU E 153 -38.94 7.72 -9.78
N ILE E 154 -38.20 8.73 -10.22
CA ILE E 154 -37.72 9.79 -9.35
C ILE E 154 -38.00 11.13 -10.02
N ASN E 155 -38.63 12.04 -9.28
CA ASN E 155 -38.94 13.38 -9.77
C ASN E 155 -38.19 14.43 -8.96
N ASP E 156 -37.83 15.52 -9.64
CA ASP E 156 -37.30 16.70 -8.98
C ASP E 156 -38.32 17.27 -8.00
N PHE E 157 -37.83 18.08 -7.06
CA PHE E 157 -38.65 18.60 -5.96
C PHE E 157 -39.97 19.23 -6.39
N PRO E 158 -40.04 20.12 -7.39
CA PRO E 158 -41.32 20.79 -7.68
C PRO E 158 -42.28 19.99 -8.54
N LEU E 159 -41.96 18.76 -8.93
CA LEU E 159 -42.78 18.00 -9.87
C LEU E 159 -43.48 16.87 -9.12
N GLY E 160 -44.73 17.09 -8.76
CA GLY E 160 -45.51 16.04 -8.13
C GLY E 160 -45.75 14.85 -9.04
N ARG E 161 -46.01 13.71 -8.41
CA ARG E 161 -46.17 12.45 -9.11
C ARG E 161 -47.64 12.25 -9.51
N SER E 162 -47.96 11.07 -10.03
CA SER E 162 -49.30 10.78 -10.57
C SER E 162 -49.79 9.44 -10.04
N ILE E 163 -50.98 9.43 -9.45
CA ILE E 163 -51.58 8.19 -8.97
C ILE E 163 -51.93 7.26 -10.14
N ASP E 164 -52.39 7.84 -11.25
CA ASP E 164 -52.76 7.03 -12.40
C ASP E 164 -51.57 6.23 -12.93
N GLU E 165 -50.39 6.85 -12.99
CA GLU E 165 -49.23 6.15 -13.52
C GLU E 165 -48.83 4.99 -12.61
N ALA E 166 -48.89 5.19 -11.29
CA ALA E 166 -48.55 4.12 -10.36
C ALA E 166 -49.52 2.95 -10.48
N ILE E 167 -50.82 3.25 -10.52
CA ILE E 167 -51.81 2.18 -10.66
C ILE E 167 -51.64 1.47 -12.00
N ARG E 168 -51.35 2.21 -13.07
CA ARG E 168 -51.17 1.60 -14.38
C ARG E 168 -49.99 0.63 -14.39
N VAL E 169 -48.87 1.03 -13.77
CA VAL E 169 -47.72 0.14 -13.73
C VAL E 169 -48.04 -1.09 -12.89
N VAL E 170 -48.80 -0.91 -11.80
CA VAL E 170 -49.25 -2.06 -11.00
C VAL E 170 -50.05 -3.02 -11.86
N ASP E 171 -51.00 -2.48 -12.65
CA ASP E 171 -51.81 -3.31 -13.52
C ASP E 171 -50.97 -4.05 -14.55
N ALA E 172 -49.96 -3.35 -15.11
CA ALA E 172 -49.10 -3.99 -16.10
C ALA E 172 -48.31 -5.14 -15.48
N LEU E 173 -47.75 -4.92 -14.29
CA LEU E 173 -46.99 -5.97 -13.62
C LEU E 173 -47.88 -7.16 -13.31
N GLN E 174 -49.08 -6.91 -12.78
CA GLN E 174 -49.96 -8.01 -12.42
C GLN E 174 -50.43 -8.77 -13.65
N HIS E 175 -50.68 -8.06 -14.76
CA HIS E 175 -51.07 -8.70 -16.01
C HIS E 175 -49.96 -9.61 -16.53
N PHE E 176 -48.71 -9.11 -16.52
CA PHE E 176 -47.60 -9.95 -16.99
C PHE E 176 -47.41 -11.16 -16.07
N GLU E 177 -47.58 -10.96 -14.76
CA GLU E 177 -47.43 -12.08 -13.82
C GLU E 177 -48.50 -13.13 -14.04
N LEU E 178 -49.73 -12.70 -14.32
CA LEU E 178 -50.84 -13.62 -14.47
C LEU E 178 -50.81 -14.35 -15.81
N TYR E 179 -50.70 -13.62 -16.92
CA TYR E 179 -50.91 -14.19 -18.24
C TYR E 179 -49.63 -14.40 -19.03
N GLY E 180 -48.48 -13.95 -18.54
CA GLY E 180 -47.27 -14.04 -19.33
C GLY E 180 -47.24 -13.17 -20.56
N GLU E 181 -48.21 -12.27 -20.71
CA GLU E 181 -48.24 -11.32 -21.82
C GLU E 181 -47.53 -10.04 -21.41
N VAL E 182 -46.69 -9.53 -22.30
CA VAL E 182 -45.99 -8.28 -22.04
C VAL E 182 -46.92 -7.11 -22.39
N CYS E 183 -46.75 -6.00 -21.68
CA CYS E 183 -47.63 -4.86 -21.82
C CYS E 183 -46.98 -3.81 -22.71
N PRO E 184 -47.58 -3.46 -23.84
CA PRO E 184 -46.98 -2.48 -24.75
C PRO E 184 -47.15 -1.06 -24.24
N LEU E 185 -46.65 -0.11 -25.03
CA LEU E 185 -46.72 1.30 -24.68
C LEU E 185 -48.17 1.75 -24.49
N GLY E 186 -48.43 2.48 -23.41
CA GLY E 186 -49.76 3.01 -23.15
C GLY E 186 -50.81 2.00 -22.77
N TRP E 187 -50.41 0.78 -22.40
CA TRP E 187 -51.36 -0.26 -22.04
C TRP E 187 -52.10 0.09 -20.75
N HIS E 188 -53.40 -0.21 -20.72
CA HIS E 188 -54.20 -0.08 -19.51
C HIS E 188 -54.97 -1.37 -19.30
N LYS E 189 -55.41 -1.61 -18.07
CA LYS E 189 -56.15 -2.82 -17.76
C LYS E 189 -57.39 -2.91 -18.64
N GLY E 190 -57.55 -4.04 -19.32
CA GLY E 190 -58.62 -4.25 -20.27
C GLY E 190 -58.23 -4.06 -21.73
N GLU E 191 -57.10 -3.41 -21.99
CA GLU E 191 -56.66 -3.23 -23.37
C GLU E 191 -55.84 -4.44 -23.83
N ALA E 192 -55.54 -4.47 -25.13
CA ALA E 192 -54.84 -5.61 -25.70
C ALA E 192 -53.37 -5.60 -25.31
N ALA E 193 -52.91 -6.71 -24.73
CA ALA E 193 -51.50 -6.92 -24.43
C ALA E 193 -50.79 -7.58 -25.61
N MET E 194 -49.72 -8.33 -25.33
CA MET E 194 -48.93 -8.91 -26.40
C MET E 194 -48.24 -10.19 -25.93
N THR E 195 -48.21 -11.17 -26.82
CA THR E 195 -47.41 -12.37 -26.58
C THR E 195 -45.95 -12.09 -26.91
N PRO E 196 -45.02 -12.35 -25.99
CA PRO E 196 -43.59 -12.06 -26.24
C PRO E 196 -42.93 -13.08 -27.18
N SER E 197 -43.23 -12.95 -28.47
CA SER E 197 -42.67 -13.81 -29.50
C SER E 197 -42.66 -13.06 -30.82
N HIS E 198 -41.91 -13.59 -31.79
CA HIS E 198 -41.90 -12.99 -33.12
C HIS E 198 -43.32 -12.85 -33.68
N GLU E 199 -44.08 -13.95 -33.69
CA GLU E 199 -45.46 -13.88 -34.18
C GLU E 199 -46.30 -12.95 -33.32
N GLY E 200 -46.08 -12.97 -32.00
CA GLY E 200 -46.88 -12.13 -31.12
C GLY E 200 -46.74 -10.66 -31.42
N VAL E 201 -45.50 -10.19 -31.57
CA VAL E 201 -45.27 -8.77 -31.82
C VAL E 201 -45.69 -8.41 -33.24
N ALA E 202 -45.42 -9.28 -34.22
CA ALA E 202 -45.86 -8.99 -35.59
C ALA E 202 -47.38 -8.89 -35.67
N SER E 203 -48.09 -9.80 -35.00
CA SER E 203 -49.54 -9.80 -35.01
C SER E 203 -50.10 -8.57 -34.27
N TYR E 204 -49.52 -8.23 -33.11
CA TYR E 204 -49.97 -7.06 -32.38
C TYR E 204 -49.79 -5.79 -33.21
N LEU E 205 -48.63 -5.64 -33.84
CA LEU E 205 -48.37 -4.42 -34.59
C LEU E 205 -49.21 -4.36 -35.87
N SER E 206 -49.55 -5.50 -36.45
CA SER E 206 -50.38 -5.50 -37.66
C SER E 206 -51.77 -4.94 -37.39
N LYS E 207 -52.34 -5.25 -36.21
CA LYS E 207 -53.69 -4.78 -35.87
C LYS E 207 -53.76 -3.26 -35.71
N LEU E 208 -52.68 -2.61 -35.30
CA LEU E 208 -52.69 -1.15 -35.15
C LEU E 208 -52.83 -0.44 -36.50
N MET F 1 -27.65 5.11 -11.30
CA MET F 1 -27.11 6.39 -10.84
C MET F 1 -28.24 7.39 -10.61
N LEU F 2 -28.03 8.35 -9.71
CA LEU F 2 -29.03 9.37 -9.40
C LEU F 2 -28.65 10.62 -10.19
N LEU F 3 -29.45 10.94 -11.20
CA LEU F 3 -29.16 12.08 -12.05
C LEU F 3 -30.03 13.29 -11.80
N ILE F 4 -31.07 13.18 -10.95
CA ILE F 4 -31.96 14.30 -10.72
C ILE F 4 -31.15 15.48 -10.18
N GLY F 5 -31.31 16.63 -10.84
CA GLY F 5 -30.59 17.83 -10.47
C GLY F 5 -29.18 17.92 -11.00
N LYS F 6 -28.72 16.91 -11.74
CA LYS F 6 -27.37 16.84 -12.28
C LYS F 6 -27.44 16.86 -13.80
N PRO F 7 -26.36 17.27 -14.46
CA PRO F 7 -26.37 17.28 -15.93
C PRO F 7 -26.50 15.88 -16.51
N ALA F 8 -27.29 15.77 -17.58
CA ALA F 8 -27.37 14.53 -18.32
C ALA F 8 -25.99 14.21 -18.89
N PRO F 9 -25.45 13.02 -18.65
CA PRO F 9 -24.09 12.71 -19.12
C PRO F 9 -23.94 12.90 -20.62
N HIS F 10 -22.81 13.48 -21.02
CA HIS F 10 -22.51 13.71 -22.43
C HIS F 10 -22.17 12.40 -23.15
N PHE F 11 -22.54 12.34 -24.42
CA PHE F 11 -22.11 11.22 -25.26
C PHE F 11 -22.01 11.68 -26.71
N SER F 12 -21.43 10.81 -27.53
CA SER F 12 -21.33 11.09 -28.96
C SER F 12 -21.20 9.74 -29.66
N ALA F 13 -22.25 9.34 -30.36
CA ALA F 13 -22.32 8.01 -30.92
C ALA F 13 -22.98 8.07 -32.29
N ASN F 14 -22.87 6.96 -33.02
CA ASN F 14 -23.62 6.80 -34.25
C ASN F 14 -25.10 6.68 -33.93
N ALA F 15 -25.93 7.15 -34.86
CA ALA F 15 -27.38 7.06 -34.68
C ALA F 15 -28.04 6.89 -36.03
N VAL F 16 -29.32 6.53 -36.00
CA VAL F 16 -30.18 6.56 -37.17
C VAL F 16 -31.15 7.72 -36.98
N VAL F 17 -31.01 8.73 -37.84
CA VAL F 17 -31.87 9.89 -37.84
C VAL F 17 -32.63 9.90 -39.16
N ASN F 18 -33.95 9.91 -39.08
CA ASN F 18 -34.80 9.85 -40.26
C ASN F 18 -34.39 8.71 -41.18
N GLY F 19 -34.11 7.55 -40.58
CA GLY F 19 -33.76 6.36 -41.34
C GLY F 19 -32.36 6.32 -41.91
N THR F 20 -31.50 7.30 -41.61
CA THR F 20 -30.16 7.33 -42.16
C THR F 20 -29.12 7.27 -41.04
N ILE F 21 -28.08 6.45 -41.23
CA ILE F 21 -27.01 6.38 -40.25
C ILE F 21 -26.15 7.63 -40.34
N VAL F 22 -25.98 8.30 -39.20
CA VAL F 22 -25.17 9.53 -39.10
C VAL F 22 -24.21 9.39 -37.93
N PRO F 23 -23.04 10.01 -38.00
CA PRO F 23 -22.09 9.92 -36.88
C PRO F 23 -22.16 11.10 -35.93
N ASP F 24 -21.50 10.96 -34.78
CA ASP F 24 -21.26 12.05 -33.85
C ASP F 24 -22.55 12.68 -33.34
N PHE F 25 -23.57 11.86 -33.10
CA PHE F 25 -24.81 12.37 -32.52
C PHE F 25 -24.63 12.60 -31.02
N SER F 26 -25.08 13.77 -30.56
CA SER F 26 -24.94 14.15 -29.15
C SER F 26 -26.16 14.99 -28.77
N LEU F 27 -26.44 15.06 -27.48
CA LEU F 27 -27.48 15.95 -26.99
C LEU F 27 -26.99 17.38 -26.79
N ASP F 28 -25.71 17.65 -27.04
CA ASP F 28 -25.20 19.01 -26.95
C ASP F 28 -26.00 19.96 -27.84
N GLN F 29 -26.36 19.49 -29.05
CA GLN F 29 -27.06 20.33 -30.00
C GLN F 29 -28.34 20.92 -29.42
N PHE F 30 -28.95 20.24 -28.44
CA PHE F 30 -30.21 20.70 -27.88
C PHE F 30 -30.04 21.63 -26.69
N LYS F 31 -28.84 21.70 -26.14
CA LYS F 31 -28.61 22.56 -24.97
C LYS F 31 -28.89 24.01 -25.33
N GLY F 32 -29.70 24.66 -24.52
CA GLY F 32 -30.13 26.02 -24.76
C GLY F 32 -31.24 26.19 -25.78
N LYS F 33 -31.70 25.11 -26.42
CA LYS F 33 -32.71 25.22 -27.46
C LYS F 33 -33.94 24.36 -27.21
N LYS F 34 -33.77 23.09 -26.85
CA LYS F 34 -34.91 22.19 -26.68
C LYS F 34 -34.76 21.36 -25.42
N TYR F 35 -35.89 21.01 -24.83
CA TYR F 35 -35.93 19.92 -23.87
C TYR F 35 -35.67 18.61 -24.58
N VAL F 36 -35.29 17.59 -23.81
CA VAL F 36 -34.99 16.27 -24.37
C VAL F 36 -35.73 15.22 -23.56
N ILE F 37 -36.45 14.35 -24.25
CA ILE F 37 -36.91 13.10 -23.66
C ILE F 37 -36.08 11.98 -24.27
N LEU F 38 -35.21 11.40 -23.46
CA LEU F 38 -34.30 10.34 -23.86
C LEU F 38 -34.77 9.04 -23.25
N PHE F 39 -35.07 8.04 -24.08
CA PHE F 39 -35.54 6.76 -23.57
C PHE F 39 -34.71 5.61 -24.13
N PHE F 40 -34.39 4.66 -23.24
CA PHE F 40 -33.66 3.43 -23.52
C PHE F 40 -34.63 2.26 -23.54
N TYR F 41 -34.38 1.33 -24.47
CA TYR F 41 -35.04 0.04 -24.61
C TYR F 41 -33.98 -1.04 -24.78
N PRO F 42 -34.31 -2.31 -24.46
CA PRO F 42 -33.27 -3.34 -24.44
C PRO F 42 -32.76 -3.85 -25.80
N LYS F 43 -33.62 -4.25 -26.72
CA LYS F 43 -33.14 -4.97 -27.90
C LYS F 43 -33.95 -4.62 -29.14
N ASP F 44 -33.26 -4.37 -30.25
CA ASP F 44 -33.92 -4.29 -31.54
C ASP F 44 -34.57 -5.62 -31.89
N PHE F 45 -35.65 -5.55 -32.67
CA PHE F 45 -36.36 -6.72 -33.19
C PHE F 45 -37.02 -7.54 -32.10
N THR F 46 -37.47 -6.88 -31.02
CA THR F 46 -38.21 -7.60 -30.00
C THR F 46 -39.67 -7.16 -29.97
N PHE F 47 -40.25 -7.03 -28.77
CA PHE F 47 -41.70 -7.05 -28.60
C PHE F 47 -42.25 -5.72 -28.08
N VAL F 48 -41.97 -5.35 -26.82
CA VAL F 48 -42.47 -4.07 -26.32
C VAL F 48 -41.73 -2.91 -26.98
N CYS F 49 -40.44 -3.09 -27.28
CA CYS F 49 -39.62 -2.00 -27.80
C CYS F 49 -40.18 -1.40 -29.09
N PRO F 50 -40.60 -2.18 -30.09
CA PRO F 50 -41.19 -1.53 -31.28
C PRO F 50 -42.45 -0.75 -30.96
N THR F 51 -43.30 -1.22 -30.04
CA THR F 51 -44.50 -0.45 -29.71
C THR F 51 -44.14 0.88 -29.06
N GLU F 52 -43.13 0.88 -28.18
CA GLU F 52 -42.71 2.14 -27.57
C GLU F 52 -42.14 3.10 -28.61
N LEU F 53 -41.27 2.59 -29.49
CA LEU F 53 -40.67 3.46 -30.51
C LEU F 53 -41.71 4.00 -31.47
N ILE F 54 -42.62 3.14 -31.94
CA ILE F 54 -43.65 3.56 -32.87
C ILE F 54 -44.59 4.57 -32.22
N GLY F 55 -45.01 4.31 -30.97
CA GLY F 55 -45.88 5.25 -30.29
C GLY F 55 -45.23 6.60 -30.07
N PHE F 56 -43.94 6.60 -29.73
CA PHE F 56 -43.23 7.88 -29.63
C PHE F 56 -43.18 8.58 -30.98
N GLN F 57 -43.08 7.82 -32.07
CA GLN F 57 -43.17 8.44 -33.39
C GLN F 57 -44.54 9.08 -33.59
N GLU F 58 -45.60 8.40 -33.17
CA GLU F 58 -46.94 8.93 -33.39
C GLU F 58 -47.19 10.18 -32.58
N ALA F 59 -46.61 10.29 -31.39
CA ALA F 59 -46.81 11.44 -30.54
C ALA F 59 -45.77 12.53 -30.76
N LEU F 60 -44.97 12.42 -31.83
CA LEU F 60 -43.84 13.32 -32.01
C LEU F 60 -44.30 14.78 -32.11
N GLY F 61 -45.47 15.03 -32.68
CA GLY F 61 -45.96 16.39 -32.77
C GLY F 61 -46.28 17.01 -31.43
N GLU F 62 -46.83 16.21 -30.50
CA GLU F 62 -47.11 16.73 -29.16
C GLU F 62 -45.85 17.17 -28.44
N PHE F 63 -44.73 16.49 -28.70
CA PHE F 63 -43.45 16.88 -28.11
C PHE F 63 -42.85 18.07 -28.86
N ASP F 64 -43.03 18.12 -30.19
CA ASP F 64 -42.56 19.28 -30.96
C ASP F 64 -43.22 20.56 -30.47
N LYS F 65 -44.54 20.52 -30.28
CA LYS F 65 -45.26 21.70 -29.80
C LYS F 65 -44.74 22.18 -28.46
N ARG F 66 -44.16 21.27 -27.67
CA ARG F 66 -43.64 21.58 -26.35
C ARG F 66 -42.13 21.80 -26.35
N ASP F 67 -41.53 21.96 -27.54
CA ASP F 67 -40.09 22.20 -27.67
C ASP F 67 -39.26 21.04 -27.11
N VAL F 68 -39.73 19.81 -27.34
CA VAL F 68 -39.11 18.60 -26.81
C VAL F 68 -38.61 17.74 -27.95
N ALA F 69 -37.31 17.44 -27.95
CA ALA F 69 -36.72 16.48 -28.87
C ALA F 69 -36.78 15.09 -28.24
N VAL F 70 -37.27 14.12 -29.00
CA VAL F 70 -37.36 12.73 -28.58
C VAL F 70 -36.18 11.96 -29.13
N VAL F 71 -35.47 11.24 -28.26
CA VAL F 71 -34.31 10.44 -28.65
C VAL F 71 -34.42 9.06 -28.00
N GLY F 72 -34.37 8.01 -28.82
CA GLY F 72 -34.31 6.66 -28.33
C GLY F 72 -32.89 6.13 -28.32
N CYS F 73 -32.66 5.06 -27.55
CA CYS F 73 -31.31 4.51 -27.44
C CYS F 73 -31.38 3.05 -27.01
N SER F 74 -30.54 2.22 -27.62
CA SER F 74 -30.26 0.87 -27.15
C SER F 74 -28.80 0.57 -27.41
N THR F 75 -28.31 -0.54 -26.86
CA THR F 75 -26.91 -0.92 -27.05
C THR F 75 -26.70 -1.71 -28.33
N ASP F 76 -27.71 -1.78 -29.20
CA ASP F 76 -27.55 -2.38 -30.52
C ASP F 76 -26.75 -1.45 -31.42
N SER F 77 -26.20 -2.01 -32.49
CA SER F 77 -25.43 -1.21 -33.44
C SER F 77 -26.35 -0.30 -34.26
N GLU F 78 -25.74 0.68 -34.92
CA GLU F 78 -26.50 1.55 -35.81
C GLU F 78 -27.02 0.80 -37.03
N PHE F 79 -26.34 -0.27 -37.45
CA PHE F 79 -26.85 -1.04 -38.57
C PHE F 79 -28.07 -1.88 -38.19
N SER F 80 -28.11 -2.41 -36.96
CA SER F 80 -29.35 -3.06 -36.52
C SER F 80 -30.50 -2.07 -36.48
N HIS F 81 -30.24 -0.85 -35.97
CA HIS F 81 -31.26 0.19 -35.99
C HIS F 81 -31.73 0.45 -37.42
N TRP F 82 -30.79 0.62 -38.35
CA TRP F 82 -31.12 0.92 -39.73
C TRP F 82 -31.93 -0.22 -40.37
N ALA F 83 -31.52 -1.46 -40.14
CA ALA F 83 -32.31 -2.58 -40.64
C ALA F 83 -33.71 -2.57 -40.05
N TRP F 84 -33.83 -2.15 -38.79
CA TRP F 84 -35.12 -2.21 -38.13
C TRP F 84 -36.07 -1.13 -38.66
N VAL F 85 -35.55 0.07 -38.91
CA VAL F 85 -36.41 1.12 -39.49
C VAL F 85 -36.76 0.84 -40.94
N ASN F 86 -36.09 -0.13 -41.56
CA ASN F 86 -36.41 -0.59 -42.90
C ASN F 86 -37.20 -1.89 -42.89
N THR F 87 -37.76 -2.26 -41.74
CA THR F 87 -38.62 -3.42 -41.59
C THR F 87 -40.05 -2.96 -41.40
N PRO F 88 -41.01 -3.47 -42.17
CA PRO F 88 -42.39 -3.00 -42.03
C PRO F 88 -42.98 -3.34 -40.66
N ARG F 89 -43.85 -2.44 -40.17
CA ARG F 89 -44.42 -2.60 -38.85
C ARG F 89 -45.22 -3.88 -38.72
N ASP F 90 -45.91 -4.29 -39.78
CA ASP F 90 -46.71 -5.51 -39.72
C ASP F 90 -45.86 -6.77 -39.62
N GLN F 91 -44.53 -6.64 -39.71
CA GLN F 91 -43.60 -7.74 -39.46
C GLN F 91 -42.81 -7.53 -38.17
N GLY F 92 -43.25 -6.61 -37.32
CA GLY F 92 -42.53 -6.30 -36.11
C GLY F 92 -41.51 -5.18 -36.24
N GLY F 93 -41.46 -4.51 -37.39
CA GLY F 93 -40.47 -3.47 -37.61
C GLY F 93 -40.92 -2.13 -37.08
N ILE F 94 -40.02 -1.15 -37.24
CA ILE F 94 -40.29 0.21 -36.77
C ILE F 94 -40.16 1.16 -37.95
N GLN F 95 -40.66 0.73 -39.11
CA GLN F 95 -40.67 1.60 -40.28
C GLN F 95 -41.42 2.89 -39.96
N GLY F 96 -40.88 4.01 -40.39
CA GLY F 96 -41.48 5.30 -40.14
C GLY F 96 -41.03 6.02 -38.89
N VAL F 97 -40.26 5.37 -38.02
CA VAL F 97 -39.68 6.06 -36.88
C VAL F 97 -38.55 6.95 -37.37
N SER F 98 -38.69 8.26 -37.17
CA SER F 98 -37.83 9.25 -37.81
C SER F 98 -36.96 10.04 -36.86
N TYR F 99 -37.27 10.07 -35.56
CA TYR F 99 -36.44 10.78 -34.60
C TYR F 99 -35.14 9.99 -34.39
N PRO F 100 -34.12 10.60 -33.78
CA PRO F 100 -32.83 9.91 -33.64
C PRO F 100 -32.94 8.68 -32.73
N ILE F 101 -32.34 7.58 -33.20
CA ILE F 101 -32.18 6.36 -32.41
C ILE F 101 -30.69 6.12 -32.25
N VAL F 102 -30.18 6.32 -31.05
CA VAL F 102 -28.75 6.25 -30.78
C VAL F 102 -28.31 4.80 -30.63
N SER F 103 -27.11 4.50 -31.14
CA SER F 103 -26.48 3.20 -30.97
C SER F 103 -25.45 3.30 -29.84
N ASP F 104 -25.78 2.75 -28.67
CA ASP F 104 -24.86 2.72 -27.53
C ASP F 104 -24.00 1.45 -27.61
N ILE F 105 -23.21 1.38 -28.69
CA ILE F 105 -22.54 0.14 -29.04
C ILE F 105 -21.47 -0.22 -28.00
N ASN F 106 -20.93 0.77 -27.28
CA ASN F 106 -19.96 0.48 -26.24
C ASN F 106 -20.60 0.29 -24.87
N LYS F 107 -21.92 0.45 -24.77
CA LYS F 107 -22.68 0.34 -23.53
C LYS F 107 -22.31 1.42 -22.53
N THR F 108 -21.52 2.41 -22.93
CA THR F 108 -21.11 3.46 -22.00
C THR F 108 -22.24 4.42 -21.69
N ILE F 109 -23.15 4.67 -22.64
CA ILE F 109 -24.26 5.58 -22.38
C ILE F 109 -25.20 4.98 -21.34
N SER F 110 -25.61 3.73 -21.55
CA SER F 110 -26.51 3.08 -20.59
C SER F 110 -25.86 3.00 -19.22
N ALA F 111 -24.55 2.77 -19.18
CA ALA F 111 -23.84 2.76 -17.91
C ALA F 111 -23.90 4.13 -17.26
N ASP F 112 -23.61 5.20 -18.02
CA ASP F 112 -23.59 6.55 -17.47
C ASP F 112 -24.95 7.01 -16.98
N TYR F 113 -26.03 6.53 -17.60
CA TYR F 113 -27.39 6.89 -17.19
C TYR F 113 -28.00 5.92 -16.19
N GLY F 114 -27.26 4.89 -15.76
CA GLY F 114 -27.73 4.01 -14.73
C GLY F 114 -28.87 3.09 -15.14
N VAL F 115 -28.95 2.72 -16.42
CA VAL F 115 -30.01 1.86 -16.92
C VAL F 115 -29.50 0.52 -17.42
N LEU F 116 -28.20 0.26 -17.32
CA LEU F 116 -27.61 -0.97 -17.82
C LEU F 116 -27.88 -2.12 -16.85
N ALA F 117 -28.48 -3.21 -17.37
CA ALA F 117 -28.71 -4.39 -16.55
C ALA F 117 -27.40 -5.17 -16.38
N GLY F 118 -27.45 -6.23 -15.58
CA GLY F 118 -26.30 -7.09 -15.40
C GLY F 118 -25.35 -6.62 -14.31
N ASP F 119 -24.42 -7.52 -13.97
CA ASP F 119 -23.40 -7.27 -12.95
C ASP F 119 -22.04 -7.72 -13.48
N GLU F 120 -21.02 -6.90 -13.28
CA GLU F 120 -19.66 -7.24 -13.70
C GLU F 120 -18.81 -7.57 -12.48
N GLU F 121 -17.97 -8.60 -12.61
CA GLU F 121 -17.14 -9.09 -11.51
C GLU F 121 -15.79 -9.55 -12.04
N ILE F 122 -14.76 -9.42 -11.21
CA ILE F 122 -13.41 -9.86 -11.54
C ILE F 122 -13.06 -11.06 -10.68
N ASP F 123 -12.42 -12.06 -11.28
CA ASP F 123 -12.07 -13.30 -10.60
C ASP F 123 -10.68 -13.19 -9.99
N GLU F 124 -10.26 -14.29 -9.34
CA GLU F 124 -8.84 -14.46 -9.01
C GLU F 124 -8.03 -14.77 -10.25
N ASP F 125 -8.66 -15.40 -11.24
CA ASP F 125 -8.11 -15.59 -12.58
C ASP F 125 -8.04 -14.30 -13.38
N GLY F 126 -8.36 -13.17 -12.73
CA GLY F 126 -8.31 -11.88 -13.35
C GLY F 126 -9.32 -11.63 -14.44
N ASN F 127 -10.02 -12.66 -14.93
CA ASN F 127 -10.96 -12.44 -16.02
C ASN F 127 -12.18 -11.67 -15.52
N VAL F 128 -12.90 -11.07 -16.46
CA VAL F 128 -14.12 -10.33 -16.17
C VAL F 128 -15.30 -11.18 -16.57
N GLU F 129 -16.12 -11.55 -15.59
CA GLU F 129 -17.34 -12.28 -15.84
C GLU F 129 -18.54 -11.38 -15.59
N VAL F 130 -19.62 -11.67 -16.28
CA VAL F 130 -20.82 -10.85 -16.26
C VAL F 130 -22.01 -11.74 -15.94
N ASN F 131 -22.75 -11.36 -14.91
CA ASN F 131 -24.01 -12.01 -14.57
C ASN F 131 -25.14 -11.27 -15.27
N GLY F 132 -25.93 -12.00 -16.04
CA GLY F 132 -27.01 -11.40 -16.81
C GLY F 132 -26.53 -10.81 -18.12
N GLU F 133 -27.41 -10.03 -18.74
CA GLU F 133 -27.15 -9.39 -20.01
C GLU F 133 -26.91 -7.91 -19.80
N LEU F 134 -25.83 -7.39 -20.39
CA LEU F 134 -25.54 -5.95 -20.34
C LEU F 134 -26.34 -5.25 -21.44
N ILE F 135 -27.63 -5.09 -21.17
CA ILE F 135 -28.55 -4.35 -22.03
C ILE F 135 -29.30 -3.34 -21.18
N ALA F 136 -29.92 -2.38 -21.85
CA ALA F 136 -30.60 -1.28 -21.15
C ALA F 136 -31.99 -1.71 -20.71
N TYR F 137 -32.35 -1.34 -19.47
CA TYR F 137 -33.73 -1.44 -19.05
C TYR F 137 -34.54 -0.30 -19.69
N ARG F 138 -35.87 -0.35 -19.51
CA ARG F 138 -36.76 0.65 -20.12
C ARG F 138 -36.64 1.94 -19.31
N GLY F 139 -35.61 2.72 -19.65
CA GLY F 139 -35.26 3.90 -18.88
C GLY F 139 -35.68 5.17 -19.62
N LEU F 140 -36.13 6.17 -18.85
CA LEU F 140 -36.59 7.40 -19.49
C LEU F 140 -36.15 8.61 -18.68
N PHE F 141 -35.66 9.63 -19.38
CA PHE F 141 -35.13 10.83 -18.75
C PHE F 141 -35.69 12.09 -19.41
N LEU F 142 -36.11 13.04 -18.58
CA LEU F 142 -36.48 14.38 -19.02
C LEU F 142 -35.33 15.33 -18.71
N ILE F 143 -34.81 15.99 -19.75
CA ILE F 143 -33.67 16.89 -19.65
C ILE F 143 -34.14 18.28 -20.03
N ASP F 144 -33.87 19.26 -19.18
CA ASP F 144 -34.30 20.61 -19.47
C ASP F 144 -33.32 21.25 -20.47
N LYS F 145 -33.60 22.51 -20.84
CA LYS F 145 -32.79 23.17 -21.86
C LYS F 145 -31.37 23.47 -21.40
N ASP F 146 -31.11 23.47 -20.09
CA ASP F 146 -29.76 23.58 -19.57
C ASP F 146 -29.04 22.24 -19.44
N GLY F 147 -29.69 21.14 -19.83
CA GLY F 147 -29.04 19.85 -19.72
C GLY F 147 -29.14 19.17 -18.37
N ILE F 148 -30.05 19.61 -17.50
CA ILE F 148 -30.20 19.04 -16.17
C ILE F 148 -31.34 18.03 -16.20
N VAL F 149 -31.12 16.87 -15.59
CA VAL F 149 -32.15 15.84 -15.52
C VAL F 149 -33.17 16.24 -14.46
N ARG F 150 -34.45 16.28 -14.84
CA ARG F 150 -35.52 16.68 -13.94
C ARG F 150 -36.47 15.54 -13.60
N HIS F 151 -36.44 14.44 -14.35
CA HIS F 151 -37.34 13.31 -14.10
C HIS F 151 -36.74 12.07 -14.71
N GLN F 152 -36.83 10.96 -14.00
CA GLN F 152 -36.34 9.69 -14.52
C GLN F 152 -37.25 8.55 -14.07
N LEU F 153 -37.28 7.52 -14.89
CA LEU F 153 -38.17 6.39 -14.73
C LEU F 153 -37.51 5.19 -15.41
N ILE F 154 -37.53 4.05 -14.73
CA ILE F 154 -36.99 2.81 -15.27
C ILE F 154 -38.00 1.70 -15.01
N ASN F 155 -38.35 0.95 -16.06
CA ASN F 155 -39.28 -0.14 -15.98
C ASN F 155 -38.58 -1.46 -16.27
N ASP F 156 -39.05 -2.52 -15.62
CA ASP F 156 -38.60 -3.86 -15.96
C ASP F 156 -38.95 -4.15 -17.41
N PHE F 157 -38.27 -5.15 -17.98
CA PHE F 157 -38.41 -5.48 -19.39
C PHE F 157 -39.86 -5.62 -19.88
N PRO F 158 -40.76 -6.33 -19.18
CA PRO F 158 -42.10 -6.52 -19.73
C PRO F 158 -43.09 -5.38 -19.50
N LEU F 159 -42.69 -4.26 -18.90
CA LEU F 159 -43.64 -3.21 -18.54
C LEU F 159 -43.41 -2.00 -19.43
N GLY F 160 -44.22 -1.88 -20.48
CA GLY F 160 -44.13 -0.72 -21.35
C GLY F 160 -44.48 0.57 -20.63
N ARG F 161 -43.95 1.66 -21.17
CA ARG F 161 -44.06 2.98 -20.57
C ARG F 161 -45.31 3.70 -21.09
N SER F 162 -45.46 4.97 -20.74
CA SER F 162 -46.65 5.76 -21.03
C SER F 162 -46.26 7.10 -21.63
N ILE F 163 -46.78 7.39 -22.82
CA ILE F 163 -46.54 8.69 -23.45
C ILE F 163 -47.19 9.80 -22.65
N ASP F 164 -48.37 9.51 -22.06
CA ASP F 164 -49.10 10.51 -21.30
C ASP F 164 -48.28 11.00 -20.11
N GLU F 165 -47.63 10.08 -19.40
CA GLU F 165 -46.87 10.48 -18.22
C GLU F 165 -45.70 11.36 -18.60
N ALA F 166 -45.05 11.06 -19.73
CA ALA F 166 -43.96 11.90 -20.20
C ALA F 166 -44.47 13.29 -20.54
N ILE F 167 -45.59 13.37 -21.24
CA ILE F 167 -46.17 14.67 -21.59
C ILE F 167 -46.53 15.46 -20.33
N ARG F 168 -47.10 14.77 -19.34
CA ARG F 168 -47.53 15.43 -18.10
C ARG F 168 -46.34 15.99 -17.33
N VAL F 169 -45.26 15.21 -17.23
CA VAL F 169 -44.07 15.68 -16.52
C VAL F 169 -43.43 16.84 -17.29
N VAL F 170 -43.44 16.78 -18.63
CA VAL F 170 -42.94 17.90 -19.41
C VAL F 170 -43.74 19.16 -19.11
N ASP F 171 -45.07 19.04 -19.09
CA ASP F 171 -45.94 20.18 -18.81
C ASP F 171 -45.68 20.72 -17.41
N ALA F 172 -45.46 19.83 -16.44
CA ALA F 172 -45.19 20.30 -15.08
C ALA F 172 -43.88 21.06 -14.99
N LEU F 173 -42.82 20.53 -15.62
CA LEU F 173 -41.54 21.21 -15.60
C LEU F 173 -41.65 22.58 -16.26
N GLN F 174 -42.32 22.65 -17.40
CA GLN F 174 -42.44 23.93 -18.10
C GLN F 174 -43.32 24.91 -17.30
N HIS F 175 -44.34 24.40 -16.63
CA HIS F 175 -45.17 25.24 -15.79
C HIS F 175 -44.36 25.82 -14.63
N PHE F 176 -43.54 24.99 -13.97
CA PHE F 176 -42.72 25.49 -12.87
C PHE F 176 -41.67 26.48 -13.37
N GLU F 177 -41.12 26.24 -14.57
CA GLU F 177 -40.15 27.20 -15.11
C GLU F 177 -40.81 28.54 -15.40
N LEU F 178 -42.03 28.52 -15.92
CA LEU F 178 -42.70 29.76 -16.29
C LEU F 178 -43.22 30.53 -15.08
N TYR F 179 -43.98 29.86 -14.22
CA TYR F 179 -44.74 30.55 -13.19
C TYR F 179 -44.18 30.40 -11.77
N GLY F 180 -43.13 29.61 -11.58
CA GLY F 180 -42.61 29.39 -10.24
C GLY F 180 -43.54 28.64 -9.32
N GLU F 181 -44.65 28.12 -9.85
CA GLU F 181 -45.61 27.36 -9.07
C GLU F 181 -45.24 25.88 -9.13
N VAL F 182 -45.27 25.22 -7.97
CA VAL F 182 -45.01 23.79 -7.93
C VAL F 182 -46.30 23.04 -8.25
N CYS F 183 -46.15 21.88 -8.85
CA CYS F 183 -47.29 21.11 -9.34
C CYS F 183 -47.65 20.02 -8.34
N PRO F 184 -48.86 20.00 -7.83
CA PRO F 184 -49.24 19.01 -6.81
C PRO F 184 -49.44 17.64 -7.44
N LEU F 185 -49.81 16.69 -6.59
CA LEU F 185 -50.05 15.32 -7.03
C LEU F 185 -51.17 15.29 -8.07
N GLY F 186 -50.95 14.55 -9.15
CA GLY F 186 -51.94 14.39 -10.19
C GLY F 186 -52.22 15.61 -11.03
N TRP F 187 -51.35 16.62 -10.96
CA TRP F 187 -51.56 17.86 -11.72
C TRP F 187 -51.47 17.60 -13.21
N HIS F 188 -52.34 18.28 -13.96
CA HIS F 188 -52.30 18.27 -15.41
C HIS F 188 -52.34 19.71 -15.90
N LYS F 189 -51.90 19.91 -17.14
CA LYS F 189 -51.87 21.25 -17.72
C LYS F 189 -53.25 21.87 -17.70
N GLY F 190 -53.35 23.09 -17.18
CA GLY F 190 -54.60 23.78 -17.06
C GLY F 190 -55.25 23.67 -15.69
N GLU F 191 -54.82 22.73 -14.86
CA GLU F 191 -55.38 22.61 -13.53
C GLU F 191 -54.65 23.55 -12.57
N ALA F 192 -55.19 23.65 -11.36
CA ALA F 192 -54.65 24.59 -10.37
C ALA F 192 -53.32 24.07 -9.82
N ALA F 193 -52.29 24.90 -9.90
CA ALA F 193 -51.00 24.60 -9.29
C ALA F 193 -50.94 25.10 -7.86
N MET F 194 -49.75 25.44 -7.37
CA MET F 194 -49.57 25.84 -5.98
C MET F 194 -48.36 26.76 -5.86
N THR F 195 -48.51 27.79 -5.04
CA THR F 195 -47.36 28.64 -4.71
C THR F 195 -46.54 27.99 -3.61
N PRO F 196 -45.23 27.85 -3.79
CA PRO F 196 -44.41 27.19 -2.76
C PRO F 196 -44.18 28.05 -1.54
N SER F 197 -45.19 28.14 -0.67
CA SER F 197 -45.08 28.88 0.58
C SER F 197 -46.06 28.28 1.58
N HIS F 198 -45.90 28.65 2.85
CA HIS F 198 -46.85 28.22 3.87
C HIS F 198 -48.27 28.56 3.46
N GLU F 199 -48.48 29.82 3.09
CA GLU F 199 -49.79 30.27 2.63
C GLU F 199 -50.23 29.53 1.38
N GLY F 200 -49.29 29.26 0.46
CA GLY F 200 -49.67 28.60 -0.78
C GLY F 200 -50.23 27.21 -0.56
N VAL F 201 -49.55 26.39 0.25
CA VAL F 201 -50.02 25.03 0.50
C VAL F 201 -51.27 25.05 1.37
N ALA F 202 -51.32 25.96 2.35
CA ALA F 202 -52.52 26.06 3.18
C ALA F 202 -53.74 26.41 2.34
N SER F 203 -53.58 27.35 1.40
CA SER F 203 -54.69 27.76 0.53
C SER F 203 -55.08 26.66 -0.45
N TYR F 204 -54.09 26.00 -1.08
CA TYR F 204 -54.41 24.96 -2.06
C TYR F 204 -55.20 23.83 -1.42
N LEU F 205 -54.76 23.36 -0.25
CA LEU F 205 -55.43 22.21 0.36
C LEU F 205 -56.82 22.59 0.86
N SER F 206 -57.05 23.87 1.20
CA SER F 206 -58.39 24.29 1.62
C SER F 206 -59.38 24.20 0.48
N LYS F 207 -58.98 24.57 -0.74
CA LYS F 207 -59.91 24.47 -1.86
C LYS F 207 -60.25 23.02 -2.16
N LEU F 208 -59.30 22.10 -1.97
CA LEU F 208 -59.62 20.67 -2.16
C LEU F 208 -60.55 20.15 -1.09
N GLU F 209 -60.48 20.72 0.13
CA GLU F 209 -61.23 20.17 1.25
C GLU F 209 -62.72 20.46 1.11
N HIS F 210 -63.09 21.74 1.08
CA HIS F 210 -64.50 22.12 1.04
C HIS F 210 -65.14 21.78 -0.29
N HIS F 211 -64.40 21.93 -1.39
CA HIS F 211 -64.92 21.67 -2.72
C HIS F 211 -64.45 20.31 -3.24
N MET G 1 27.68 -9.03 -7.05
CA MET G 1 26.94 -9.51 -8.21
C MET G 1 27.85 -9.81 -9.39
N LEU G 2 27.33 -9.51 -10.59
CA LEU G 2 28.06 -9.70 -11.83
C LEU G 2 28.68 -8.36 -12.20
N LEU G 3 30.00 -8.28 -12.10
CA LEU G 3 30.71 -7.04 -12.38
C LEU G 3 31.42 -7.03 -13.72
N ILE G 4 31.47 -8.16 -14.43
CA ILE G 4 32.16 -8.20 -15.71
C ILE G 4 31.51 -7.20 -16.66
N GLY G 5 32.33 -6.33 -17.25
CA GLY G 5 31.85 -5.30 -18.14
C GLY G 5 31.33 -4.05 -17.46
N LYS G 6 31.37 -3.99 -16.14
CA LYS G 6 30.87 -2.86 -15.38
C LYS G 6 31.99 -2.21 -14.60
N PRO G 7 31.84 -0.94 -14.22
CA PRO G 7 32.89 -0.30 -13.42
C PRO G 7 33.04 -0.97 -12.07
N ALA G 8 34.29 -1.15 -11.65
CA ALA G 8 34.55 -1.66 -10.32
C ALA G 8 33.98 -0.68 -9.29
N PRO G 9 33.18 -1.14 -8.32
CA PRO G 9 32.58 -0.21 -7.35
C PRO G 9 33.64 0.63 -6.66
N HIS G 10 33.31 1.90 -6.48
CA HIS G 10 34.20 2.84 -5.82
C HIS G 10 34.26 2.58 -4.32
N PHE G 11 35.40 2.88 -3.71
CA PHE G 11 35.50 2.86 -2.26
C PHE G 11 36.56 3.88 -1.82
N SER G 12 36.56 4.14 -0.51
CA SER G 12 37.52 5.06 0.09
C SER G 12 37.67 4.65 1.55
N ALA G 13 38.81 4.06 1.89
CA ALA G 13 38.98 3.44 3.19
C ALA G 13 40.41 3.65 3.68
N ASN G 14 40.62 3.34 4.95
CA ASN G 14 41.95 3.27 5.50
C ASN G 14 42.69 2.06 4.93
N ALA G 15 44.00 2.18 4.79
CA ALA G 15 44.80 1.09 4.29
C ALA G 15 46.19 1.14 4.91
N VAL G 16 46.93 0.06 4.75
CA VAL G 16 48.35 0.03 5.06
C VAL G 16 49.12 -0.01 3.74
N VAL G 17 49.83 1.06 3.46
CA VAL G 17 50.67 1.18 2.28
C VAL G 17 52.12 1.32 2.72
N ASN G 18 52.98 0.44 2.21
CA ASN G 18 54.38 0.40 2.61
C ASN G 18 54.52 0.33 4.13
N GLY G 19 53.67 -0.49 4.76
CA GLY G 19 53.71 -0.70 6.19
C GLY G 19 53.15 0.43 7.03
N THR G 20 52.60 1.49 6.41
CA THR G 20 52.13 2.66 7.13
C THR G 20 50.62 2.83 6.93
N ILE G 21 49.92 3.15 8.01
CA ILE G 21 48.49 3.42 7.92
C ILE G 21 48.27 4.76 7.22
N VAL G 22 47.47 4.74 6.17
CA VAL G 22 47.14 5.94 5.38
C VAL G 22 45.63 6.00 5.21
N PRO G 23 45.05 7.20 5.14
CA PRO G 23 43.61 7.33 4.97
C PRO G 23 43.20 7.51 3.52
N ASP G 24 41.89 7.39 3.24
CA ASP G 24 41.30 7.80 1.97
C ASP G 24 41.94 7.07 0.78
N PHE G 25 42.27 5.80 0.96
CA PHE G 25 42.78 5.00 -0.14
C PHE G 25 41.64 4.62 -1.07
N SER G 26 41.86 4.78 -2.36
CA SER G 26 40.85 4.49 -3.37
C SER G 26 41.55 3.99 -4.63
N LEU G 27 40.81 3.27 -5.46
CA LEU G 27 41.32 2.86 -6.75
C LEU G 27 41.17 3.95 -7.80
N ASP G 28 40.61 5.12 -7.42
CA ASP G 28 40.52 6.26 -8.33
C ASP G 28 41.89 6.63 -8.90
N GLN G 29 42.92 6.60 -8.06
CA GLN G 29 44.25 7.03 -8.46
C GLN G 29 44.74 6.28 -9.69
N PHE G 30 44.29 5.05 -9.88
CA PHE G 30 44.80 4.21 -10.95
C PHE G 30 44.04 4.37 -12.25
N LYS G 31 42.88 5.02 -12.24
CA LYS G 31 42.09 5.18 -13.46
C LYS G 31 42.88 5.95 -14.50
N GLY G 32 42.97 5.37 -15.71
CA GLY G 32 43.74 5.95 -16.79
C GLY G 32 45.24 5.75 -16.70
N LYS G 33 45.74 5.12 -15.63
CA LYS G 33 47.17 4.99 -15.40
C LYS G 33 47.61 3.55 -15.24
N LYS G 34 46.93 2.75 -14.42
CA LYS G 34 47.35 1.37 -14.17
C LYS G 34 46.15 0.44 -14.18
N TYR G 35 46.39 -0.80 -14.58
CA TYR G 35 45.47 -1.88 -14.28
C TYR G 35 45.52 -2.16 -12.78
N VAL G 36 44.48 -2.84 -12.26
CA VAL G 36 44.42 -3.17 -10.84
C VAL G 36 44.12 -4.65 -10.68
N ILE G 37 44.92 -5.33 -9.87
CA ILE G 37 44.56 -6.66 -9.37
C ILE G 37 44.14 -6.47 -7.91
N LEU G 38 42.84 -6.61 -7.65
CA LEU G 38 42.26 -6.40 -6.33
C LEU G 38 41.85 -7.75 -5.77
N PHE G 39 42.40 -8.13 -4.62
CA PHE G 39 42.06 -9.42 -4.05
C PHE G 39 41.65 -9.27 -2.59
N PHE G 40 40.59 -9.98 -2.24
CA PHE G 40 40.04 -10.06 -0.90
C PHE G 40 40.42 -11.39 -0.28
N TYR G 41 40.73 -11.36 1.01
CA TYR G 41 40.99 -12.52 1.85
C TYR G 41 40.18 -12.38 3.13
N PRO G 42 39.89 -13.51 3.83
CA PRO G 42 38.96 -13.45 4.96
C PRO G 42 39.47 -12.83 6.26
N LYS G 43 40.63 -13.23 6.77
CA LYS G 43 41.03 -12.86 8.11
C LYS G 43 42.53 -12.62 8.21
N ASP G 44 42.90 -11.52 8.88
CA ASP G 44 44.29 -11.33 9.29
C ASP G 44 44.70 -12.43 10.27
N PHE G 45 46.00 -12.73 10.28
CA PHE G 45 46.59 -13.68 11.22
C PHE G 45 46.08 -15.10 11.03
N THR G 46 45.76 -15.50 9.80
CA THR G 46 45.36 -16.89 9.56
C THR G 46 46.40 -17.65 8.75
N PHE G 47 45.96 -18.50 7.81
CA PHE G 47 46.81 -19.58 7.28
C PHE G 47 47.08 -19.42 5.78
N VAL G 48 46.08 -19.57 4.91
CA VAL G 48 46.28 -19.40 3.47
C VAL G 48 46.53 -17.93 3.14
N CYS G 49 45.87 -17.03 3.87
CA CYS G 49 45.93 -15.60 3.59
C CYS G 49 47.36 -15.05 3.61
N PRO G 50 48.20 -15.35 4.61
CA PRO G 50 49.59 -14.84 4.55
C PRO G 50 50.35 -15.38 3.36
N THR G 51 50.14 -16.64 2.97
CA THR G 51 50.85 -17.16 1.81
C THR G 51 50.45 -16.41 0.55
N GLU G 52 49.17 -16.10 0.40
CA GLU G 52 48.75 -15.33 -0.76
C GLU G 52 49.33 -13.92 -0.74
N LEU G 53 49.30 -13.26 0.42
CA LEU G 53 49.82 -11.90 0.51
C LEU G 53 51.32 -11.86 0.25
N ILE G 54 52.07 -12.77 0.85
CA ILE G 54 53.52 -12.83 0.66
C ILE G 54 53.85 -13.15 -0.78
N GLY G 55 53.14 -14.11 -1.38
CA GLY G 55 53.40 -14.44 -2.78
C GLY G 55 53.14 -13.28 -3.72
N PHE G 56 52.08 -12.51 -3.47
CA PHE G 56 51.86 -11.31 -4.25
C PHE G 56 53.00 -10.32 -4.07
N GLN G 57 53.53 -10.22 -2.86
CA GLN G 57 54.70 -9.37 -2.65
C GLN G 57 55.90 -9.86 -3.47
N GLU G 58 56.12 -11.18 -3.50
CA GLU G 58 57.26 -11.72 -4.23
C GLU G 58 57.11 -11.54 -5.74
N ALA G 59 55.88 -11.59 -6.24
CA ALA G 59 55.64 -11.44 -7.67
C ALA G 59 55.34 -10.01 -8.07
N LEU G 60 55.60 -9.05 -7.17
CA LEU G 60 55.19 -7.68 -7.45
C LEU G 60 55.86 -7.13 -8.70
N GLY G 61 57.09 -7.58 -8.99
CA GLY G 61 57.77 -7.10 -10.17
C GLY G 61 57.08 -7.50 -11.47
N GLU G 62 56.52 -8.71 -11.51
CA GLU G 62 55.79 -9.15 -12.69
C GLU G 62 54.59 -8.27 -12.97
N PHE G 63 53.94 -7.76 -11.93
CA PHE G 63 52.80 -6.86 -12.11
C PHE G 63 53.26 -5.44 -12.43
N ASP G 64 54.37 -5.00 -11.83
CA ASP G 64 54.93 -3.70 -12.16
C ASP G 64 55.29 -3.61 -13.64
N LYS G 65 55.93 -4.66 -14.18
CA LYS G 65 56.30 -4.63 -15.59
C LYS G 65 55.09 -4.48 -16.50
N ARG G 66 53.92 -4.94 -16.05
CA ARG G 66 52.71 -4.88 -16.86
C ARG G 66 51.80 -3.73 -16.46
N ASP G 67 52.31 -2.77 -15.68
CA ASP G 67 51.54 -1.60 -15.29
C ASP G 67 50.32 -1.97 -14.45
N VAL G 68 50.49 -2.94 -13.55
CA VAL G 68 49.41 -3.47 -12.73
C VAL G 68 49.71 -3.18 -11.27
N ALA G 69 48.78 -2.49 -10.60
CA ALA G 69 48.85 -2.26 -9.16
C ALA G 69 48.16 -3.40 -8.42
N VAL G 70 48.84 -3.95 -7.41
CA VAL G 70 48.33 -5.02 -6.58
C VAL G 70 47.75 -4.42 -5.31
N VAL G 71 46.50 -4.77 -4.99
CA VAL G 71 45.81 -4.28 -3.81
C VAL G 71 45.17 -5.46 -3.10
N GLY G 72 45.47 -5.61 -1.81
CA GLY G 72 44.82 -6.58 -0.97
C GLY G 72 43.73 -5.92 -0.15
N CYS G 73 42.81 -6.73 0.35
CA CYS G 73 41.69 -6.21 1.12
C CYS G 73 41.10 -7.30 2.02
N SER G 74 40.78 -6.92 3.25
CA SER G 74 39.97 -7.74 4.13
C SER G 74 39.11 -6.80 4.98
N THR G 75 38.15 -7.38 5.70
CA THR G 75 37.27 -6.60 6.57
C THR G 75 37.86 -6.35 7.95
N ASP G 76 39.13 -6.68 8.16
CA ASP G 76 39.82 -6.34 9.39
C ASP G 76 40.14 -4.85 9.43
N SER G 77 40.42 -4.35 10.64
CA SER G 77 40.77 -2.94 10.79
C SER G 77 42.13 -2.65 10.16
N GLU G 78 42.39 -1.37 9.93
CA GLU G 78 43.70 -0.98 9.42
C GLU G 78 44.81 -1.23 10.44
N PHE G 79 44.47 -1.20 11.74
CA PHE G 79 45.48 -1.48 12.76
C PHE G 79 45.80 -2.96 12.86
N SER G 80 44.83 -3.83 12.63
CA SER G 80 45.12 -5.26 12.55
C SER G 80 46.04 -5.55 11.38
N HIS G 81 45.80 -4.89 10.23
CA HIS G 81 46.73 -4.98 9.11
C HIS G 81 48.13 -4.52 9.51
N TRP G 82 48.21 -3.36 10.18
CA TRP G 82 49.50 -2.81 10.56
C TRP G 82 50.26 -3.75 11.50
N ALA G 83 49.58 -4.30 12.50
CA ALA G 83 50.22 -5.28 13.35
C ALA G 83 50.66 -6.50 12.55
N TRP G 84 49.91 -6.88 11.50
CA TRP G 84 50.27 -8.08 10.76
C TRP G 84 51.51 -7.86 9.90
N VAL G 85 51.65 -6.69 9.28
CA VAL G 85 52.85 -6.40 8.51
C VAL G 85 54.07 -6.16 9.38
N ASN G 86 53.87 -5.95 10.68
CA ASN G 86 54.95 -5.81 11.65
C ASN G 86 55.20 -7.10 12.42
N THR G 87 54.68 -8.22 11.93
CA THR G 87 54.93 -9.53 12.48
C THR G 87 55.83 -10.31 11.55
N PRO G 88 56.92 -10.89 12.04
CA PRO G 88 57.83 -11.62 11.14
C PRO G 88 57.14 -12.84 10.56
N ARG G 89 57.52 -13.16 9.31
CA ARG G 89 56.84 -14.22 8.58
C ARG G 89 56.96 -15.56 9.27
N ASP G 90 58.10 -15.83 9.93
CA ASP G 90 58.25 -17.13 10.61
C ASP G 90 57.32 -17.27 11.80
N GLN G 91 56.57 -16.22 12.16
CA GLN G 91 55.56 -16.28 13.20
C GLN G 91 54.15 -16.18 12.62
N GLY G 92 54.00 -16.37 11.32
CA GLY G 92 52.71 -16.24 10.68
C GLY G 92 52.40 -14.84 10.18
N GLY G 93 53.37 -13.92 10.26
CA GLY G 93 53.16 -12.55 9.85
C GLY G 93 53.39 -12.31 8.36
N ILE G 94 53.16 -11.08 7.93
CA ILE G 94 53.29 -10.70 6.53
C ILE G 94 54.27 -9.53 6.39
N GLN G 95 55.36 -9.59 7.16
CA GLN G 95 56.38 -8.56 7.08
C GLN G 95 56.94 -8.42 5.66
N GLY G 96 57.14 -7.17 5.24
CA GLY G 96 57.65 -6.90 3.92
C GLY G 96 56.60 -6.73 2.85
N VAL G 97 55.32 -6.96 3.16
CA VAL G 97 54.27 -6.68 2.20
C VAL G 97 54.11 -5.16 2.10
N SER G 98 54.35 -4.62 0.91
CA SER G 98 54.48 -3.18 0.73
C SER G 98 53.37 -2.57 -0.11
N TYR G 99 52.64 -3.39 -0.89
CA TYR G 99 51.52 -2.88 -1.66
C TYR G 99 50.35 -2.58 -0.71
N PRO G 100 49.36 -1.81 -1.16
CA PRO G 100 48.27 -1.44 -0.24
C PRO G 100 47.44 -2.63 0.19
N ILE G 101 47.15 -2.69 1.50
CA ILE G 101 46.22 -3.65 2.08
C ILE G 101 45.05 -2.87 2.67
N VAL G 102 43.90 -2.92 2.00
CA VAL G 102 42.74 -2.10 2.36
C VAL G 102 41.99 -2.71 3.53
N SER G 103 41.50 -1.85 4.42
CA SER G 103 40.65 -2.25 5.53
C SER G 103 39.19 -1.97 5.15
N ASP G 104 38.45 -3.04 4.88
CA ASP G 104 37.02 -2.92 4.60
C ASP G 104 36.26 -3.01 5.93
N ILE G 105 36.51 -2.02 6.80
CA ILE G 105 36.07 -2.12 8.19
C ILE G 105 34.55 -2.11 8.29
N ASN G 106 33.87 -1.50 7.32
CA ASN G 106 32.42 -1.45 7.29
C ASN G 106 31.81 -2.57 6.47
N LYS G 107 32.63 -3.43 5.87
CA LYS G 107 32.20 -4.55 5.05
C LYS G 107 31.45 -4.12 3.79
N THR G 108 31.41 -2.83 3.49
CA THR G 108 30.69 -2.37 2.31
C THR G 108 31.42 -2.72 1.02
N ILE G 109 32.76 -2.72 1.04
CA ILE G 109 33.51 -3.08 -0.17
C ILE G 109 33.25 -4.54 -0.52
N SER G 110 33.34 -5.43 0.46
CA SER G 110 33.10 -6.84 0.22
C SER G 110 31.68 -7.07 -0.30
N ALA G 111 30.71 -6.33 0.24
CA ALA G 111 29.35 -6.45 -0.25
C ALA G 111 29.25 -5.98 -1.69
N ASP G 112 29.81 -4.80 -1.99
CA ASP G 112 29.72 -4.23 -3.33
C ASP G 112 30.39 -5.09 -4.37
N TYR G 113 31.45 -5.81 -4.01
CA TYR G 113 32.15 -6.68 -4.94
C TYR G 113 31.63 -8.11 -4.93
N GLY G 114 30.62 -8.42 -4.12
CA GLY G 114 29.99 -9.73 -4.16
C GLY G 114 30.83 -10.85 -3.61
N VAL G 115 31.72 -10.57 -2.67
CA VAL G 115 32.58 -11.58 -2.07
C VAL G 115 32.32 -11.77 -0.59
N LEU G 116 31.35 -11.06 -0.02
CA LEU G 116 31.07 -11.13 1.41
C LEU G 116 30.31 -12.41 1.72
N ALA G 117 30.86 -13.23 2.63
CA ALA G 117 30.20 -14.45 3.03
C ALA G 117 29.06 -14.14 4.01
N GLY G 118 28.33 -15.19 4.39
CA GLY G 118 27.27 -15.08 5.37
C GLY G 118 25.92 -14.70 4.76
N ASP G 119 24.87 -14.90 5.57
CA ASP G 119 23.50 -14.63 5.19
C ASP G 119 22.83 -13.86 6.31
N GLU G 120 22.12 -12.78 5.96
CA GLU G 120 21.45 -11.94 6.94
C GLU G 120 19.95 -12.17 6.90
N GLU G 121 19.31 -11.96 8.06
CA GLU G 121 17.88 -12.15 8.21
C GLU G 121 17.32 -11.10 9.16
N ILE G 122 15.99 -11.01 9.19
CA ILE G 122 15.26 -10.19 10.15
C ILE G 122 14.24 -11.09 10.83
N ASP G 123 14.37 -11.24 12.14
CA ASP G 123 13.51 -12.14 12.89
C ASP G 123 12.24 -11.40 13.31
N GLU G 124 11.44 -12.03 14.18
CA GLU G 124 10.21 -11.41 14.68
C GLU G 124 10.51 -10.06 15.33
N ASP G 125 11.44 -10.05 16.30
CA ASP G 125 11.96 -8.82 16.89
C ASP G 125 13.47 -8.91 17.04
N GLY G 126 14.12 -9.73 16.22
CA GLY G 126 15.53 -10.02 16.31
C GLY G 126 16.44 -9.12 15.51
N ASN G 127 15.90 -8.08 14.88
CA ASN G 127 16.67 -7.09 14.10
C ASN G 127 17.45 -7.85 13.02
N VAL G 128 18.74 -7.61 12.86
CA VAL G 128 19.55 -8.31 11.87
C VAL G 128 20.31 -9.42 12.56
N GLU G 129 20.00 -10.66 12.18
CA GLU G 129 20.76 -11.81 12.59
C GLU G 129 21.53 -12.32 11.39
N VAL G 130 22.69 -12.93 11.64
CA VAL G 130 23.58 -13.33 10.57
C VAL G 130 23.94 -14.80 10.77
N ASN G 131 23.76 -15.60 9.73
CA ASN G 131 24.23 -16.97 9.72
C ASN G 131 25.61 -16.98 9.09
N GLY G 132 26.57 -17.54 9.82
CA GLY G 132 27.93 -17.52 9.34
C GLY G 132 28.63 -16.20 9.67
N GLU G 133 29.80 -16.03 9.07
CA GLU G 133 30.65 -14.87 9.29
C GLU G 133 30.62 -13.95 8.09
N LEU G 134 30.46 -12.66 8.35
CA LEU G 134 30.52 -11.63 7.30
C LEU G 134 31.99 -11.27 7.04
N ILE G 135 32.68 -12.19 6.36
CA ILE G 135 34.06 -12.01 5.95
C ILE G 135 34.17 -12.29 4.46
N ALA G 136 35.27 -11.85 3.86
CA ALA G 136 35.44 -11.95 2.42
C ALA G 136 35.93 -13.34 2.02
N TYR G 137 35.34 -13.89 0.96
CA TYR G 137 35.93 -15.06 0.34
C TYR G 137 37.17 -14.66 -0.44
N ARG G 138 37.91 -15.66 -0.91
CA ARG G 138 39.16 -15.40 -1.63
C ARG G 138 38.79 -14.90 -3.02
N GLY G 139 38.50 -13.61 -3.10
CA GLY G 139 37.98 -13.00 -4.32
C GLY G 139 39.08 -12.24 -5.02
N LEU G 140 39.07 -12.28 -6.36
CA LEU G 140 40.10 -11.61 -7.15
C LEU G 140 39.46 -10.95 -8.37
N PHE G 141 39.87 -9.71 -8.64
CA PHE G 141 39.32 -8.91 -9.74
C PHE G 141 40.44 -8.27 -10.54
N LEU G 142 40.33 -8.37 -11.86
CA LEU G 142 41.17 -7.63 -12.79
C LEU G 142 40.39 -6.43 -13.30
N ILE G 143 40.92 -5.24 -13.08
CA ILE G 143 40.29 -3.98 -13.44
C ILE G 143 41.18 -3.28 -14.45
N ASP G 144 40.62 -2.90 -15.60
CA ASP G 144 41.44 -2.25 -16.61
C ASP G 144 41.60 -0.77 -16.28
N LYS G 145 42.33 -0.06 -17.16
CA LYS G 145 42.67 1.34 -16.91
C LYS G 145 41.46 2.26 -16.93
N ASP G 146 40.34 1.82 -17.49
CA ASP G 146 39.11 2.58 -17.41
C ASP G 146 38.31 2.28 -16.16
N GLY G 147 38.79 1.38 -15.30
CA GLY G 147 38.02 1.02 -14.13
C GLY G 147 36.97 -0.05 -14.35
N ILE G 148 37.03 -0.79 -15.46
CA ILE G 148 36.04 -1.82 -15.81
C ILE G 148 36.57 -3.18 -15.38
N VAL G 149 35.71 -3.99 -14.78
CA VAL G 149 36.10 -5.34 -14.37
C VAL G 149 36.10 -6.24 -15.60
N ARG G 150 37.23 -6.88 -15.86
CA ARG G 150 37.38 -7.76 -17.01
C ARG G 150 37.54 -9.21 -16.62
N HIS G 151 37.80 -9.49 -15.34
CA HIS G 151 37.99 -10.85 -14.89
C HIS G 151 37.72 -10.90 -13.39
N GLN G 152 37.05 -11.95 -12.94
CA GLN G 152 36.85 -12.14 -11.51
C GLN G 152 36.89 -13.62 -11.17
N LEU G 153 37.31 -13.90 -9.94
CA LEU G 153 37.56 -15.25 -9.48
C LEU G 153 37.31 -15.27 -7.99
N ILE G 154 36.59 -16.28 -7.51
CA ILE G 154 36.32 -16.43 -6.08
C ILE G 154 36.54 -17.88 -5.69
N ASN G 155 37.34 -18.09 -4.65
CA ASN G 155 37.64 -19.40 -4.13
C ASN G 155 37.09 -19.51 -2.71
N ASP G 156 36.68 -20.73 -2.36
CA ASP G 156 36.36 -21.03 -0.98
C ASP G 156 37.59 -20.82 -0.08
N PHE G 157 37.34 -20.70 1.21
CA PHE G 157 38.39 -20.41 2.18
C PHE G 157 39.63 -21.28 2.06
N PRO G 158 39.55 -22.61 1.92
CA PRO G 158 40.77 -23.43 1.92
C PRO G 158 41.50 -23.51 0.57
N LEU G 159 41.05 -22.82 -0.47
CA LEU G 159 41.61 -22.96 -1.80
C LEU G 159 42.39 -21.69 -2.16
N GLY G 160 43.71 -21.73 -1.97
CA GLY G 160 44.54 -20.61 -2.35
C GLY G 160 44.55 -20.37 -3.85
N ARG G 161 44.85 -19.12 -4.22
CA ARG G 161 44.81 -18.73 -5.62
C ARG G 161 46.17 -18.94 -6.27
N SER G 162 46.28 -18.52 -7.53
CA SER G 162 47.48 -18.75 -8.33
C SER G 162 47.89 -17.44 -9.00
N ILE G 163 49.13 -17.01 -8.75
CA ILE G 163 49.65 -15.80 -9.38
C ILE G 163 49.82 -15.99 -10.88
N ASP G 164 50.20 -17.20 -11.31
CA ASP G 164 50.36 -17.44 -12.73
C ASP G 164 49.07 -17.19 -13.49
N GLU G 165 47.93 -17.64 -12.94
CA GLU G 165 46.66 -17.46 -13.64
C GLU G 165 46.29 -15.98 -13.74
N ALA G 166 46.58 -15.20 -12.68
CA ALA G 166 46.33 -13.76 -12.72
C ALA G 166 47.21 -13.08 -13.77
N ILE G 167 48.49 -13.44 -13.82
CA ILE G 167 49.39 -12.87 -14.83
C ILE G 167 48.90 -13.23 -16.22
N ARG G 168 48.45 -14.47 -16.42
CA ARG G 168 47.98 -14.89 -17.74
C ARG G 168 46.75 -14.10 -18.17
N VAL G 169 45.81 -13.88 -17.25
CA VAL G 169 44.64 -13.08 -17.60
C VAL G 169 45.03 -11.64 -17.90
N VAL G 170 46.00 -11.10 -17.16
CA VAL G 170 46.51 -9.76 -17.46
C VAL G 170 47.07 -9.70 -18.88
N ASP G 171 47.88 -10.71 -19.24
CA ASP G 171 48.47 -10.75 -20.57
C ASP G 171 47.40 -10.87 -21.64
N ALA G 172 46.36 -11.67 -21.40
CA ALA G 172 45.29 -11.82 -22.36
C ALA G 172 44.54 -10.51 -22.56
N LEU G 173 44.21 -9.82 -21.47
CA LEU G 173 43.51 -8.56 -21.58
C LEU G 173 44.35 -7.54 -22.33
N GLN G 174 45.64 -7.44 -21.99
CA GLN G 174 46.49 -6.45 -22.64
C GLN G 174 46.69 -6.79 -24.12
N HIS G 175 46.81 -8.08 -24.45
CA HIS G 175 46.93 -8.48 -25.85
C HIS G 175 45.68 -8.12 -26.64
N PHE G 176 44.50 -8.38 -26.06
CA PHE G 176 43.26 -8.01 -26.76
C PHE G 176 43.16 -6.50 -26.92
N GLU G 177 43.61 -5.76 -25.91
CA GLU G 177 43.56 -4.30 -26.00
C GLU G 177 44.46 -3.79 -27.12
N LEU G 178 45.66 -4.37 -27.25
CA LEU G 178 46.62 -3.89 -28.24
C LEU G 178 46.24 -4.32 -29.66
N TYR G 179 46.01 -5.62 -29.86
CA TYR G 179 45.91 -6.15 -31.22
C TYR G 179 44.49 -6.47 -31.65
N GLY G 180 43.50 -6.35 -30.77
CA GLY G 180 42.15 -6.73 -31.12
C GLY G 180 41.98 -8.21 -31.35
N GLU G 181 42.99 -9.01 -31.05
CA GLU G 181 42.91 -10.46 -31.21
C GLU G 181 42.35 -11.05 -29.92
N VAL G 182 41.41 -11.97 -30.06
CA VAL G 182 40.83 -12.64 -28.90
C VAL G 182 41.74 -13.80 -28.49
N CYS G 183 41.78 -14.08 -27.19
CA CYS G 183 42.71 -15.08 -26.68
C CYS G 183 41.99 -16.41 -26.48
N PRO G 184 42.40 -17.46 -27.17
CA PRO G 184 41.73 -18.75 -27.05
C PRO G 184 42.09 -19.46 -25.76
N LEU G 185 41.52 -20.66 -25.58
CA LEU G 185 41.74 -21.45 -24.38
C LEU G 185 43.21 -21.80 -24.23
N GLY G 186 43.72 -21.64 -23.00
CA GLY G 186 45.09 -21.98 -22.69
C GLY G 186 46.13 -21.05 -23.28
N TRP G 187 45.71 -19.88 -23.75
CA TRP G 187 46.64 -18.94 -24.37
C TRP G 187 47.63 -18.39 -23.35
N HIS G 188 48.88 -18.24 -23.78
CA HIS G 188 49.92 -17.55 -23.03
C HIS G 188 50.60 -16.56 -23.97
N LYS G 189 51.21 -15.53 -23.37
CA LYS G 189 51.90 -14.50 -24.17
C LYS G 189 52.99 -15.13 -25.02
N GLY G 190 52.99 -14.79 -26.31
CA GLY G 190 53.90 -15.37 -27.26
C GLY G 190 53.29 -16.47 -28.10
N GLU G 191 52.14 -17.01 -27.66
CA GLU G 191 51.44 -18.03 -28.41
C GLU G 191 50.47 -17.36 -29.40
N ALA G 192 49.89 -18.20 -30.26
CA ALA G 192 49.04 -17.69 -31.33
C ALA G 192 47.68 -17.24 -30.77
N ALA G 193 47.31 -15.99 -31.08
CA ALA G 193 45.98 -15.50 -30.75
C ALA G 193 45.01 -15.79 -31.89
N MET G 194 43.96 -15.00 -32.02
CA MET G 194 42.92 -15.28 -33.00
C MET G 194 42.23 -14.00 -33.45
N THR G 195 41.96 -13.92 -34.75
CA THR G 195 41.17 -12.83 -35.29
C THR G 195 39.68 -13.12 -35.08
N PRO G 196 38.93 -12.20 -34.47
CA PRO G 196 37.49 -12.46 -34.21
C PRO G 196 36.65 -12.38 -35.47
N SER G 197 36.68 -13.43 -36.29
CA SER G 197 35.89 -13.51 -37.50
C SER G 197 35.67 -14.98 -37.83
N HIS G 198 34.72 -15.24 -38.74
CA HIS G 198 34.48 -16.60 -39.20
C HIS G 198 35.77 -17.23 -39.74
N GLU G 199 36.41 -16.54 -40.67
CA GLU G 199 37.66 -17.03 -41.25
C GLU G 199 38.74 -17.13 -40.18
N GLY G 200 38.78 -16.18 -39.23
CA GLY G 200 39.81 -16.21 -38.20
C GLY G 200 39.74 -17.45 -37.34
N VAL G 201 38.54 -17.82 -36.89
CA VAL G 201 38.40 -19.00 -36.05
C VAL G 201 38.59 -20.27 -36.88
N ALA G 202 38.12 -20.28 -38.13
CA ALA G 202 38.34 -21.44 -38.99
C ALA G 202 39.83 -21.68 -39.24
N SER G 203 40.58 -20.62 -39.53
CA SER G 203 42.01 -20.76 -39.78
C SER G 203 42.76 -21.14 -38.51
N TYR G 204 42.38 -20.54 -37.37
CA TYR G 204 43.02 -20.90 -36.11
C TYR G 204 42.86 -22.39 -35.82
N LEU G 205 41.64 -22.92 -36.01
CA LEU G 205 41.39 -24.32 -35.69
C LEU G 205 42.05 -25.26 -36.69
N SER G 206 42.27 -24.80 -37.93
CA SER G 206 42.99 -25.62 -38.92
C SER G 206 44.45 -25.81 -38.52
N LYS G 207 45.06 -24.77 -37.95
CA LYS G 207 46.46 -24.88 -37.54
C LYS G 207 46.66 -25.92 -36.44
N LEU G 208 45.65 -26.13 -35.59
CA LEU G 208 45.78 -27.15 -34.56
C LEU G 208 45.84 -28.55 -35.16
N GLU G 209 45.10 -28.79 -36.23
CA GLU G 209 45.09 -30.08 -36.91
C GLU G 209 46.47 -30.43 -37.47
N MET H 1 26.51 -12.94 -8.76
CA MET H 1 26.01 -13.35 -7.45
C MET H 1 26.96 -14.36 -6.79
N LEU H 2 26.89 -14.49 -5.47
CA LEU H 2 27.83 -15.31 -4.71
C LEU H 2 27.25 -16.70 -4.42
N LEU H 3 27.83 -17.72 -5.08
CA LEU H 3 27.44 -19.10 -4.89
C LEU H 3 28.44 -19.91 -4.08
N ILE H 4 29.60 -19.33 -3.73
CA ILE H 4 30.61 -20.07 -2.99
C ILE H 4 30.03 -20.55 -1.68
N GLY H 5 30.17 -21.85 -1.41
CA GLY H 5 29.65 -22.41 -0.20
C GLY H 5 28.17 -22.74 -0.24
N LYS H 6 27.52 -22.52 -1.37
CA LYS H 6 26.09 -22.72 -1.55
C LYS H 6 25.84 -23.79 -2.59
N PRO H 7 24.68 -24.45 -2.55
CA PRO H 7 24.39 -25.48 -3.55
C PRO H 7 24.31 -24.89 -4.95
N ALA H 8 24.88 -25.62 -5.91
CA ALA H 8 24.74 -25.22 -7.31
C ALA H 8 23.27 -25.23 -7.68
N PRO H 9 22.74 -24.14 -8.24
CA PRO H 9 21.31 -24.10 -8.56
C PRO H 9 20.89 -25.25 -9.46
N HIS H 10 19.73 -25.82 -9.16
CA HIS H 10 19.22 -26.92 -9.95
C HIS H 10 18.69 -26.41 -11.29
N PHE H 11 18.81 -27.24 -12.31
CA PHE H 11 18.18 -26.98 -13.60
C PHE H 11 17.84 -28.31 -14.26
N SER H 12 17.06 -28.21 -15.33
CA SER H 12 16.69 -29.39 -16.11
C SER H 12 16.37 -28.88 -17.52
N ALA H 13 17.24 -29.18 -18.47
CA ALA H 13 17.16 -28.59 -19.79
C ALA H 13 17.54 -29.63 -20.84
N ASN H 14 17.30 -29.27 -22.10
CA ASN H 14 17.83 -30.06 -23.21
C ASN H 14 19.33 -29.89 -23.30
N ALA H 15 19.99 -30.93 -23.80
CA ALA H 15 21.44 -30.88 -23.96
C ALA H 15 21.86 -31.72 -25.16
N VAL H 16 23.11 -31.56 -25.56
CA VAL H 16 23.75 -32.43 -26.54
C VAL H 16 24.76 -33.28 -25.77
N VAL H 17 24.50 -34.58 -25.70
CA VAL H 17 25.39 -35.54 -25.05
C VAL H 17 25.83 -36.55 -26.10
N ASN H 18 27.15 -36.71 -26.25
CA ASN H 18 27.73 -37.55 -27.29
C ASN H 18 27.15 -37.20 -28.66
N GLY H 19 26.96 -35.90 -28.90
CA GLY H 19 26.44 -35.44 -30.18
C GLY H 19 24.97 -35.68 -30.41
N THR H 20 24.23 -36.16 -29.42
CA THR H 20 22.82 -36.48 -29.56
C THR H 20 21.98 -35.61 -28.63
N ILE H 21 20.86 -35.08 -29.14
CA ILE H 21 19.98 -34.28 -28.30
C ILE H 21 19.26 -35.15 -27.28
N VAL H 22 19.35 -34.77 -26.02
CA VAL H 22 18.72 -35.51 -24.93
C VAL H 22 17.93 -34.52 -24.08
N PRO H 23 16.81 -34.95 -23.50
CA PRO H 23 16.02 -34.05 -22.68
C PRO H 23 16.32 -34.20 -21.19
N ASP H 24 15.88 -33.22 -20.38
CA ASP H 24 15.87 -33.33 -18.93
C ASP H 24 17.28 -33.56 -18.38
N PHE H 25 18.27 -32.89 -18.97
CA PHE H 25 19.62 -32.97 -18.43
C PHE H 25 19.73 -32.10 -17.18
N SER H 26 20.32 -32.68 -16.14
CA SER H 26 20.47 -32.02 -14.85
C SER H 26 21.78 -32.47 -14.23
N LEU H 27 22.27 -31.67 -13.27
CA LEU H 27 23.44 -32.05 -12.50
C LEU H 27 23.09 -32.96 -11.34
N ASP H 28 21.80 -33.27 -11.15
CA ASP H 28 21.39 -34.21 -10.10
C ASP H 28 22.14 -35.53 -10.22
N GLN H 29 22.30 -36.02 -11.45
CA GLN H 29 22.91 -37.32 -11.68
C GLN H 29 24.30 -37.43 -11.07
N PHE H 30 25.01 -36.31 -10.91
CA PHE H 30 26.38 -36.36 -10.44
C PHE H 30 26.50 -36.28 -8.92
N LYS H 31 25.43 -35.92 -8.21
CA LYS H 31 25.51 -35.76 -6.77
C LYS H 31 25.91 -37.07 -6.11
N GLY H 32 26.93 -36.98 -5.26
CA GLY H 32 27.45 -38.16 -4.59
C GLY H 32 28.35 -39.02 -5.43
N LYS H 33 28.54 -38.71 -6.71
CA LYS H 33 29.29 -39.57 -7.60
C LYS H 33 30.47 -38.85 -8.25
N LYS H 34 30.27 -37.66 -8.78
CA LYS H 34 31.34 -36.96 -9.47
C LYS H 34 31.32 -35.48 -9.08
N TYR H 35 32.52 -34.88 -9.08
CA TYR H 35 32.64 -33.44 -9.12
C TYR H 35 32.19 -32.95 -10.48
N VAL H 36 31.85 -31.67 -10.58
CA VAL H 36 31.40 -31.08 -11.83
C VAL H 36 32.18 -29.81 -12.10
N ILE H 37 32.74 -29.71 -13.29
CA ILE H 37 33.23 -28.45 -13.83
C ILE H 37 32.17 -28.00 -14.82
N LEU H 38 31.43 -26.96 -14.45
CA LEU H 38 30.36 -26.42 -15.27
C LEU H 38 30.81 -25.07 -15.81
N PHE H 39 30.89 -24.95 -17.15
CA PHE H 39 31.34 -23.71 -17.74
C PHE H 39 30.34 -23.21 -18.78
N PHE H 40 30.09 -21.90 -18.73
CA PHE H 40 29.24 -21.15 -19.65
C PHE H 40 30.08 -20.40 -20.66
N TYR H 41 29.60 -20.34 -21.90
CA TYR H 41 30.13 -19.54 -22.98
C TYR H 41 28.99 -18.77 -23.65
N PRO H 42 29.30 -17.66 -24.35
CA PRO H 42 28.23 -16.78 -24.87
C PRO H 42 27.46 -17.28 -26.10
N LYS H 43 28.12 -17.72 -27.17
CA LYS H 43 27.43 -17.97 -28.44
C LYS H 43 28.03 -19.15 -29.18
N ASP H 44 27.17 -20.03 -29.70
CA ASP H 44 27.59 -21.02 -30.67
C ASP H 44 28.09 -20.33 -31.94
N PHE H 45 29.03 -21.00 -32.63
CA PHE H 45 29.57 -20.55 -33.92
C PHE H 45 30.35 -19.25 -33.81
N THR H 46 31.00 -19.02 -32.68
CA THR H 46 31.85 -17.84 -32.57
C THR H 46 33.32 -18.25 -32.50
N PHE H 47 34.11 -17.57 -31.65
CA PHE H 47 35.56 -17.56 -31.82
C PHE H 47 36.30 -18.21 -30.65
N VAL H 48 36.31 -17.61 -29.46
CA VAL H 48 36.99 -18.25 -28.33
C VAL H 48 36.23 -19.50 -27.89
N CYS H 49 34.90 -19.47 -27.97
CA CYS H 49 34.07 -20.56 -27.45
C CYS H 49 34.41 -21.92 -28.05
N PRO H 50 34.57 -22.08 -29.37
CA PRO H 50 34.96 -23.41 -29.88
C PRO H 50 36.30 -23.88 -29.38
N THR H 51 37.27 -22.97 -29.22
CA THR H 51 38.57 -23.41 -28.69
C THR H 51 38.44 -23.88 -27.26
N GLU H 52 37.62 -23.20 -26.45
CA GLU H 52 37.42 -23.67 -25.08
C GLU H 52 36.74 -25.03 -25.04
N LEU H 53 35.70 -25.21 -25.88
CA LEU H 53 34.99 -26.49 -25.90
C LEU H 53 35.89 -27.63 -26.39
N ILE H 54 36.65 -27.38 -27.46
CA ILE H 54 37.56 -28.39 -28.00
C ILE H 54 38.64 -28.73 -26.99
N GLY H 55 39.20 -27.72 -26.33
CA GLY H 55 40.22 -27.98 -25.34
C GLY H 55 39.72 -28.80 -24.18
N PHE H 56 38.48 -28.53 -23.72
CA PHE H 56 37.90 -29.38 -22.69
C PHE H 56 37.73 -30.81 -23.20
N GLN H 57 37.40 -30.96 -24.47
CA GLN H 57 37.34 -32.31 -25.04
C GLN H 57 38.70 -33.00 -25.00
N GLU H 58 39.77 -32.26 -25.29
CA GLU H 58 41.09 -32.88 -25.29
C GLU H 58 41.55 -33.28 -23.90
N ALA H 59 41.15 -32.53 -22.87
CA ALA H 59 41.55 -32.83 -21.50
C ALA H 59 40.54 -33.70 -20.76
N LEU H 60 39.57 -34.26 -21.48
CA LEU H 60 38.46 -34.94 -20.82
C LEU H 60 38.93 -36.12 -19.98
N GLY H 61 39.96 -36.84 -20.44
CA GLY H 61 40.48 -37.95 -19.66
C GLY H 61 41.09 -37.52 -18.35
N GLU H 62 41.78 -36.37 -18.35
CA GLU H 62 42.35 -35.87 -17.11
C GLU H 62 41.27 -35.56 -16.09
N PHE H 63 40.09 -35.12 -16.53
CA PHE H 63 39.01 -34.89 -15.58
C PHE H 63 38.37 -36.20 -15.16
N ASP H 64 38.28 -37.17 -16.07
CA ASP H 64 37.77 -38.49 -15.73
C ASP H 64 38.59 -39.14 -14.62
N LYS H 65 39.93 -39.07 -14.69
CA LYS H 65 40.76 -39.64 -13.64
C LYS H 65 40.43 -39.06 -12.27
N ARG H 66 39.97 -37.81 -12.25
CA ARG H 66 39.73 -37.08 -11.01
C ARG H 66 38.27 -37.11 -10.59
N ASP H 67 37.46 -37.97 -11.21
CA ASP H 67 36.03 -38.08 -10.91
C ASP H 67 35.32 -36.76 -11.17
N VAL H 68 35.69 -36.09 -12.27
CA VAL H 68 35.15 -34.79 -12.62
C VAL H 68 34.40 -34.93 -13.95
N ALA H 69 33.13 -34.57 -13.95
CA ALA H 69 32.33 -34.45 -15.16
C ALA H 69 32.42 -33.03 -15.69
N VAL H 70 32.65 -32.90 -16.99
CA VAL H 70 32.73 -31.62 -17.66
C VAL H 70 31.39 -31.33 -18.32
N VAL H 71 30.82 -30.13 -18.07
CA VAL H 71 29.54 -29.73 -18.63
C VAL H 71 29.68 -28.32 -19.17
N GLY H 72 29.33 -28.13 -20.45
CA GLY H 72 29.26 -26.81 -21.04
C GLY H 72 27.83 -26.29 -21.13
N CYS H 73 27.72 -24.97 -21.28
CA CYS H 73 26.39 -24.37 -21.34
C CYS H 73 26.45 -23.02 -22.03
N SER H 74 25.46 -22.77 -22.89
CA SER H 74 25.17 -21.45 -23.44
C SER H 74 23.65 -21.33 -23.57
N THR H 75 23.19 -20.11 -23.88
CA THR H 75 21.77 -19.87 -24.04
C THR H 75 21.25 -20.18 -25.45
N ASP H 76 22.07 -20.79 -26.30
CA ASP H 76 21.60 -21.23 -27.60
C ASP H 76 20.75 -22.50 -27.46
N SER H 77 19.96 -22.78 -28.49
CA SER H 77 19.11 -23.97 -28.46
C SER H 77 19.95 -25.24 -28.60
N GLU H 78 19.32 -26.37 -28.25
CA GLU H 78 19.95 -27.67 -28.41
C GLU H 78 20.20 -28.00 -29.87
N PHE H 79 19.41 -27.42 -30.77
CA PHE H 79 19.62 -27.67 -32.19
C PHE H 79 20.82 -26.91 -32.74
N SER H 80 21.11 -25.70 -32.23
CA SER H 80 22.37 -25.05 -32.61
C SER H 80 23.56 -25.84 -32.10
N HIS H 81 23.48 -26.33 -30.85
CA HIS H 81 24.55 -27.18 -30.33
C HIS H 81 24.77 -28.39 -31.24
N TRP H 82 23.68 -29.05 -31.61
CA TRP H 82 23.77 -30.25 -32.45
C TRP H 82 24.37 -29.92 -33.81
N ALA H 83 23.95 -28.80 -34.41
CA ALA H 83 24.55 -28.38 -35.67
C ALA H 83 26.04 -28.12 -35.52
N TRP H 84 26.44 -27.60 -34.36
CA TRP H 84 27.83 -27.21 -34.17
C TRP H 84 28.73 -28.43 -33.97
N VAL H 85 28.25 -29.43 -33.23
CA VAL H 85 29.04 -30.66 -33.07
C VAL H 85 29.08 -31.46 -34.36
N ASN H 86 28.22 -31.13 -35.32
CA ASN H 86 28.27 -31.73 -36.65
C ASN H 86 28.96 -30.82 -37.65
N THR H 87 29.70 -29.83 -37.17
CA THR H 87 30.50 -28.97 -38.02
C THR H 87 31.97 -29.30 -37.79
N PRO H 88 32.74 -29.57 -38.85
CA PRO H 88 34.15 -29.90 -38.67
C PRO H 88 34.94 -28.72 -38.11
N ARG H 89 35.97 -29.05 -37.34
CA ARG H 89 36.74 -28.02 -36.63
C ARG H 89 37.40 -27.06 -37.61
N ASP H 90 37.88 -27.55 -38.75
CA ASP H 90 38.52 -26.66 -39.71
C ASP H 90 37.53 -25.69 -40.36
N GLN H 91 36.24 -25.83 -40.09
CA GLN H 91 35.22 -24.88 -40.51
C GLN H 91 34.66 -24.09 -39.34
N GLY H 92 35.36 -24.10 -38.21
CA GLY H 92 34.94 -23.42 -37.01
C GLY H 92 34.06 -24.23 -36.09
N GLY H 93 33.82 -25.49 -36.40
CA GLY H 93 32.94 -26.32 -35.62
C GLY H 93 33.61 -26.95 -34.43
N ILE H 94 32.81 -27.69 -33.66
CA ILE H 94 33.29 -28.35 -32.46
C ILE H 94 33.04 -29.84 -32.58
N GLN H 95 33.25 -30.39 -33.77
CA GLN H 95 33.07 -31.82 -33.98
C GLN H 95 33.92 -32.62 -33.00
N GLY H 96 33.34 -33.71 -32.47
CA GLY H 96 34.03 -34.56 -31.53
C GLY H 96 33.86 -34.20 -30.08
N VAL H 97 33.21 -33.08 -29.77
CA VAL H 97 32.89 -32.73 -28.39
C VAL H 97 31.78 -33.65 -27.90
N SER H 98 32.08 -34.47 -26.88
CA SER H 98 31.20 -35.57 -26.49
C SER H 98 30.58 -35.42 -25.11
N TYR H 99 31.11 -34.55 -24.26
CA TYR H 99 30.53 -34.32 -22.94
C TYR H 99 29.24 -33.51 -23.11
N PRO H 100 28.42 -33.41 -22.06
CA PRO H 100 27.13 -32.71 -22.21
C PRO H 100 27.32 -31.21 -22.46
N ILE H 101 26.59 -30.70 -23.44
CA ILE H 101 26.50 -29.27 -23.73
C ILE H 101 25.06 -28.87 -23.49
N VAL H 102 24.81 -28.14 -22.40
CA VAL H 102 23.46 -27.79 -21.99
C VAL H 102 22.95 -26.59 -22.80
N SER H 103 21.67 -26.63 -23.15
CA SER H 103 20.99 -25.52 -23.81
C SER H 103 20.19 -24.74 -22.77
N ASP H 104 20.67 -23.56 -22.40
CA ASP H 104 19.96 -22.67 -21.47
C ASP H 104 19.02 -21.76 -22.24
N ILE H 105 18.03 -22.39 -22.91
CA ILE H 105 17.24 -21.67 -23.91
C ILE H 105 16.38 -20.57 -23.29
N ASN H 106 16.00 -20.70 -22.01
CA ASN H 106 15.22 -19.66 -21.35
C ASN H 106 16.08 -18.64 -20.62
N LYS H 107 17.41 -18.83 -20.60
CA LYS H 107 18.35 -17.98 -19.89
C LYS H 107 18.23 -18.06 -18.38
N THR H 108 17.44 -19.00 -17.86
CA THR H 108 17.27 -19.10 -16.42
C THR H 108 18.49 -19.70 -15.73
N ILE H 109 19.19 -20.62 -16.39
CA ILE H 109 20.39 -21.19 -15.77
C ILE H 109 21.47 -20.12 -15.63
N SER H 110 21.73 -19.38 -16.70
CA SER H 110 22.73 -18.32 -16.66
C SER H 110 22.35 -17.27 -15.62
N ALA H 111 21.06 -16.95 -15.50
CA ALA H 111 20.63 -16.02 -14.47
C ALA H 111 20.89 -16.59 -13.07
N ASP H 112 20.47 -17.83 -12.84
CA ASP H 112 20.63 -18.44 -11.52
C ASP H 112 22.09 -18.58 -11.12
N TYR H 113 22.99 -18.76 -12.09
CA TYR H 113 24.41 -18.85 -11.78
C TYR H 113 25.12 -17.51 -11.83
N GLY H 114 24.41 -16.42 -12.13
CA GLY H 114 25.00 -15.09 -12.09
C GLY H 114 26.01 -14.77 -13.16
N VAL H 115 25.90 -15.40 -14.34
CA VAL H 115 26.81 -15.17 -15.44
C VAL H 115 26.13 -14.54 -16.65
N LEU H 116 24.84 -14.20 -16.54
CA LEU H 116 24.10 -13.62 -17.65
C LEU H 116 24.46 -12.15 -17.83
N ALA H 117 24.90 -11.80 -19.03
CA ALA H 117 25.22 -10.42 -19.38
C ALA H 117 23.95 -9.63 -19.63
N GLY H 118 24.11 -8.33 -19.89
CA GLY H 118 23.00 -7.47 -20.20
C GLY H 118 22.36 -6.89 -18.95
N ASP H 119 21.55 -5.87 -19.17
CA ASP H 119 20.85 -5.15 -18.11
C ASP H 119 19.40 -4.96 -18.49
N GLU H 120 18.50 -5.24 -17.56
CA GLU H 120 17.08 -5.09 -17.83
C GLU H 120 16.52 -3.88 -17.09
N ASN H 127 7.08 -0.64 -19.47
CA ASN H 127 7.45 -1.71 -20.40
C ASN H 127 8.81 -2.30 -20.01
N VAL H 128 9.12 -3.48 -20.55
CA VAL H 128 10.37 -4.17 -20.25
C VAL H 128 11.33 -3.98 -21.43
N GLU H 129 12.40 -3.23 -21.20
CA GLU H 129 13.48 -3.04 -22.14
C GLU H 129 14.76 -3.67 -21.61
N VAL H 130 15.66 -4.04 -22.52
CA VAL H 130 16.90 -4.74 -22.18
C VAL H 130 18.05 -3.97 -22.79
N ASN H 131 19.05 -3.65 -21.96
CA ASN H 131 20.30 -3.07 -22.44
C ASN H 131 21.31 -4.17 -22.68
N GLY H 132 21.86 -4.23 -23.88
CA GLY H 132 22.82 -5.27 -24.20
C GLY H 132 22.17 -6.59 -24.57
N GLU H 133 23.00 -7.63 -24.60
CA GLU H 133 22.60 -8.97 -25.00
C GLU H 133 22.52 -9.88 -23.79
N LEU H 134 21.40 -10.59 -23.65
CA LEU H 134 21.23 -11.56 -22.58
C LEU H 134 21.88 -12.89 -22.99
N ILE H 135 23.21 -12.91 -22.89
CA ILE H 135 24.01 -14.10 -23.13
C ILE H 135 24.99 -14.27 -21.97
N ALA H 136 25.52 -15.47 -21.83
CA ALA H 136 26.37 -15.81 -20.69
C ALA H 136 27.82 -15.35 -20.93
N TYR H 137 28.44 -14.82 -19.88
CA TYR H 137 29.87 -14.59 -19.90
C TYR H 137 30.62 -15.92 -19.72
N ARG H 138 31.94 -15.88 -19.88
CA ARG H 138 32.76 -17.09 -19.79
C ARG H 138 32.90 -17.47 -18.32
N GLY H 139 31.88 -18.17 -17.82
CA GLY H 139 31.78 -18.47 -16.39
C GLY H 139 32.17 -19.91 -16.12
N LEU H 140 32.83 -20.14 -14.98
CA LEU H 140 33.25 -21.49 -14.65
C LEU H 140 33.04 -21.75 -13.17
N PHE H 141 32.47 -22.93 -12.86
CA PHE H 141 32.15 -23.31 -11.50
C PHE H 141 32.68 -24.72 -11.22
N LEU H 142 33.33 -24.87 -10.07
CA LEU H 142 33.72 -26.18 -9.55
C LEU H 142 32.73 -26.58 -8.46
N ILE H 143 32.06 -27.70 -8.67
CA ILE H 143 31.01 -28.18 -7.79
C ILE H 143 31.46 -29.51 -7.19
N ASP H 144 31.39 -29.62 -5.86
CA ASP H 144 31.86 -30.84 -5.23
C ASP H 144 30.78 -31.94 -5.33
N LYS H 145 31.10 -33.11 -4.76
CA LYS H 145 30.19 -34.24 -4.87
C LYS H 145 28.88 -34.03 -4.12
N ASP H 146 28.83 -33.08 -3.19
CA ASP H 146 27.60 -32.71 -2.50
C ASP H 146 26.79 -31.66 -3.24
N GLY H 147 27.25 -31.21 -4.40
CA GLY H 147 26.53 -30.17 -5.11
C GLY H 147 26.83 -28.77 -4.66
N ILE H 148 27.92 -28.57 -3.89
CA ILE H 148 28.29 -27.27 -3.36
C ILE H 148 29.34 -26.62 -4.24
N VAL H 149 29.17 -25.34 -4.52
CA VAL H 149 30.13 -24.58 -5.31
C VAL H 149 31.33 -24.23 -4.42
N ARG H 150 32.52 -24.61 -4.87
CA ARG H 150 33.75 -24.33 -4.13
C ARG H 150 34.66 -23.34 -4.83
N HIS H 151 34.44 -23.07 -6.12
CA HIS H 151 35.28 -22.16 -6.88
C HIS H 151 34.48 -21.63 -8.06
N GLN H 152 34.62 -20.34 -8.34
CA GLN H 152 33.97 -19.74 -9.49
C GLN H 152 34.88 -18.69 -10.11
N LEU H 153 34.68 -18.49 -11.41
CA LEU H 153 35.51 -17.63 -12.24
C LEU H 153 34.66 -17.13 -13.39
N ILE H 154 34.75 -15.84 -13.69
CA ILE H 154 34.05 -15.26 -14.83
C ILE H 154 35.00 -14.36 -15.60
N ASN H 155 35.10 -14.59 -16.91
CA ASN H 155 35.92 -13.80 -17.80
C ASN H 155 35.06 -13.04 -18.80
N ASP H 156 35.53 -11.84 -19.16
CA ASP H 156 34.95 -11.10 -20.26
C ASP H 156 35.06 -11.91 -21.56
N PHE H 157 34.23 -11.52 -22.54
CA PHE H 157 34.10 -12.25 -23.80
C PHE H 157 35.42 -12.58 -24.49
N PRO H 158 36.38 -11.66 -24.65
CA PRO H 158 37.59 -11.98 -25.43
C PRO H 158 38.68 -12.72 -24.66
N LEU H 159 38.47 -13.09 -23.39
CA LEU H 159 39.53 -13.67 -22.57
C LEU H 159 39.22 -15.15 -22.31
N GLY H 160 39.82 -16.03 -23.12
CA GLY H 160 39.64 -17.45 -22.91
C GLY H 160 40.19 -17.92 -21.58
N ARG H 161 39.64 -19.04 -21.11
CA ARG H 161 39.98 -19.58 -19.81
C ARG H 161 41.15 -20.57 -19.93
N SER H 162 41.50 -21.24 -18.84
CA SER H 162 42.66 -22.13 -18.81
C SER H 162 42.28 -23.47 -18.17
N ILE H 163 42.51 -24.55 -18.91
CA ILE H 163 42.26 -25.88 -18.35
C ILE H 163 43.23 -26.19 -17.22
N ASP H 164 44.47 -25.67 -17.30
CA ASP H 164 45.44 -25.93 -16.25
C ASP H 164 44.96 -25.38 -14.91
N GLU H 165 44.40 -24.17 -14.89
CA GLU H 165 43.92 -23.62 -13.63
C GLU H 165 42.72 -24.39 -13.10
N ALA H 166 41.84 -24.84 -13.99
CA ALA H 166 40.71 -25.66 -13.55
C ALA H 166 41.19 -26.96 -12.93
N ILE H 167 42.15 -27.63 -13.58
CA ILE H 167 42.73 -28.86 -13.04
C ILE H 167 43.40 -28.58 -11.69
N ARG H 168 44.10 -27.44 -11.58
CA ARG H 168 44.78 -27.11 -10.34
C ARG H 168 43.79 -26.91 -9.20
N VAL H 169 42.69 -26.20 -9.45
CA VAL H 169 41.71 -25.98 -8.39
C VAL H 169 41.03 -27.30 -8.02
N VAL H 170 40.78 -28.17 -9.01
CA VAL H 170 40.26 -29.50 -8.70
C VAL H 170 41.21 -30.26 -7.79
N ASP H 171 42.51 -30.24 -8.14
CA ASP H 171 43.51 -30.93 -7.33
C ASP H 171 43.57 -30.37 -5.92
N ALA H 172 43.47 -29.05 -5.79
CA ALA H 172 43.51 -28.41 -4.48
C ALA H 172 42.30 -28.79 -3.64
N LEU H 173 41.10 -28.76 -4.23
CA LEU H 173 39.90 -29.14 -3.50
C LEU H 173 40.00 -30.58 -3.03
N GLN H 174 40.42 -31.49 -3.91
CA GLN H 174 40.52 -32.88 -3.52
C GLN H 174 41.60 -33.08 -2.45
N HIS H 175 42.69 -32.32 -2.53
CA HIS H 175 43.72 -32.41 -1.49
C HIS H 175 43.18 -31.97 -0.14
N PHE H 176 42.43 -30.86 -0.12
CA PHE H 176 41.86 -30.41 1.15
C PHE H 176 40.83 -31.40 1.68
N GLU H 177 40.03 -32.01 0.79
CA GLU H 177 39.06 -33.00 1.22
C GLU H 177 39.74 -34.24 1.79
N LEU H 178 40.85 -34.67 1.18
CA LEU H 178 41.51 -35.88 1.64
C LEU H 178 42.26 -35.65 2.96
N TYR H 179 43.11 -34.63 3.01
CA TYR H 179 44.04 -34.48 4.10
C TYR H 179 43.69 -33.38 5.09
N GLY H 180 42.63 -32.61 4.83
CA GLY H 180 42.31 -31.51 5.71
C GLY H 180 43.33 -30.39 5.70
N GLU H 181 44.32 -30.46 4.81
CA GLU H 181 45.34 -29.43 4.69
C GLU H 181 44.85 -28.38 3.70
N VAL H 182 44.98 -27.12 4.07
CA VAL H 182 44.60 -26.02 3.19
C VAL H 182 45.73 -25.75 2.22
N CYS H 183 45.37 -25.27 1.02
CA CYS H 183 46.33 -25.10 -0.06
C CYS H 183 46.79 -23.66 -0.12
N PRO H 184 48.09 -23.39 0.01
CA PRO H 184 48.59 -22.01 -0.02
C PRO H 184 48.64 -21.50 -1.46
N LEU H 185 49.10 -20.26 -1.59
CA LEU H 185 49.17 -19.62 -2.89
C LEU H 185 50.08 -20.41 -3.82
N GLY H 186 49.63 -20.60 -5.06
CA GLY H 186 50.41 -21.29 -6.07
C GLY H 186 50.59 -22.77 -5.84
N TRP H 187 49.80 -23.38 -4.96
CA TRP H 187 49.98 -24.79 -4.66
C TRP H 187 49.65 -25.65 -5.86
N HIS H 188 50.46 -26.70 -6.06
CA HIS H 188 50.20 -27.72 -7.06
C HIS H 188 50.36 -29.10 -6.42
N LYS H 189 49.79 -30.10 -7.10
CA LYS H 189 49.89 -31.47 -6.61
C LYS H 189 51.35 -31.86 -6.47
N GLY H 190 51.70 -32.37 -5.29
CA GLY H 190 53.07 -32.74 -5.00
C GLY H 190 53.83 -31.70 -4.19
N GLU H 191 53.36 -30.47 -4.12
CA GLU H 191 54.01 -29.45 -3.31
C GLU H 191 53.47 -29.48 -1.89
N ALA H 192 54.13 -28.76 -0.99
CA ALA H 192 53.77 -28.79 0.43
C ALA H 192 52.51 -27.96 0.68
N ALA H 193 51.52 -28.59 1.32
CA ALA H 193 50.32 -27.90 1.75
C ALA H 193 50.51 -27.31 3.14
N MET H 194 49.44 -27.15 3.91
CA MET H 194 49.54 -26.47 5.20
C MET H 194 48.48 -26.97 6.17
N THR H 195 48.87 -27.12 7.43
CA THR H 195 47.92 -27.43 8.49
C THR H 195 47.23 -26.13 8.92
N PRO H 196 45.88 -26.09 8.93
CA PRO H 196 45.18 -24.86 9.31
C PRO H 196 45.22 -24.59 10.81
N SER H 197 46.37 -24.12 11.31
CA SER H 197 46.55 -23.76 12.71
C SER H 197 47.66 -22.73 12.82
N HIS H 198 47.74 -22.09 14.00
CA HIS H 198 48.83 -21.17 14.27
C HIS H 198 50.18 -21.83 14.02
N GLU H 199 50.35 -23.03 14.59
CA GLU H 199 51.56 -23.81 14.36
C GLU H 199 51.74 -24.11 12.88
N GLY H 200 50.65 -24.43 12.19
CA GLY H 200 50.73 -24.76 10.77
C GLY H 200 51.24 -23.61 9.92
N VAL H 201 50.69 -22.41 10.14
CA VAL H 201 51.09 -21.27 9.31
C VAL H 201 52.51 -20.83 9.66
N ALA H 202 52.86 -20.83 10.96
CA ALA H 202 54.22 -20.47 11.33
C ALA H 202 55.23 -21.45 10.72
N SER H 203 54.92 -22.75 10.79
CA SER H 203 55.83 -23.75 10.25
C SER H 203 55.93 -23.66 8.73
N TYR H 204 54.81 -23.50 8.04
CA TYR H 204 54.85 -23.39 6.58
C TYR H 204 55.63 -22.16 6.13
N LEU H 205 55.35 -21.00 6.74
CA LEU H 205 56.02 -19.78 6.29
C LEU H 205 57.49 -19.75 6.67
N SER H 206 57.87 -20.38 7.79
CA SER H 206 59.28 -20.43 8.14
C SER H 206 60.08 -21.26 7.13
N LYS H 207 59.49 -22.36 6.65
CA LYS H 207 60.18 -23.21 5.68
C LYS H 207 60.40 -22.50 4.35
N LEU H 208 59.51 -21.58 3.97
CA LEU H 208 59.69 -20.84 2.72
C LEU H 208 60.91 -19.93 2.77
N GLU H 209 61.24 -19.40 3.95
CA GLU H 209 62.43 -18.57 4.13
C GLU H 209 63.56 -19.37 4.77
N MET I 1 -4.35 -11.72 -27.50
CA MET I 1 -4.38 -12.99 -26.77
C MET I 1 -3.67 -14.13 -27.50
N LEU I 2 -2.67 -14.74 -26.84
CA LEU I 2 -1.95 -15.87 -27.43
C LEU I 2 -2.62 -17.12 -26.86
N LEU I 3 -3.44 -17.76 -27.69
CA LEU I 3 -4.20 -18.92 -27.30
C LEU I 3 -3.62 -20.21 -27.88
N ILE I 4 -2.60 -20.10 -28.74
CA ILE I 4 -2.03 -21.29 -29.35
C ILE I 4 -1.51 -22.21 -28.25
N GLY I 5 -1.96 -23.45 -28.27
CA GLY I 5 -1.55 -24.39 -27.25
C GLY I 5 -2.32 -24.31 -25.95
N LYS I 6 -3.30 -23.42 -25.85
CA LYS I 6 -4.08 -23.23 -24.64
C LYS I 6 -5.54 -23.54 -24.94
N PRO I 7 -6.34 -23.89 -23.93
CA PRO I 7 -7.74 -24.19 -24.19
C PRO I 7 -8.49 -22.96 -24.71
N ALA I 8 -9.36 -23.18 -25.69
CA ALA I 8 -10.21 -22.11 -26.17
C ALA I 8 -11.11 -21.64 -25.03
N PRO I 9 -11.14 -20.34 -24.73
CA PRO I 9 -11.93 -19.87 -23.59
C PRO I 9 -13.37 -20.32 -23.67
N HIS I 10 -13.91 -20.70 -22.51
CA HIS I 10 -15.28 -21.16 -22.41
C HIS I 10 -16.26 -20.00 -22.49
N PHE I 11 -17.44 -20.28 -23.06
CA PHE I 11 -18.54 -19.32 -23.03
C PHE I 11 -19.86 -20.09 -23.05
N SER I 12 -20.93 -19.35 -22.81
CA SER I 12 -22.28 -19.91 -22.85
C SER I 12 -23.22 -18.75 -23.12
N ALA I 13 -23.77 -18.69 -24.33
CA ALA I 13 -24.50 -17.52 -24.78
C ALA I 13 -25.70 -17.91 -25.62
N ASN I 14 -26.58 -16.93 -25.86
CA ASN I 14 -27.64 -17.11 -26.83
C ASN I 14 -27.05 -17.17 -28.23
N ALA I 15 -27.71 -17.93 -29.10
CA ALA I 15 -27.25 -18.08 -30.47
C ALA I 15 -28.45 -18.28 -31.37
N VAL I 16 -28.19 -18.17 -32.67
CA VAL I 16 -29.13 -18.60 -33.70
C VAL I 16 -28.55 -19.86 -34.33
N VAL I 17 -29.24 -20.97 -34.12
CA VAL I 17 -28.87 -22.25 -34.72
C VAL I 17 -30.02 -22.67 -35.62
N ASN I 18 -29.68 -22.95 -36.88
CA ASN I 18 -30.66 -23.30 -37.91
C ASN I 18 -31.81 -22.27 -37.94
N GLY I 19 -31.46 -20.99 -37.83
CA GLY I 19 -32.41 -19.90 -37.88
C GLY I 19 -33.25 -19.70 -36.64
N THR I 20 -33.01 -20.45 -35.57
CA THR I 20 -33.82 -20.37 -34.36
C THR I 20 -32.97 -19.91 -33.18
N ILE I 21 -33.52 -19.00 -32.38
CA ILE I 21 -32.82 -18.52 -31.18
C ILE I 21 -32.83 -19.62 -30.12
N VAL I 22 -31.65 -19.96 -29.63
CA VAL I 22 -31.47 -20.98 -28.60
C VAL I 22 -30.58 -20.44 -27.48
N PRO I 23 -30.79 -20.86 -26.24
CA PRO I 23 -29.96 -20.35 -25.14
C PRO I 23 -28.80 -21.27 -24.79
N ASP I 24 -27.85 -20.76 -23.99
CA ASP I 24 -26.82 -21.60 -23.38
C ASP I 24 -25.99 -22.34 -24.43
N PHE I 25 -25.69 -21.68 -25.54
CA PHE I 25 -24.82 -22.28 -26.53
C PHE I 25 -23.36 -22.19 -26.07
N SER I 26 -22.65 -23.32 -26.18
CA SER I 26 -21.27 -23.40 -25.74
C SER I 26 -20.53 -24.36 -26.66
N LEU I 27 -19.21 -24.23 -26.69
CA LEU I 27 -18.37 -25.18 -27.42
C LEU I 27 -18.07 -26.43 -26.59
N ASP I 28 -18.58 -26.51 -25.35
CA ASP I 28 -18.43 -27.71 -24.55
C ASP I 28 -18.87 -28.94 -25.32
N GLN I 29 -20.01 -28.82 -26.00
CA GLN I 29 -20.64 -29.94 -26.68
C GLN I 29 -19.71 -30.60 -27.69
N PHE I 30 -18.72 -29.87 -28.21
CA PHE I 30 -17.87 -30.42 -29.25
C PHE I 30 -16.62 -31.13 -28.71
N LYS I 31 -16.30 -30.97 -27.42
CA LYS I 31 -15.10 -31.62 -26.88
C LYS I 31 -15.19 -33.14 -27.03
N GLY I 32 -14.12 -33.73 -27.56
CA GLY I 32 -14.07 -35.15 -27.79
C GLY I 32 -14.82 -35.63 -29.01
N LYS I 33 -15.52 -34.74 -29.71
CA LYS I 33 -16.37 -35.13 -30.84
C LYS I 33 -16.00 -34.43 -32.13
N LYS I 34 -15.86 -33.10 -32.11
CA LYS I 34 -15.64 -32.35 -33.33
C LYS I 34 -14.56 -31.29 -33.13
N TYR I 35 -13.84 -31.00 -34.21
CA TYR I 35 -13.06 -29.78 -34.30
C TYR I 35 -14.01 -28.59 -34.40
N VAL I 36 -13.49 -27.40 -34.11
CA VAL I 36 -14.31 -26.19 -34.19
C VAL I 36 -13.56 -25.16 -35.02
N ILE I 37 -14.23 -24.60 -36.01
CA ILE I 37 -13.78 -23.38 -36.65
C ILE I 37 -14.65 -22.25 -36.13
N LEU I 38 -14.07 -21.41 -35.28
CA LEU I 38 -14.79 -20.32 -34.64
C LEU I 38 -14.35 -19.00 -35.27
N PHE I 39 -15.29 -18.26 -35.84
CA PHE I 39 -14.93 -16.99 -36.47
C PHE I 39 -15.80 -15.84 -35.97
N PHE I 40 -15.14 -14.73 -35.68
CA PHE I 40 -15.77 -13.49 -35.26
C PHE I 40 -15.79 -12.51 -36.43
N TYR I 41 -16.89 -11.76 -36.53
CA TYR I 41 -17.07 -10.66 -37.45
C TYR I 41 -17.61 -9.46 -36.68
N PRO I 42 -17.42 -8.24 -37.21
CA PRO I 42 -17.77 -7.04 -36.43
C PRO I 42 -19.24 -6.70 -36.26
N LYS I 43 -20.03 -6.65 -37.34
CA LYS I 43 -21.37 -6.09 -37.28
C LYS I 43 -22.34 -6.83 -38.20
N ASP I 44 -23.51 -7.13 -37.68
CA ASP I 44 -24.61 -7.57 -38.54
C ASP I 44 -25.01 -6.46 -39.52
N PHE I 45 -25.54 -6.88 -40.67
CA PHE I 45 -26.08 -5.98 -41.69
C PHE I 45 -25.02 -5.09 -42.34
N THR I 46 -23.77 -5.57 -42.44
CA THR I 46 -22.76 -4.79 -43.14
C THR I 46 -22.35 -5.45 -44.44
N PHE I 47 -21.04 -5.44 -44.75
CA PHE I 47 -20.58 -5.64 -46.13
C PHE I 47 -19.75 -6.92 -46.29
N VAL I 48 -18.56 -7.00 -45.71
CA VAL I 48 -17.77 -8.23 -45.83
C VAL I 48 -18.41 -9.36 -45.02
N CYS I 49 -18.99 -9.02 -43.87
CA CYS I 49 -19.50 -10.04 -42.95
C CYS I 49 -20.53 -10.95 -43.60
N PRO I 50 -21.54 -10.45 -44.34
CA PRO I 50 -22.47 -11.40 -44.99
C PRO I 50 -21.79 -12.31 -46.00
N THR I 51 -20.80 -11.81 -46.73
CA THR I 51 -20.10 -12.67 -47.69
C THR I 51 -19.37 -13.78 -46.97
N GLU I 52 -18.74 -13.47 -45.83
CA GLU I 52 -18.06 -14.50 -45.07
C GLU I 52 -19.04 -15.53 -44.50
N LEU I 53 -20.16 -15.06 -43.92
CA LEU I 53 -21.13 -15.99 -43.32
C LEU I 53 -21.76 -16.89 -44.38
N ILE I 54 -22.16 -16.30 -45.52
CA ILE I 54 -22.75 -17.08 -46.60
C ILE I 54 -21.73 -18.07 -47.17
N GLY I 55 -20.48 -17.63 -47.37
CA GLY I 55 -19.47 -18.53 -47.90
C GLY I 55 -19.20 -19.71 -46.98
N PHE I 56 -19.20 -19.48 -45.67
CA PHE I 56 -19.10 -20.60 -44.74
C PHE I 56 -20.31 -21.52 -44.87
N GLN I 57 -21.50 -20.96 -45.10
CA GLN I 57 -22.66 -21.82 -45.33
C GLN I 57 -22.46 -22.69 -46.57
N GLU I 58 -21.93 -22.09 -47.65
CA GLU I 58 -21.75 -22.84 -48.90
C GLU I 58 -20.71 -23.95 -48.75
N ALA I 59 -19.71 -23.74 -47.90
CA ALA I 59 -18.65 -24.73 -47.69
C ALA I 59 -18.94 -25.66 -46.53
N LEU I 60 -20.17 -25.65 -46.00
CA LEU I 60 -20.43 -26.40 -44.78
C LEU I 60 -20.18 -27.89 -44.94
N GLY I 61 -20.43 -28.43 -46.13
CA GLY I 61 -20.18 -29.85 -46.36
C GLY I 61 -18.70 -30.21 -46.28
N GLU I 62 -17.83 -29.33 -46.79
CA GLU I 62 -16.40 -29.57 -46.71
C GLU I 62 -15.92 -29.66 -45.26
N PHE I 63 -16.55 -28.91 -44.36
CA PHE I 63 -16.19 -29.01 -42.95
C PHE I 63 -16.83 -30.25 -42.31
N ASP I 64 -18.06 -30.58 -42.71
CA ASP I 64 -18.69 -31.81 -42.21
C ASP I 64 -17.84 -33.03 -42.52
N LYS I 65 -17.29 -33.12 -43.75
CA LYS I 65 -16.46 -34.25 -44.09
C LYS I 65 -15.26 -34.37 -43.15
N ARG I 66 -14.79 -33.24 -42.61
CA ARG I 66 -13.61 -33.23 -41.75
C ARG I 66 -13.95 -33.18 -40.27
N ASP I 67 -15.20 -33.44 -39.91
CA ASP I 67 -15.63 -33.48 -38.51
C ASP I 67 -15.42 -32.13 -37.83
N VAL I 68 -15.72 -31.06 -38.56
CA VAL I 68 -15.51 -29.70 -38.10
C VAL I 68 -16.86 -29.00 -38.00
N ALA I 69 -17.17 -28.48 -36.81
CA ALA I 69 -18.32 -27.62 -36.62
C ALA I 69 -17.91 -26.17 -36.86
N VAL I 70 -18.70 -25.46 -37.66
CA VAL I 70 -18.47 -24.07 -37.98
C VAL I 70 -19.36 -23.22 -37.07
N VAL I 71 -18.76 -22.25 -36.37
CA VAL I 71 -19.47 -21.37 -35.46
C VAL I 71 -19.03 -19.93 -35.72
N GLY I 72 -20.00 -19.06 -36.02
CA GLY I 72 -19.75 -17.64 -36.14
C GLY I 72 -20.15 -16.90 -34.87
N CYS I 73 -19.62 -15.68 -34.72
CA CYS I 73 -19.88 -14.90 -33.51
C CYS I 73 -19.68 -13.42 -33.77
N SER I 74 -20.59 -12.60 -33.24
CA SER I 74 -20.41 -11.17 -33.18
C SER I 74 -20.99 -10.66 -31.87
N THR I 75 -20.77 -9.38 -31.57
CA THR I 75 -21.31 -8.80 -30.35
C THR I 75 -22.72 -8.26 -30.53
N ASP I 76 -23.36 -8.55 -31.67
CA ASP I 76 -24.76 -8.21 -31.87
C ASP I 76 -25.65 -9.18 -31.09
N SER I 77 -26.89 -8.76 -30.85
CA SER I 77 -27.81 -9.61 -30.11
C SER I 77 -28.26 -10.80 -30.95
N GLU I 78 -28.83 -11.79 -30.26
CA GLU I 78 -29.41 -12.94 -30.94
C GLU I 78 -30.62 -12.52 -31.78
N PHE I 79 -31.30 -11.44 -31.41
CA PHE I 79 -32.42 -10.98 -32.24
C PHE I 79 -31.96 -10.30 -33.52
N SER I 80 -30.84 -9.56 -33.48
CA SER I 80 -30.28 -9.05 -34.73
C SER I 80 -29.87 -10.20 -35.64
N HIS I 81 -29.22 -11.22 -35.09
CA HIS I 81 -28.87 -12.40 -35.87
C HIS I 81 -30.12 -13.02 -36.50
N TRP I 82 -31.17 -13.20 -35.69
CA TRP I 82 -32.39 -13.82 -36.20
C TRP I 82 -33.01 -12.99 -37.32
N ALA I 83 -33.06 -11.67 -37.14
CA ALA I 83 -33.53 -10.82 -38.23
C ALA I 83 -32.67 -10.97 -39.48
N TRP I 84 -31.36 -11.14 -39.29
CA TRP I 84 -30.47 -11.16 -40.44
C TRP I 84 -30.61 -12.45 -41.24
N VAL I 85 -30.79 -13.58 -40.56
CA VAL I 85 -31.01 -14.83 -41.27
C VAL I 85 -32.39 -14.89 -41.92
N ASN I 86 -33.30 -13.97 -41.58
CA ASN I 86 -34.59 -13.87 -42.23
C ASN I 86 -34.64 -12.75 -43.28
N THR I 87 -33.48 -12.24 -43.68
CA THR I 87 -33.36 -11.25 -44.76
C THR I 87 -32.75 -11.91 -45.98
N PRO I 88 -33.37 -11.78 -47.16
CA PRO I 88 -32.82 -12.42 -48.36
C PRO I 88 -31.45 -11.86 -48.72
N ARG I 89 -30.63 -12.72 -49.31
CA ARG I 89 -29.25 -12.36 -49.60
C ARG I 89 -29.16 -11.19 -50.58
N ASP I 90 -30.07 -11.13 -51.56
CA ASP I 90 -30.01 -10.04 -52.54
C ASP I 90 -30.29 -8.68 -51.91
N GLN I 91 -30.64 -8.64 -50.63
CA GLN I 91 -30.80 -7.41 -49.87
C GLN I 91 -29.71 -7.26 -48.82
N GLY I 92 -28.64 -8.03 -48.93
CA GLY I 92 -27.57 -8.01 -47.96
C GLY I 92 -27.74 -8.97 -46.80
N GLY I 93 -28.77 -9.82 -46.83
CA GLY I 93 -29.04 -10.73 -45.74
C GLY I 93 -28.23 -12.01 -45.81
N ILE I 94 -28.39 -12.83 -44.76
CA ILE I 94 -27.64 -14.08 -44.67
C ILE I 94 -28.63 -15.23 -44.54
N GLN I 95 -29.71 -15.15 -45.32
CA GLN I 95 -30.70 -16.22 -45.32
C GLN I 95 -30.05 -17.54 -45.71
N GLY I 96 -30.44 -18.61 -45.02
CA GLY I 96 -29.90 -19.92 -45.28
C GLY I 96 -28.68 -20.30 -44.47
N VAL I 97 -28.12 -19.37 -43.70
CA VAL I 97 -27.01 -19.71 -42.81
C VAL I 97 -27.58 -20.50 -41.63
N SER I 98 -27.17 -21.76 -41.51
CA SER I 98 -27.81 -22.68 -40.57
C SER I 98 -26.92 -23.13 -39.42
N TYR I 99 -25.60 -22.94 -39.52
CA TYR I 99 -24.69 -23.27 -38.43
C TYR I 99 -24.88 -22.25 -37.31
N PRO I 100 -24.33 -22.51 -36.12
CA PRO I 100 -24.56 -21.59 -35.00
C PRO I 100 -23.91 -20.23 -35.21
N ILE I 101 -24.67 -19.17 -34.94
CA ILE I 101 -24.18 -17.80 -34.91
C ILE I 101 -24.36 -17.30 -33.48
N VAL I 102 -23.25 -17.19 -32.74
CA VAL I 102 -23.29 -16.86 -31.31
C VAL I 102 -23.46 -15.36 -31.13
N SER I 103 -24.26 -14.97 -30.13
CA SER I 103 -24.41 -13.57 -29.75
C SER I 103 -23.52 -13.29 -28.54
N ASP I 104 -22.43 -12.56 -28.78
CA ASP I 104 -21.54 -12.13 -27.71
C ASP I 104 -22.01 -10.79 -27.16
N ILE I 105 -23.23 -10.80 -26.60
CA ILE I 105 -23.91 -9.54 -26.29
C ILE I 105 -23.20 -8.76 -25.19
N ASN I 106 -22.44 -9.44 -24.33
CA ASN I 106 -21.69 -8.77 -23.27
C ASN I 106 -20.25 -8.44 -23.68
N LYS I 107 -19.85 -8.83 -24.88
CA LYS I 107 -18.51 -8.64 -25.42
C LYS I 107 -17.46 -9.44 -24.67
N THR I 108 -17.86 -10.34 -23.77
CA THR I 108 -16.87 -11.08 -22.98
C THR I 108 -16.17 -12.16 -23.80
N ILE I 109 -16.87 -12.77 -24.76
CA ILE I 109 -16.22 -13.77 -25.60
C ILE I 109 -15.14 -13.12 -26.47
N SER I 110 -15.48 -12.00 -27.12
CA SER I 110 -14.50 -11.30 -27.95
C SER I 110 -13.29 -10.86 -27.14
N ALA I 111 -13.52 -10.37 -25.93
CA ALA I 111 -12.42 -9.98 -25.05
C ALA I 111 -11.56 -11.19 -24.69
N ASP I 112 -12.20 -12.30 -24.30
CA ASP I 112 -11.45 -13.50 -23.93
C ASP I 112 -10.64 -14.06 -25.09
N TYR I 113 -11.12 -13.92 -26.32
CA TYR I 113 -10.39 -14.41 -27.47
C TYR I 113 -9.43 -13.39 -28.06
N GLY I 114 -9.33 -12.20 -27.49
CA GLY I 114 -8.35 -11.22 -27.93
C GLY I 114 -8.64 -10.61 -29.28
N VAL I 115 -9.92 -10.54 -29.66
CA VAL I 115 -10.32 -9.99 -30.94
C VAL I 115 -11.16 -8.73 -30.78
N LEU I 116 -11.39 -8.26 -29.56
CA LEU I 116 -12.24 -7.10 -29.34
C LEU I 116 -11.47 -5.83 -29.70
N ALA I 117 -12.00 -5.05 -30.63
CA ALA I 117 -11.40 -3.79 -31.02
C ALA I 117 -11.68 -2.72 -29.96
N GLY I 118 -11.11 -1.53 -30.17
CA GLY I 118 -11.35 -0.40 -29.31
C GLY I 118 -10.39 -0.31 -28.14
N ASP I 119 -10.44 0.84 -27.48
CA ASP I 119 -9.58 1.16 -26.34
C ASP I 119 -10.46 1.69 -25.20
N GLU I 120 -10.26 1.14 -24.01
CA GLU I 120 -11.01 1.52 -22.82
C GLU I 120 -10.09 2.30 -21.88
N GLU I 121 -10.66 3.32 -21.23
CA GLU I 121 -9.91 4.14 -20.29
C GLU I 121 -10.87 4.66 -19.22
N ILE I 122 -10.37 4.76 -18.00
CA ILE I 122 -11.18 5.14 -16.84
C ILE I 122 -10.98 6.63 -16.56
N ASP I 123 -12.07 7.37 -16.44
CA ASP I 123 -12.02 8.80 -16.19
C ASP I 123 -11.60 9.08 -14.74
N GLU I 124 -11.29 10.36 -14.48
CA GLU I 124 -11.01 10.79 -13.12
C GLU I 124 -12.22 10.60 -12.22
N ASP I 125 -13.43 10.67 -12.78
CA ASP I 125 -14.68 10.38 -12.08
C ASP I 125 -14.91 8.88 -11.93
N GLY I 126 -13.85 8.08 -11.97
CA GLY I 126 -13.98 6.64 -12.04
C GLY I 126 -14.77 6.12 -13.21
N ASN I 127 -15.18 6.98 -14.14
CA ASN I 127 -16.03 6.53 -15.24
C ASN I 127 -15.20 5.83 -16.31
N VAL I 128 -15.87 5.00 -17.10
CA VAL I 128 -15.23 4.25 -18.17
C VAL I 128 -15.61 4.89 -19.50
N GLU I 129 -14.62 5.43 -20.21
CA GLU I 129 -14.81 5.91 -21.57
C GLU I 129 -14.08 4.99 -22.53
N VAL I 130 -14.57 4.94 -23.77
CA VAL I 130 -14.08 4.01 -24.77
C VAL I 130 -13.71 4.81 -26.01
N ASN I 131 -12.49 4.62 -26.49
CA ASN I 131 -12.06 5.16 -27.77
C ASN I 131 -12.26 4.09 -28.83
N GLY I 132 -12.99 4.45 -29.89
CA GLY I 132 -13.33 3.48 -30.91
C GLY I 132 -14.54 2.66 -30.50
N GLU I 133 -14.78 1.61 -31.27
CA GLU I 133 -15.93 0.73 -31.07
C GLU I 133 -15.49 -0.61 -30.49
N LEU I 134 -16.17 -1.06 -29.44
CA LEU I 134 -15.94 -2.39 -28.88
C LEU I 134 -16.70 -3.40 -29.72
N ILE I 135 -16.13 -3.73 -30.88
CA ILE I 135 -16.64 -4.76 -31.77
C ILE I 135 -15.51 -5.71 -32.14
N ALA I 136 -15.87 -6.89 -32.64
CA ALA I 136 -14.87 -7.90 -32.92
C ALA I 136 -14.23 -7.68 -34.29
N TYR I 137 -12.91 -7.84 -34.34
CA TYR I 137 -12.22 -7.92 -35.61
C TYR I 137 -12.48 -9.28 -36.27
N ARG I 138 -12.05 -9.44 -37.51
CA ARG I 138 -12.29 -10.67 -38.24
C ARG I 138 -11.35 -11.74 -37.73
N GLY I 139 -11.76 -12.39 -36.64
CA GLY I 139 -10.91 -13.34 -35.94
C GLY I 139 -11.32 -14.76 -36.27
N LEU I 140 -10.35 -15.66 -36.38
CA LEU I 140 -10.64 -17.05 -36.70
C LEU I 140 -9.75 -17.98 -35.89
N PHE I 141 -10.34 -19.05 -35.36
CA PHE I 141 -9.64 -20.00 -34.51
C PHE I 141 -9.97 -21.42 -34.93
N LEU I 142 -8.94 -22.24 -35.03
CA LEU I 142 -9.08 -23.68 -35.20
C LEU I 142 -8.87 -24.30 -33.82
N ILE I 143 -9.88 -25.00 -33.33
CA ILE I 143 -9.90 -25.62 -32.02
C ILE I 143 -9.97 -27.13 -32.22
N ASP I 144 -9.06 -27.88 -31.60
CA ASP I 144 -9.04 -29.32 -31.79
C ASP I 144 -10.07 -30.00 -30.89
N LYS I 145 -10.13 -31.33 -30.97
CA LYS I 145 -11.16 -32.07 -30.24
C LYS I 145 -10.96 -32.03 -28.73
N ASP I 146 -9.77 -31.67 -28.28
CA ASP I 146 -9.53 -31.47 -26.85
C ASP I 146 -9.83 -30.05 -26.41
N GLY I 147 -10.30 -29.19 -27.32
CA GLY I 147 -10.58 -27.81 -26.97
C GLY I 147 -9.37 -26.91 -27.01
N ILE I 148 -8.28 -27.34 -27.65
CA ILE I 148 -7.02 -26.59 -27.68
C ILE I 148 -6.96 -25.79 -28.98
N VAL I 149 -6.58 -24.51 -28.87
CA VAL I 149 -6.41 -23.66 -30.05
C VAL I 149 -5.10 -24.04 -30.74
N ARG I 150 -5.18 -24.37 -32.03
CA ARG I 150 -4.03 -24.78 -32.81
C ARG I 150 -3.64 -23.80 -33.90
N HIS I 151 -4.53 -22.86 -34.25
CA HIS I 151 -4.28 -21.90 -35.30
C HIS I 151 -5.22 -20.73 -35.07
N GLN I 152 -4.70 -19.51 -35.27
CA GLN I 152 -5.52 -18.32 -35.15
C GLN I 152 -5.10 -17.30 -36.20
N LEU I 153 -6.06 -16.45 -36.54
CA LEU I 153 -5.92 -15.46 -37.60
C LEU I 153 -6.85 -14.30 -37.27
N ILE I 154 -6.35 -13.08 -37.44
CA ILE I 154 -7.16 -11.87 -37.25
C ILE I 154 -6.92 -10.91 -38.40
N ASN I 155 -7.99 -10.44 -39.02
CA ASN I 155 -7.90 -9.50 -40.12
C ASN I 155 -8.53 -8.17 -39.73
N ASP I 156 -7.98 -7.09 -40.28
CA ASP I 156 -8.61 -5.79 -40.18
C ASP I 156 -9.99 -5.85 -40.84
N PHE I 157 -10.83 -4.89 -40.47
CA PHE I 157 -12.22 -4.86 -40.94
C PHE I 157 -12.40 -5.04 -42.44
N PRO I 158 -11.67 -4.33 -43.32
CA PRO I 158 -11.97 -4.44 -44.77
C PRO I 158 -11.38 -5.66 -45.46
N LEU I 159 -10.74 -6.60 -44.75
CA LEU I 159 -10.06 -7.72 -45.38
C LEU I 159 -10.80 -9.03 -45.08
N GLY I 160 -11.60 -9.49 -46.04
CA GLY I 160 -12.29 -10.76 -45.87
C GLY I 160 -11.33 -11.93 -45.81
N ARG I 161 -11.79 -13.01 -45.19
CA ARG I 161 -10.98 -14.19 -44.94
C ARG I 161 -11.10 -15.18 -46.09
N SER I 162 -10.53 -16.37 -45.93
CA SER I 162 -10.46 -17.38 -46.98
C SER I 162 -10.88 -18.74 -46.45
N ILE I 163 -11.88 -19.36 -47.11
CA ILE I 163 -12.29 -20.71 -46.73
C ILE I 163 -11.16 -21.70 -47.02
N ASP I 164 -10.41 -21.48 -48.11
CA ASP I 164 -9.36 -22.41 -48.49
C ASP I 164 -8.30 -22.53 -47.41
N GLU I 165 -7.88 -21.40 -46.81
CA GLU I 165 -6.85 -21.46 -45.77
C GLU I 165 -7.36 -22.17 -44.52
N ALA I 166 -8.62 -21.96 -44.17
CA ALA I 166 -9.18 -22.68 -43.02
C ALA I 166 -9.20 -24.18 -43.27
N ILE I 167 -9.66 -24.59 -44.45
CA ILE I 167 -9.68 -26.02 -44.77
C ILE I 167 -8.25 -26.58 -44.76
N ARG I 168 -7.30 -25.81 -45.30
CA ARG I 168 -5.92 -26.28 -45.39
C ARG I 168 -5.31 -26.48 -44.01
N VAL I 169 -5.52 -25.53 -43.09
CA VAL I 169 -4.96 -25.69 -41.75
C VAL I 169 -5.65 -26.84 -41.03
N VAL I 170 -6.96 -27.03 -41.27
CA VAL I 170 -7.65 -28.18 -40.69
C VAL I 170 -7.00 -29.48 -41.17
N ASP I 171 -6.74 -29.57 -42.48
CA ASP I 171 -6.12 -30.77 -43.04
C ASP I 171 -4.72 -30.98 -42.47
N ALA I 172 -3.97 -29.90 -42.30
CA ALA I 172 -2.61 -30.03 -41.74
C ALA I 172 -2.66 -30.53 -40.30
N LEU I 173 -3.55 -29.97 -39.48
CA LEU I 173 -3.69 -30.43 -38.10
C LEU I 173 -4.09 -31.90 -38.05
N GLN I 174 -5.06 -32.29 -38.87
CA GLN I 174 -5.51 -33.68 -38.84
C GLN I 174 -4.43 -34.63 -39.35
N HIS I 175 -3.65 -34.20 -40.34
CA HIS I 175 -2.55 -35.02 -40.82
C HIS I 175 -1.53 -35.23 -39.72
N PHE I 176 -1.15 -34.16 -39.01
CA PHE I 176 -0.18 -34.32 -37.93
C PHE I 176 -0.73 -35.18 -36.82
N GLU I 177 -2.02 -35.04 -36.51
CA GLU I 177 -2.62 -35.85 -35.44
C GLU I 177 -2.61 -37.33 -35.80
N LEU I 178 -2.92 -37.65 -37.06
CA LEU I 178 -3.00 -39.06 -37.44
C LEU I 178 -1.62 -39.69 -37.60
N TYR I 179 -0.74 -39.04 -38.37
CA TYR I 179 0.51 -39.64 -38.78
C TYR I 179 1.74 -39.12 -38.05
N GLY I 180 1.59 -38.10 -37.21
CA GLY I 180 2.75 -37.56 -36.52
C GLY I 180 3.77 -36.87 -37.42
N GLU I 181 3.45 -36.67 -38.69
CA GLU I 181 4.32 -35.94 -39.60
C GLU I 181 3.97 -34.45 -39.54
N VAL I 182 4.98 -33.61 -39.47
CA VAL I 182 4.75 -32.17 -39.48
C VAL I 182 4.52 -31.71 -40.92
N CYS I 183 3.74 -30.65 -41.07
CA CYS I 183 3.36 -30.18 -42.40
C CYS I 183 4.24 -29.02 -42.81
N PRO I 184 4.96 -29.13 -43.91
CA PRO I 184 5.86 -28.06 -44.34
C PRO I 184 5.10 -26.90 -44.96
N LEU I 185 5.86 -25.90 -45.38
CA LEU I 185 5.26 -24.68 -45.93
C LEU I 185 4.42 -25.02 -47.16
N GLY I 186 3.21 -24.47 -47.20
CA GLY I 186 2.35 -24.63 -48.35
C GLY I 186 1.77 -26.02 -48.53
N TRP I 187 1.81 -26.84 -47.50
CA TRP I 187 1.31 -28.22 -47.62
C TRP I 187 -0.19 -28.23 -47.87
N HIS I 188 -0.62 -29.14 -48.74
CA HIS I 188 -2.04 -29.40 -48.98
C HIS I 188 -2.27 -30.90 -48.85
N LYS I 189 -3.52 -31.28 -48.58
CA LYS I 189 -3.84 -32.69 -48.41
C LYS I 189 -3.45 -33.47 -49.66
N GLY I 190 -2.73 -34.57 -49.46
CA GLY I 190 -2.25 -35.38 -50.55
C GLY I 190 -0.79 -35.15 -50.90
N GLU I 191 -0.21 -34.04 -50.46
CA GLU I 191 1.20 -33.76 -50.71
C GLU I 191 2.07 -34.38 -49.63
N ALA I 192 3.38 -34.35 -49.88
CA ALA I 192 4.34 -35.00 -48.99
C ALA I 192 4.54 -34.18 -47.73
N ALA I 193 4.37 -34.82 -46.57
CA ALA I 193 4.66 -34.19 -45.30
C ALA I 193 6.13 -34.42 -44.95
N MET I 194 6.44 -34.45 -43.65
CA MET I 194 7.82 -34.53 -43.21
C MET I 194 7.89 -35.21 -41.85
N THR I 195 8.88 -36.06 -41.68
CA THR I 195 9.16 -36.62 -40.36
C THR I 195 9.96 -35.62 -39.54
N PRO I 196 9.50 -35.27 -38.33
CA PRO I 196 10.24 -34.28 -37.52
C PRO I 196 11.52 -34.85 -36.95
N SER I 197 12.55 -34.96 -37.79
CA SER I 197 13.86 -35.44 -37.35
C SER I 197 14.91 -34.84 -38.26
N HIS I 198 16.17 -34.93 -37.82
CA HIS I 198 17.27 -34.46 -38.66
C HIS I 198 17.21 -35.10 -40.04
N GLU I 199 17.16 -36.44 -40.07
CA GLU I 199 17.06 -37.15 -41.33
C GLU I 199 15.78 -36.81 -42.06
N GLY I 200 14.68 -36.63 -41.32
CA GLY I 200 13.41 -36.31 -41.95
C GLY I 200 13.45 -35.01 -42.72
N VAL I 201 13.99 -33.96 -42.12
CA VAL I 201 14.05 -32.66 -42.80
C VAL I 201 15.07 -32.70 -43.93
N ALA I 202 16.21 -33.39 -43.72
CA ALA I 202 17.19 -33.48 -44.80
C ALA I 202 16.60 -34.22 -46.00
N SER I 203 15.89 -35.32 -45.76
CA SER I 203 15.30 -36.11 -46.83
C SER I 203 14.19 -35.33 -47.53
N TYR I 204 13.34 -34.63 -46.76
CA TYR I 204 12.28 -33.85 -47.39
C TYR I 204 12.86 -32.79 -48.32
N LEU I 205 13.86 -32.05 -47.85
CA LEU I 205 14.42 -30.97 -48.67
C LEU I 205 15.23 -31.50 -49.84
N SER I 206 15.79 -32.72 -49.72
CA SER I 206 16.51 -33.30 -50.85
C SER I 206 15.61 -33.53 -52.04
N LYS I 207 14.39 -34.03 -51.79
CA LYS I 207 13.45 -34.25 -52.89
C LYS I 207 13.00 -32.93 -53.53
N LEU I 208 12.87 -31.87 -52.73
CA LEU I 208 12.45 -30.60 -53.29
C LEU I 208 13.51 -30.02 -54.23
N GLU I 209 14.79 -30.20 -53.90
CA GLU I 209 15.85 -29.58 -54.69
C GLU I 209 15.88 -30.09 -56.12
N HIS I 210 15.28 -31.25 -56.38
CA HIS I 210 15.12 -31.74 -57.74
C HIS I 210 13.89 -31.16 -58.42
N HIS I 211 12.74 -31.26 -57.77
CA HIS I 211 11.48 -30.77 -58.33
C HIS I 211 11.32 -29.27 -58.07
N MET J 1 -1.28 -11.05 -28.25
CA MET J 1 -1.87 -9.73 -28.05
C MET J 1 -2.44 -9.19 -29.36
N LEU J 2 -3.35 -8.21 -29.26
CA LEU J 2 -4.07 -7.69 -30.42
C LEU J 2 -3.37 -6.44 -30.96
N LEU J 3 -2.76 -6.58 -32.14
CA LEU J 3 -2.04 -5.49 -32.78
C LEU J 3 -2.78 -4.87 -33.95
N ILE J 4 -3.92 -5.43 -34.36
CA ILE J 4 -4.65 -4.92 -35.51
C ILE J 4 -5.03 -3.46 -35.29
N GLY J 5 -4.70 -2.61 -36.25
CA GLY J 5 -4.96 -1.20 -36.15
C GLY J 5 -3.95 -0.41 -35.35
N LYS J 6 -2.92 -1.08 -34.84
CA LYS J 6 -1.91 -0.47 -34.00
C LYS J 6 -0.53 -0.54 -34.65
N PRO J 7 0.38 0.35 -34.27
CA PRO J 7 1.73 0.28 -34.85
C PRO J 7 2.44 -1.00 -34.44
N ALA J 8 3.15 -1.58 -35.40
CA ALA J 8 3.99 -2.73 -35.09
C ALA J 8 5.09 -2.29 -34.11
N PRO J 9 5.28 -3.02 -33.01
CA PRO J 9 6.28 -2.60 -32.03
C PRO J 9 7.66 -2.43 -32.65
N HIS J 10 8.36 -1.38 -32.20
CA HIS J 10 9.69 -1.07 -32.70
C HIS J 10 10.73 -2.07 -32.17
N PHE J 11 11.76 -2.32 -32.97
CA PHE J 11 12.89 -3.07 -32.48
C PHE J 11 14.16 -2.67 -33.23
N SER J 12 15.29 -3.13 -32.72
CA SER J 12 16.59 -2.87 -33.33
C SER J 12 17.52 -3.99 -32.89
N ALA J 13 17.85 -4.88 -33.80
CA ALA J 13 18.57 -6.10 -33.43
C ALA J 13 19.57 -6.47 -34.52
N ASN J 14 20.44 -7.41 -34.19
CA ASN J 14 21.30 -8.01 -35.19
C ASN J 14 20.45 -8.87 -36.13
N ALA J 15 20.90 -8.98 -37.38
CA ALA J 15 20.20 -9.80 -38.35
C ALA J 15 21.21 -10.36 -39.34
N VAL J 16 20.78 -11.33 -40.13
CA VAL J 16 21.51 -11.79 -41.29
C VAL J 16 20.77 -11.30 -42.52
N VAL J 17 21.41 -10.40 -43.25
CA VAL J 17 20.88 -9.85 -44.50
C VAL J 17 21.81 -10.26 -45.63
N ASN J 18 21.24 -10.89 -46.66
CA ASN J 18 22.03 -11.38 -47.79
C ASN J 18 23.21 -12.22 -47.28
N GLY J 19 22.95 -13.05 -46.28
CA GLY J 19 23.93 -13.95 -45.72
C GLY J 19 24.97 -13.32 -44.81
N THR J 20 24.88 -12.02 -44.53
CA THR J 20 25.88 -11.33 -43.73
C THR J 20 25.27 -10.79 -42.45
N ILE J 21 25.99 -10.96 -41.34
CA ILE J 21 25.54 -10.44 -40.06
C ILE J 21 25.68 -8.92 -40.07
N VAL J 22 24.58 -8.23 -39.76
CA VAL J 22 24.54 -6.77 -39.75
C VAL J 22 23.91 -6.30 -38.44
N PRO J 23 24.31 -5.12 -37.94
CA PRO J 23 23.73 -4.62 -36.68
C PRO J 23 22.57 -3.66 -36.90
N ASP J 24 21.84 -3.37 -35.82
CA ASP J 24 20.86 -2.28 -35.79
C ASP J 24 19.80 -2.42 -36.87
N PHE J 25 19.36 -3.66 -37.14
CA PHE J 25 18.29 -3.86 -38.09
C PHE J 25 16.96 -3.51 -37.43
N SER J 26 16.15 -2.72 -38.13
CA SER J 26 14.87 -2.23 -37.65
C SER J 26 13.90 -2.16 -38.82
N LEU J 27 12.61 -2.18 -38.49
CA LEU J 27 11.59 -1.98 -39.52
C LEU J 27 11.32 -0.51 -39.79
N ASP J 28 11.98 0.40 -39.07
CA ASP J 28 11.85 1.84 -39.32
C ASP J 28 12.14 2.17 -40.77
N GLN J 29 13.18 1.55 -41.35
CA GLN J 29 13.59 1.87 -42.71
C GLN J 29 12.46 1.71 -43.71
N PHE J 30 11.49 0.84 -43.42
CA PHE J 30 10.44 0.57 -44.37
C PHE J 30 9.25 1.51 -44.22
N LYS J 31 9.17 2.28 -43.13
CA LYS J 31 8.05 3.17 -42.94
C LYS J 31 7.98 4.18 -44.08
N GLY J 32 6.81 4.28 -44.70
CA GLY J 32 6.60 5.17 -45.84
C GLY J 32 7.13 4.66 -47.16
N LYS J 33 7.80 3.51 -47.19
CA LYS J 33 8.44 3.01 -48.40
C LYS J 33 7.97 1.62 -48.78
N LYS J 34 7.90 0.69 -47.84
CA LYS J 34 7.53 -0.68 -48.17
C LYS J 34 6.57 -1.22 -47.10
N TYR J 35 5.68 -2.11 -47.55
CA TYR J 35 4.98 -2.99 -46.64
C TYR J 35 5.96 -4.01 -46.07
N VAL J 36 5.58 -4.66 -44.98
CA VAL J 36 6.41 -5.69 -44.37
C VAL J 36 5.57 -6.94 -44.14
N ILE J 37 6.07 -8.08 -44.56
CA ILE J 37 5.60 -9.37 -44.08
C ILE J 37 6.65 -9.85 -43.08
N LEU J 38 6.30 -9.82 -41.80
CA LEU J 38 7.19 -10.20 -40.72
C LEU J 38 6.74 -11.53 -40.16
N PHE J 39 7.59 -12.54 -40.21
CA PHE J 39 7.20 -13.85 -39.71
C PHE J 39 8.23 -14.40 -38.72
N PHE J 40 7.71 -14.98 -37.65
CA PHE J 40 8.48 -15.63 -36.60
C PHE J 40 8.36 -17.14 -36.76
N TYR J 41 9.46 -17.83 -36.46
CA TYR J 41 9.57 -19.27 -36.38
C TYR J 41 10.31 -19.66 -35.10
N PRO J 42 10.17 -20.92 -34.64
CA PRO J 42 10.71 -21.30 -33.33
C PRO J 42 12.23 -21.49 -33.22
N LYS J 43 12.85 -22.29 -34.09
CA LYS J 43 14.24 -22.68 -33.86
C LYS J 43 14.99 -22.88 -35.17
N ASP J 44 16.19 -22.32 -35.25
CA ASP J 44 17.10 -22.65 -36.34
C ASP J 44 17.43 -24.13 -36.33
N PHE J 45 17.73 -24.67 -37.51
CA PHE J 45 18.17 -26.06 -37.69
C PHE J 45 17.08 -27.08 -37.32
N THR J 46 15.80 -26.73 -37.49
CA THR J 46 14.74 -27.71 -37.22
C THR J 46 14.07 -28.16 -38.51
N PHE J 47 12.75 -28.32 -38.51
CA PHE J 47 12.06 -29.12 -39.53
C PHE J 47 11.14 -28.28 -40.40
N VAL J 48 10.03 -27.75 -39.87
CA VAL J 48 9.13 -26.92 -40.67
C VAL J 48 9.78 -25.57 -40.99
N CYS J 49 10.56 -25.04 -40.05
CA CYS J 49 11.12 -23.70 -40.19
C CYS J 49 11.95 -23.53 -41.45
N PRO J 50 12.88 -24.46 -41.80
CA PRO J 50 13.62 -24.27 -43.06
C PRO J 50 12.73 -24.27 -44.27
N THR J 51 11.69 -25.10 -44.29
CA THR J 51 10.80 -25.10 -45.45
C THR J 51 10.08 -23.77 -45.57
N GLU J 52 9.67 -23.18 -44.45
CA GLU J 52 9.02 -21.87 -44.51
C GLU J 52 10.00 -20.79 -44.99
N LEU J 53 11.22 -20.79 -44.45
CA LEU J 53 12.20 -19.78 -44.84
C LEU J 53 12.58 -19.91 -46.30
N ILE J 54 12.83 -21.14 -46.77
CA ILE J 54 13.17 -21.38 -48.16
C ILE J 54 12.01 -21.02 -49.07
N GLY J 55 10.78 -21.38 -48.67
CA GLY J 55 9.63 -21.04 -49.49
C GLY J 55 9.45 -19.54 -49.63
N PHE J 56 9.67 -18.79 -48.55
CA PHE J 56 9.63 -17.34 -48.66
C PHE J 56 10.73 -16.83 -49.58
N GLN J 57 11.90 -17.46 -49.55
CA GLN J 57 12.96 -17.06 -50.48
C GLN J 57 12.53 -17.28 -51.93
N GLU J 58 11.90 -18.43 -52.22
CA GLU J 58 11.49 -18.74 -53.59
C GLU J 58 10.39 -17.82 -54.08
N ALA J 59 9.53 -17.34 -53.17
CA ALA J 59 8.44 -16.44 -53.54
C ALA J 59 8.82 -14.97 -53.43
N LEU J 60 10.10 -14.66 -53.22
CA LEU J 60 10.51 -13.29 -52.93
C LEU J 60 10.16 -12.33 -54.06
N GLY J 61 10.19 -12.79 -55.30
CA GLY J 61 9.88 -11.91 -56.42
C GLY J 61 8.44 -11.41 -56.40
N GLU J 62 7.51 -12.29 -56.02
CA GLU J 62 6.11 -11.90 -55.92
C GLU J 62 5.89 -10.84 -54.84
N PHE J 63 6.68 -10.88 -53.77
CA PHE J 63 6.56 -9.82 -52.76
C PHE J 63 7.25 -8.54 -53.24
N ASP J 64 8.37 -8.68 -53.97
CA ASP J 64 9.01 -7.51 -54.55
C ASP J 64 8.05 -6.75 -55.47
N LYS J 65 7.31 -7.48 -56.31
CA LYS J 65 6.34 -6.86 -57.21
C LYS J 65 5.31 -6.05 -56.44
N ARG J 66 5.02 -6.46 -55.21
CA ARG J 66 4.01 -5.81 -54.39
C ARG J 66 4.59 -4.85 -53.35
N ASP J 67 5.87 -4.48 -53.49
CA ASP J 67 6.51 -3.50 -52.61
C ASP J 67 6.51 -3.97 -51.15
N VAL J 68 6.76 -5.26 -50.96
CA VAL J 68 6.71 -5.89 -49.64
C VAL J 68 8.09 -6.42 -49.30
N ALA J 69 8.62 -6.01 -48.15
CA ALA J 69 9.84 -6.55 -47.59
C ALA J 69 9.49 -7.75 -46.72
N VAL J 70 10.20 -8.85 -46.92
CA VAL J 70 10.02 -10.06 -46.14
C VAL J 70 11.08 -10.08 -45.05
N VAL J 71 10.65 -10.24 -43.79
CA VAL J 71 11.56 -10.30 -42.66
C VAL J 71 11.19 -11.48 -41.78
N GLY J 72 12.15 -12.39 -41.58
CA GLY J 72 11.98 -13.49 -40.66
C GLY J 72 12.64 -13.19 -39.33
N CYS J 73 12.22 -13.92 -38.30
CA CYS J 73 12.73 -13.67 -36.96
C CYS J 73 12.57 -14.91 -36.10
N SER J 74 13.62 -15.22 -35.33
CA SER J 74 13.53 -16.19 -34.25
C SER J 74 14.40 -15.69 -33.09
N THR J 75 14.29 -16.36 -31.95
CA THR J 75 15.07 -15.96 -30.79
C THR J 75 16.47 -16.57 -30.77
N ASP J 76 16.89 -17.19 -31.87
CA ASP J 76 18.26 -17.67 -32.00
C ASP J 76 19.22 -16.50 -32.25
N SER J 77 20.50 -16.73 -31.99
CA SER J 77 21.52 -15.71 -32.20
C SER J 77 21.73 -15.47 -33.69
N GLU J 78 22.36 -14.34 -34.01
CA GLU J 78 22.70 -14.04 -35.39
C GLU J 78 23.74 -15.04 -35.93
N PHE J 79 24.56 -15.61 -35.05
CA PHE J 79 25.54 -16.58 -35.53
C PHE J 79 24.90 -17.92 -35.88
N SER J 80 23.84 -18.33 -35.16
CA SER J 80 23.09 -19.51 -35.61
C SER J 80 22.45 -19.25 -36.97
N HIS J 81 21.87 -18.07 -37.15
CA HIS J 81 21.31 -17.70 -38.45
C HIS J 81 22.36 -17.78 -39.54
N TRP J 82 23.52 -17.18 -39.30
CA TRP J 82 24.59 -17.15 -40.30
C TRP J 82 25.07 -18.57 -40.62
N ALA J 83 25.30 -19.39 -39.59
CA ALA J 83 25.67 -20.76 -39.85
C ALA J 83 24.61 -21.47 -40.67
N TRP J 84 23.34 -21.14 -40.43
CA TRP J 84 22.25 -21.84 -41.11
C TRP J 84 22.16 -21.45 -42.58
N VAL J 85 22.34 -20.16 -42.90
CA VAL J 85 22.32 -19.75 -44.31
C VAL J 85 23.55 -20.24 -45.05
N ASN J 86 24.56 -20.74 -44.35
CA ASN J 86 25.72 -21.37 -44.98
C ASN J 86 25.64 -22.89 -44.91
N THR J 87 24.47 -23.43 -44.59
CA THR J 87 24.25 -24.87 -44.53
C THR J 87 23.45 -25.30 -45.73
N PRO J 88 23.90 -26.32 -46.47
CA PRO J 88 23.16 -26.71 -47.68
C PRO J 88 21.77 -27.23 -47.36
N ARG J 89 20.83 -26.93 -48.27
CA ARG J 89 19.44 -27.28 -48.03
C ARG J 89 19.26 -28.79 -47.90
N ASP J 90 20.04 -29.56 -48.64
CA ASP J 90 19.90 -31.02 -48.59
C ASP J 90 20.33 -31.61 -47.25
N GLN J 91 20.89 -30.79 -46.35
CA GLN J 91 21.19 -31.20 -44.98
C GLN J 91 20.30 -30.50 -43.96
N GLY J 92 19.20 -29.89 -44.41
CA GLY J 92 18.32 -29.13 -43.55
C GLY J 92 18.63 -27.66 -43.45
N GLY J 93 19.58 -27.14 -44.23
CA GLY J 93 19.96 -25.75 -44.15
C GLY J 93 19.08 -24.85 -44.99
N ILE J 94 19.36 -23.55 -44.91
CA ILE J 94 18.59 -22.54 -45.63
C ILE J 94 19.50 -21.71 -46.52
N GLN J 95 20.46 -22.35 -47.16
CA GLN J 95 21.34 -21.66 -48.10
C GLN J 95 20.51 -20.96 -49.18
N GLY J 96 20.92 -19.74 -49.52
CA GLY J 96 20.23 -18.97 -50.52
C GLY J 96 19.15 -18.06 -50.00
N VAL J 97 18.80 -18.15 -48.71
CA VAL J 97 17.87 -17.21 -48.11
C VAL J 97 18.58 -15.88 -47.92
N SER J 98 18.09 -14.83 -48.61
CA SER J 98 18.81 -13.58 -48.68
C SER J 98 18.12 -12.41 -48.00
N TYR J 99 16.81 -12.51 -47.72
CA TYR J 99 16.10 -11.46 -47.02
C TYR J 99 16.51 -11.42 -45.55
N PRO J 100 16.19 -10.35 -44.81
CA PRO J 100 16.66 -10.25 -43.42
C PRO J 100 16.07 -11.33 -42.52
N ILE J 101 16.93 -11.94 -41.72
CA ILE J 101 16.55 -12.88 -40.68
C ILE J 101 16.99 -12.25 -39.36
N VAL J 102 16.03 -11.74 -38.58
CA VAL J 102 16.36 -11.00 -37.36
C VAL J 102 16.69 -11.97 -36.24
N SER J 103 17.67 -11.61 -35.41
CA SER J 103 18.00 -12.37 -34.22
C SER J 103 17.36 -11.69 -33.00
N ASP J 104 16.29 -12.30 -32.49
CA ASP J 104 15.62 -11.81 -31.28
C ASP J 104 16.26 -12.43 -30.04
N ILE J 105 17.55 -12.13 -29.85
CA ILE J 105 18.32 -12.87 -28.87
C ILE J 105 17.84 -12.58 -27.45
N ASN J 106 17.21 -11.44 -27.20
CA ASN J 106 16.68 -11.11 -25.88
C ASN J 106 15.22 -11.53 -25.72
N LYS J 107 14.60 -12.07 -26.76
CA LYS J 107 13.20 -12.48 -26.78
C LYS J 107 12.23 -11.32 -26.61
N THR J 108 12.71 -10.07 -26.65
CA THR J 108 11.82 -8.94 -26.44
C THR J 108 10.91 -8.69 -27.64
N ILE J 109 11.40 -8.97 -28.86
CA ILE J 109 10.58 -8.77 -30.05
C ILE J 109 9.40 -9.74 -30.05
N SER J 110 9.69 -11.02 -29.81
CA SER J 110 8.63 -12.03 -29.77
C SER J 110 7.62 -11.73 -28.67
N ALA J 111 8.10 -11.24 -27.52
CA ALA J 111 7.18 -10.85 -26.46
C ALA J 111 6.31 -9.69 -26.90
N ASP J 112 6.92 -8.67 -27.49
CA ASP J 112 6.17 -7.48 -27.91
C ASP J 112 5.14 -7.80 -28.97
N TYR J 113 5.39 -8.80 -29.82
CA TYR J 113 4.42 -9.17 -30.84
C TYR J 113 3.45 -10.26 -30.38
N GLY J 114 3.59 -10.75 -29.15
CA GLY J 114 2.64 -11.71 -28.62
C GLY J 114 2.72 -13.10 -29.23
N VAL J 115 3.88 -13.51 -29.74
CA VAL J 115 4.05 -14.82 -30.34
C VAL J 115 5.00 -15.68 -29.54
N LEU J 116 5.47 -15.19 -28.40
CA LEU J 116 6.40 -15.95 -27.58
C LEU J 116 5.63 -17.01 -26.81
N ALA J 117 6.03 -18.27 -26.96
CA ALA J 117 5.44 -19.35 -26.19
C ALA J 117 5.97 -19.33 -24.76
N GLY J 118 5.40 -20.17 -23.92
CA GLY J 118 5.83 -20.27 -22.54
C GLY J 118 5.16 -19.20 -21.71
N ASP J 119 5.30 -19.33 -20.38
CA ASP J 119 4.74 -18.32 -19.49
C ASP J 119 5.78 -17.93 -18.47
N GLU J 120 6.11 -16.63 -18.42
CA GLU J 120 7.08 -16.06 -17.48
C GLU J 120 6.39 -15.05 -16.58
N GLU J 121 6.11 -15.42 -15.34
CA GLU J 121 5.53 -14.49 -14.38
C GLU J 121 6.52 -14.22 -13.25
N ILE J 122 6.23 -13.17 -12.48
CA ILE J 122 7.12 -12.72 -11.41
C ILE J 122 6.43 -12.82 -10.05
N ASN J 127 11.01 -13.78 -7.16
CA ASN J 127 11.87 -14.42 -8.14
C ASN J 127 11.11 -14.62 -9.45
N VAL J 128 11.85 -14.89 -10.53
CA VAL J 128 11.27 -15.09 -11.86
C VAL J 128 11.23 -16.57 -12.19
N GLU J 129 10.03 -17.12 -12.38
CA GLU J 129 9.87 -18.50 -12.84
C GLU J 129 9.30 -18.53 -14.26
N VAL J 130 9.67 -19.58 -15.00
CA VAL J 130 9.32 -19.72 -16.41
C VAL J 130 8.69 -21.08 -16.66
N ASN J 131 7.51 -21.08 -17.27
CA ASN J 131 6.84 -22.29 -17.75
C ASN J 131 7.10 -22.51 -19.23
N GLY J 132 7.59 -23.69 -19.60
CA GLY J 132 7.78 -24.01 -21.02
C GLY J 132 9.03 -23.39 -21.63
N GLU J 133 9.09 -23.43 -22.96
CA GLU J 133 10.21 -22.88 -23.71
C GLU J 133 9.82 -21.51 -24.25
N LEU J 134 10.67 -20.52 -23.99
CA LEU J 134 10.48 -19.17 -24.48
C LEU J 134 11.05 -19.08 -25.89
N ILE J 135 10.28 -19.63 -26.85
CA ILE J 135 10.57 -19.56 -28.27
C ILE J 135 9.31 -19.08 -28.98
N ALA J 136 9.48 -18.59 -30.20
CA ALA J 136 8.36 -17.98 -30.92
C ALA J 136 7.51 -19.02 -31.62
N TYR J 137 6.19 -18.83 -31.57
CA TYR J 137 5.30 -19.61 -32.42
C TYR J 137 5.40 -19.13 -33.86
N ARG J 138 4.74 -19.86 -34.76
CA ARG J 138 4.77 -19.51 -36.18
C ARG J 138 3.83 -18.33 -36.39
N GLY J 139 4.36 -17.14 -36.14
CA GLY J 139 3.57 -15.91 -36.12
C GLY J 139 3.82 -15.10 -37.39
N LEU J 140 2.77 -14.47 -37.91
CA LEU J 140 2.95 -13.71 -39.14
C LEU J 140 2.14 -12.42 -39.04
N PHE J 141 2.76 -11.33 -39.48
CA PHE J 141 2.17 -10.00 -39.41
C PHE J 141 2.34 -9.30 -40.74
N LEU J 142 1.25 -8.68 -41.23
CA LEU J 142 1.27 -7.78 -42.36
C LEU J 142 1.27 -6.34 -41.84
N ILE J 143 2.30 -5.57 -42.20
CA ILE J 143 2.48 -4.21 -41.73
C ILE J 143 2.40 -3.30 -42.94
N ASP J 144 1.53 -2.29 -42.88
CA ASP J 144 1.38 -1.38 -44.01
C ASP J 144 2.49 -0.34 -43.99
N LYS J 145 2.48 0.56 -44.97
CA LYS J 145 3.56 1.54 -45.10
C LYS J 145 3.57 2.55 -43.97
N ASP J 146 2.48 2.67 -43.21
CA ASP J 146 2.46 3.51 -42.02
C ASP J 146 2.95 2.80 -40.77
N GLY J 147 3.35 1.54 -40.88
CA GLY J 147 3.78 0.77 -39.72
C GLY J 147 2.64 0.17 -38.91
N ILE J 148 1.44 0.10 -39.47
CA ILE J 148 0.25 -0.40 -38.79
C ILE J 148 0.03 -1.87 -39.15
N VAL J 149 -0.27 -2.69 -38.15
CA VAL J 149 -0.56 -4.11 -38.38
C VAL J 149 -1.98 -4.24 -38.91
N ARG J 150 -2.12 -4.88 -40.08
CA ARG J 150 -3.41 -5.06 -40.73
C ARG J 150 -3.88 -6.50 -40.75
N HIS J 151 -3.00 -7.45 -40.48
CA HIS J 151 -3.33 -8.86 -40.51
C HIS J 151 -2.32 -9.60 -39.65
N GLN J 152 -2.80 -10.57 -38.87
CA GLN J 152 -1.89 -11.40 -38.08
C GLN J 152 -2.41 -12.82 -38.03
N LEU J 153 -1.46 -13.74 -37.89
CA LEU J 153 -1.73 -15.17 -37.98
C LEU J 153 -0.70 -15.91 -37.15
N ILE J 154 -1.14 -16.88 -36.36
CA ILE J 154 -0.26 -17.71 -35.53
C ILE J 154 -0.64 -19.17 -35.70
N ASN J 155 0.35 -20.01 -36.00
CA ASN J 155 0.14 -21.45 -36.11
C ASN J 155 0.92 -22.17 -35.01
N ASP J 156 0.36 -23.28 -34.55
CA ASP J 156 1.10 -24.18 -33.67
C ASP J 156 2.35 -24.71 -34.38
N PHE J 157 3.30 -25.20 -33.58
CA PHE J 157 4.60 -25.65 -34.09
C PHE J 157 4.52 -26.58 -35.29
N PRO J 158 3.69 -27.64 -35.31
CA PRO J 158 3.74 -28.56 -36.45
C PRO J 158 3.01 -28.10 -37.70
N LEU J 159 2.41 -26.92 -37.71
CA LEU J 159 1.56 -26.49 -38.83
C LEU J 159 2.27 -25.38 -39.61
N GLY J 160 2.92 -25.75 -40.71
CA GLY J 160 3.54 -24.75 -41.56
C GLY J 160 2.52 -23.83 -42.19
N ARG J 161 2.98 -22.63 -42.55
CA ARG J 161 2.11 -21.59 -43.06
C ARG J 161 1.99 -21.70 -44.58
N SER J 162 1.37 -20.71 -45.20
CA SER J 162 1.11 -20.70 -46.64
C SER J 162 1.49 -19.35 -47.22
N ILE J 163 2.35 -19.36 -48.23
CA ILE J 163 2.70 -18.12 -48.93
C ILE J 163 1.49 -17.56 -49.68
N ASP J 164 0.63 -18.43 -50.19
CA ASP J 164 -0.52 -17.98 -50.95
C ASP J 164 -1.41 -17.06 -50.13
N GLU J 165 -1.69 -17.42 -48.87
CA GLU J 165 -2.55 -16.60 -48.04
C GLU J 165 -1.90 -15.26 -47.71
N ALA J 166 -0.59 -15.25 -47.48
CA ALA J 166 0.10 -13.98 -47.25
C ALA J 166 -0.01 -13.07 -48.46
N ILE J 167 0.22 -13.62 -49.66
CA ILE J 167 0.07 -12.84 -50.88
C ILE J 167 -1.36 -12.32 -51.03
N ARG J 168 -2.34 -13.18 -50.73
CA ARG J 168 -3.74 -12.79 -50.90
C ARG J 168 -4.12 -11.65 -49.96
N VAL J 169 -3.69 -11.72 -48.70
CA VAL J 169 -4.00 -10.63 -47.78
C VAL J 169 -3.27 -9.35 -48.19
N VAL J 170 -2.04 -9.46 -48.69
CA VAL J 170 -1.34 -8.28 -49.19
C VAL J 170 -2.15 -7.63 -50.31
N ASP J 171 -2.62 -8.45 -51.26
CA ASP J 171 -3.40 -7.92 -52.37
C ASP J 171 -4.70 -7.29 -51.89
N ALA J 172 -5.35 -7.90 -50.90
CA ALA J 172 -6.60 -7.35 -50.38
C ALA J 172 -6.37 -6.00 -49.71
N LEU J 173 -5.31 -5.90 -48.90
CA LEU J 173 -4.98 -4.63 -48.26
C LEU J 173 -4.70 -3.55 -49.30
N GLN J 174 -3.92 -3.90 -50.33
CA GLN J 174 -3.57 -2.92 -51.35
C GLN J 174 -4.78 -2.49 -52.17
N HIS J 175 -5.68 -3.43 -52.48
CA HIS J 175 -6.90 -3.09 -53.19
C HIS J 175 -7.77 -2.15 -52.37
N PHE J 176 -7.92 -2.42 -51.08
CA PHE J 176 -8.71 -1.52 -50.23
C PHE J 176 -8.05 -0.15 -50.11
N GLU J 177 -6.72 -0.10 -49.99
CA GLU J 177 -6.04 1.18 -49.88
C GLU J 177 -6.22 2.00 -51.14
N LEU J 178 -6.16 1.34 -52.31
CA LEU J 178 -6.24 2.06 -53.58
C LEU J 178 -7.65 2.52 -53.91
N TYR J 179 -8.63 1.61 -53.84
CA TYR J 179 -9.96 1.88 -54.35
C TYR J 179 -11.01 2.12 -53.27
N GLY J 180 -10.68 1.94 -51.99
CA GLY J 180 -11.67 2.06 -50.94
C GLY J 180 -12.71 0.96 -50.94
N GLU J 181 -12.54 -0.06 -51.77
CA GLU J 181 -13.46 -1.18 -51.81
C GLU J 181 -13.02 -2.26 -50.83
N VAL J 182 -13.97 -2.81 -50.10
CA VAL J 182 -13.68 -3.91 -49.19
C VAL J 182 -13.65 -5.22 -49.97
N CYS J 183 -12.82 -6.15 -49.50
CA CYS J 183 -12.60 -7.39 -50.20
C CYS J 183 -13.42 -8.49 -49.55
N PRO J 184 -14.33 -9.14 -50.26
CA PRO J 184 -15.19 -10.17 -49.66
C PRO J 184 -14.43 -11.47 -49.46
N LEU J 185 -15.15 -12.46 -48.91
CA LEU J 185 -14.57 -13.77 -48.62
C LEU J 185 -13.99 -14.42 -49.87
N GLY J 186 -12.79 -14.95 -49.75
CA GLY J 186 -12.14 -15.64 -50.86
C GLY J 186 -11.70 -14.77 -52.01
N TRP J 187 -11.63 -13.45 -51.81
CA TRP J 187 -11.23 -12.53 -52.87
C TRP J 187 -9.78 -12.74 -53.28
N HIS J 188 -9.52 -12.64 -54.58
CA HIS J 188 -8.17 -12.66 -55.13
C HIS J 188 -8.00 -11.48 -56.06
N LYS J 189 -6.75 -11.13 -56.34
CA LYS J 189 -6.47 -10.00 -57.23
C LYS J 189 -7.11 -10.24 -58.59
N GLY J 190 -7.88 -9.25 -59.05
CA GLY J 190 -8.59 -9.32 -60.29
C GLY J 190 -10.06 -9.69 -60.16
N GLU J 191 -10.49 -10.21 -59.01
CA GLU J 191 -11.88 -10.56 -58.82
C GLU J 191 -12.66 -9.35 -58.31
N ALA J 192 -13.98 -9.51 -58.25
CA ALA J 192 -14.86 -8.41 -57.91
C ALA J 192 -14.77 -8.09 -56.42
N ALA J 193 -14.53 -6.81 -56.11
CA ALA J 193 -14.59 -6.35 -54.72
C ALA J 193 -15.99 -5.85 -54.40
N MET J 194 -16.11 -4.93 -53.46
CA MET J 194 -17.41 -4.47 -53.00
C MET J 194 -17.32 -3.05 -52.48
N THR J 195 -18.31 -2.25 -52.81
CA THR J 195 -18.41 -0.91 -52.24
C THR J 195 -18.99 -1.01 -50.83
N PRO J 196 -18.35 -0.43 -49.82
CA PRO J 196 -18.88 -0.53 -48.43
C PRO J 196 -20.10 0.38 -48.18
N SER J 197 -21.25 -0.07 -48.68
CA SER J 197 -22.51 0.63 -48.48
C SER J 197 -23.64 -0.38 -48.57
N HIS J 198 -24.83 0.04 -48.12
CA HIS J 198 -26.01 -0.83 -48.21
C HIS J 198 -26.20 -1.36 -49.63
N GLU J 199 -26.24 -0.44 -50.61
CA GLU J 199 -26.40 -0.84 -52.00
C GLU J 199 -25.23 -1.69 -52.47
N GLY J 200 -24.01 -1.37 -52.04
CA GLY J 200 -22.85 -2.11 -52.50
C GLY J 200 -22.92 -3.58 -52.12
N VAL J 201 -23.25 -3.87 -50.86
CA VAL J 201 -23.32 -5.27 -50.45
C VAL J 201 -24.52 -5.95 -51.07
N ALA J 202 -25.65 -5.24 -51.18
CA ALA J 202 -26.82 -5.84 -51.81
C ALA J 202 -26.54 -6.24 -53.25
N SER J 203 -25.91 -5.35 -54.02
CA SER J 203 -25.61 -5.64 -55.41
C SER J 203 -24.57 -6.75 -55.54
N TYR J 204 -23.53 -6.74 -54.69
CA TYR J 204 -22.54 -7.81 -54.76
C TYR J 204 -23.19 -9.17 -54.52
N LEU J 205 -24.02 -9.27 -53.49
CA LEU J 205 -24.62 -10.57 -53.18
C LEU J 205 -25.65 -10.98 -54.23
N SER J 206 -26.37 -10.02 -54.82
CA SER J 206 -27.32 -10.37 -55.87
C SER J 206 -26.60 -10.89 -57.11
N LYS J 207 -25.48 -10.26 -57.47
CA LYS J 207 -24.73 -10.77 -58.63
C LYS J 207 -24.13 -12.14 -58.34
N LEU J 208 -23.78 -12.41 -57.08
CA LEU J 208 -23.31 -13.76 -56.75
C LEU J 208 -24.43 -14.77 -56.90
N GLU J 209 -25.58 -14.51 -56.26
CA GLU J 209 -26.64 -15.50 -56.18
C GLU J 209 -27.28 -15.78 -57.54
N HIS J 210 -27.23 -14.83 -58.46
CA HIS J 210 -27.77 -15.06 -59.79
C HIS J 210 -26.83 -15.88 -60.67
N HIS J 211 -25.55 -15.95 -60.33
CA HIS J 211 -24.58 -16.74 -61.09
C HIS J 211 -24.14 -17.97 -60.32
#